data_3THD
#
_entry.id   3THD
#
_cell.length_a   94.792
_cell.length_b   115.996
_cell.length_c   140.327
_cell.angle_alpha   90.00
_cell.angle_beta   92.22
_cell.angle_gamma   90.00
#
_symmetry.space_group_name_H-M   'P 1 21 1'
#
loop_
_entity.id
_entity.type
_entity.pdbx_description
1 polymer Beta-galactosidase
2 non-polymer 2-acetamido-2-deoxy-beta-D-glucopyranose
3 non-polymer 'CHLORIDE ION'
4 non-polymer (2R,3S,4R,5S)-2-(hydroxymethyl)piperidine-3,4,5-triol
5 non-polymer 'SULFATE ION'
6 non-polymer 1,2-ETHANEDIOL
7 water water
#
_entity_poly.entity_id   1
_entity_poly.type   'polypeptide(L)'
_entity_poly.pdbx_seq_one_letter_code
;LRNATQRMFEIDYSRDSFLKDGQPFRYISGSIHYSRVPRFYWKDRLLKMKMAGLNAIQTYVPWNFHEPWPGQYQFSEDHD
VEYFLRLAHELGLLVILRPGPYICAEWEMGGLPAWLLEKESILLRSSDPDYLAAVDKWLGVLLPKMKPLLYQNGGPVITV
QVENEYGSYFACDFDYLRFLQKRFRHHLGDDVVLFTTDGAHKTFLKCGALQGLYTTVDFGTGSNITDAFLSQRKCEPKGP
LINSEFYTGWLDHWGQPHSTIKTEAVASSLYDILARGASVNLYMFIGGTNFAYWNGANSPYAAQPTSYDYDAPLSEAGDL
TEKYFALRNIIQKFEKVPEGPIPPSTPKFAYGKVTLEKLKTVGAALDILCPSGPIKSLYPLTFIQVKQHYGFVLYRTTLP
QDCSNPAPLSSPLNGVHDRAYVAVDGIPQGVLERNNVITLNITGKAGATLDLLVENMGRVNYGAYINDFKGLVSNLTLSS
NILTDWTIFPLDTEDAVRSHLGGWGHRDSGHHDEAWAHNSSNYTLPAFYMGNFSIPSGIPDLPQDTFIQFPGWTKGQVWI
NGFNLGRYWPARGPQLTLFVPQHILMTSAPNTITVLELEWAPCSSDDPELCAVTFVDRPVIGSSVTYDHPSKPVEKRLMP
PPPQKNKDSWLDHV
;
_entity_poly.pdbx_strand_id   A,B,C,D
#
# COMPACT_ATOMS: atom_id res chain seq x y z
N GLN A 6 24.78 -14.20 36.25
CA GLN A 6 25.76 -13.08 35.97
C GLN A 6 25.15 -11.70 36.28
N ARG A 7 24.08 -11.35 35.56
CA ARG A 7 23.26 -10.20 35.93
C ARG A 7 22.32 -10.58 37.06
N MET A 8 22.17 -9.69 38.03
CA MET A 8 21.33 -9.96 39.20
C MET A 8 20.37 -8.81 39.47
N PHE A 9 19.15 -9.14 39.90
CA PHE A 9 18.22 -8.16 40.42
C PHE A 9 17.49 -8.76 41.62
N GLU A 10 17.60 -8.09 42.76
CA GLU A 10 17.04 -8.60 44.00
C GLU A 10 16.57 -7.48 44.92
N ILE A 11 15.74 -7.87 45.89
CA ILE A 11 15.38 -6.99 46.99
C ILE A 11 16.45 -7.14 48.06
N ASP A 12 16.99 -6.01 48.51
CA ASP A 12 17.90 -5.97 49.63
C ASP A 12 17.05 -5.65 50.86
N TYR A 13 16.67 -6.69 51.60
CA TYR A 13 15.86 -6.48 52.77
C TYR A 13 16.60 -5.69 53.87
N SER A 14 17.88 -5.98 54.07
CA SER A 14 18.70 -5.26 55.06
C SER A 14 18.60 -3.74 54.93
N ARG A 15 18.73 -3.25 53.70
CA ARG A 15 18.82 -1.82 53.43
C ARG A 15 17.62 -1.23 52.70
N ASP A 16 16.46 -1.89 52.80
CA ASP A 16 15.20 -1.34 52.29
C ASP A 16 15.34 -0.86 50.84
N SER A 17 15.96 -1.68 50.03
CA SER A 17 16.38 -1.28 48.70
C SER A 17 16.23 -2.42 47.66
N PHE A 18 16.32 -2.08 46.37
CA PHE A 18 16.65 -3.09 45.36
C PHE A 18 18.17 -3.10 45.14
N LEU A 19 18.70 -4.24 44.68
CA LEU A 19 20.06 -4.31 44.18
C LEU A 19 20.04 -4.76 42.73
N LYS A 20 20.64 -3.92 41.88
CA LYS A 20 20.82 -4.26 40.46
C LYS A 20 22.31 -4.46 40.25
N ASP A 21 22.68 -5.71 39.96
CA ASP A 21 24.06 -6.09 39.78
C ASP A 21 24.91 -5.70 40.99
N GLY A 22 24.34 -5.92 42.17
CA GLY A 22 25.00 -5.58 43.44
C GLY A 22 24.99 -4.11 43.83
N GLN A 23 24.35 -3.26 43.02
CA GLN A 23 24.32 -1.80 43.21
C GLN A 23 22.93 -1.36 43.68
N PRO A 24 22.86 -0.37 44.59
CA PRO A 24 21.54 0.11 45.01
C PRO A 24 20.79 0.69 43.81
N PHE A 25 19.48 0.49 43.79
CA PHE A 25 18.66 0.85 42.66
C PHE A 25 17.26 1.18 43.13
N ARG A 26 16.68 2.23 42.56
CA ARG A 26 15.22 2.39 42.66
C ARG A 26 14.63 2.84 41.36
N TYR A 27 13.42 2.38 41.08
CA TYR A 27 12.88 2.65 39.78
C TYR A 27 11.86 3.76 39.77
N ILE A 28 11.82 4.47 38.64
CA ILE A 28 10.86 5.53 38.38
C ILE A 28 10.30 5.10 37.05
N SER A 29 9.07 4.62 37.11
CA SER A 29 8.50 3.90 35.98
C SER A 29 7.23 4.59 35.50
N GLY A 30 6.79 4.27 34.29
CA GLY A 30 5.46 4.74 33.89
C GLY A 30 4.77 3.64 33.15
N SER A 31 3.45 3.55 33.32
CA SER A 31 2.65 2.54 32.60
C SER A 31 2.42 2.94 31.14
N ILE A 32 2.62 1.97 30.27
CA ILE A 32 2.24 1.98 28.88
C ILE A 32 1.70 0.58 28.61
N HIS A 33 0.52 0.52 28.03
CA HIS A 33 -0.09 -0.71 27.58
C HIS A 33 0.14 -0.88 26.10
N TYR A 34 1.02 -1.80 25.71
CA TYR A 34 1.28 -2.04 24.26
C TYR A 34 -0.02 -2.40 23.51
N SER A 35 -1.06 -2.83 24.22
CA SER A 35 -2.31 -3.30 23.57
C SER A 35 -3.19 -2.07 23.26
N ARG A 36 -2.76 -0.89 23.74
CA ARG A 36 -3.50 0.35 23.56
C ARG A 36 -2.76 1.37 22.71
N VAL A 37 -1.63 0.95 22.14
CA VAL A 37 -0.81 1.85 21.27
C VAL A 37 -0.49 1.02 20.04
N PRO A 38 -0.72 1.57 18.83
CA PRO A 38 -0.32 0.71 17.70
C PRO A 38 1.19 0.53 17.68
N ARG A 39 1.63 -0.60 17.19
CA ARG A 39 3.05 -0.92 17.23
C ARG A 39 3.89 0.11 16.43
N PHE A 40 3.27 0.70 15.39
CA PHE A 40 3.85 1.74 14.58
C PHE A 40 4.45 2.85 15.45
N TYR A 41 3.77 3.11 16.58
CA TYR A 41 4.14 4.14 17.57
C TYR A 41 4.83 3.64 18.85
N TRP A 42 5.10 2.36 18.96
CA TRP A 42 5.72 1.88 20.23
C TRP A 42 7.00 2.62 20.53
N LYS A 43 7.91 2.68 19.54
CA LYS A 43 9.21 3.35 19.80
C LYS A 43 9.05 4.84 20.16
N ASP A 44 8.15 5.51 19.44
CA ASP A 44 7.81 6.90 19.76
C ASP A 44 7.44 7.12 21.23
N ARG A 45 6.45 6.37 21.71
CA ARG A 45 5.99 6.52 23.11
C ARG A 45 7.09 6.16 24.10
N LEU A 46 7.78 5.05 23.82
CA LEU A 46 8.83 4.54 24.70
C LEU A 46 10.00 5.53 24.79
N LEU A 47 10.40 6.08 23.65
CA LEU A 47 11.43 7.13 23.70
C LEU A 47 11.00 8.40 24.44
N LYS A 48 9.78 8.89 24.24
CA LYS A 48 9.32 10.03 25.05
C LYS A 48 9.37 9.69 26.52
N MET A 49 9.00 8.47 26.88
CA MET A 49 9.02 8.03 28.29
C MET A 49 10.45 8.04 28.88
N LYS A 50 11.41 7.53 28.09
CA LYS A 50 12.84 7.59 28.42
C LYS A 50 13.32 9.05 28.62
N MET A 51 12.87 9.94 27.74
CA MET A 51 13.32 11.32 27.77
C MET A 51 12.74 12.08 28.95
N ALA A 52 11.69 11.53 29.55
CA ALA A 52 11.04 12.12 30.74
C ALA A 52 11.89 11.82 31.96
N GLY A 53 12.84 10.89 31.85
CA GLY A 53 13.67 10.54 33.00
C GLY A 53 13.27 9.22 33.66
N LEU A 54 12.27 8.53 33.11
CA LEU A 54 11.89 7.19 33.60
C LEU A 54 12.99 6.19 33.29
N ASN A 55 13.25 5.27 34.23
CA ASN A 55 14.27 4.25 33.99
C ASN A 55 13.67 2.85 33.83
N ALA A 56 12.34 2.79 33.89
CA ALA A 56 11.60 1.55 33.66
C ALA A 56 10.21 1.89 33.13
N ILE A 57 9.58 0.93 32.46
CA ILE A 57 8.16 1.03 32.14
C ILE A 57 7.45 -0.17 32.75
N GLN A 58 6.13 -0.01 32.93
CA GLN A 58 5.34 -1.09 33.52
C GLN A 58 4.22 -1.38 32.47
N THR A 59 3.86 -2.64 32.29
CA THR A 59 2.83 -2.99 31.34
C THR A 59 2.00 -4.17 31.81
N TYR A 60 0.78 -4.29 31.28
CA TYR A 60 -0.06 -5.43 31.53
C TYR A 60 -0.05 -6.35 30.29
N VAL A 61 -0.15 -7.65 30.51
CA VAL A 61 -0.39 -8.60 29.41
C VAL A 61 -1.85 -9.02 29.49
N PRO A 62 -2.70 -8.54 28.54
CA PRO A 62 -4.09 -8.95 28.59
C PRO A 62 -4.26 -10.32 27.93
N TRP A 63 -4.63 -11.31 28.73
CA TRP A 63 -4.74 -12.69 28.25
C TRP A 63 -5.64 -12.82 27.02
N ASN A 64 -6.81 -12.14 27.09
CA ASN A 64 -7.81 -12.18 26.03
C ASN A 64 -7.33 -11.59 24.70
N PHE A 65 -6.36 -10.66 24.79
CA PHE A 65 -5.69 -10.00 23.65
C PHE A 65 -4.81 -10.99 22.91
N HIS A 66 -4.26 -11.99 23.62
CA HIS A 66 -3.34 -12.97 23.03
C HIS A 66 -3.93 -14.35 22.76
N GLU A 67 -5.02 -14.72 23.45
CA GLU A 67 -5.70 -16.02 23.28
C GLU A 67 -7.23 -15.88 23.12
N PRO A 68 -7.64 -15.44 21.93
CA PRO A 68 -9.06 -15.24 21.58
C PRO A 68 -9.89 -16.54 21.63
N TRP A 69 -9.27 -17.73 21.45
CA TRP A 69 -9.89 -19.05 21.72
C TRP A 69 -8.87 -19.98 22.30
N PRO A 70 -9.30 -21.00 23.05
CA PRO A 70 -8.25 -21.85 23.64
C PRO A 70 -7.35 -22.47 22.56
N GLY A 71 -6.03 -22.31 22.70
CA GLY A 71 -5.09 -22.90 21.73
C GLY A 71 -4.83 -22.11 20.47
N GLN A 72 -5.57 -21.02 20.29
CA GLN A 72 -5.34 -20.09 19.21
C GLN A 72 -4.66 -18.86 19.81
N TYR A 73 -3.48 -18.51 19.32
CA TYR A 73 -2.68 -17.45 19.92
C TYR A 73 -2.35 -16.33 18.96
N GLN A 74 -2.24 -15.11 19.51
CA GLN A 74 -1.84 -13.92 18.74
C GLN A 74 -0.65 -13.29 19.38
N PHE A 75 0.51 -13.35 18.72
CA PHE A 75 1.76 -12.80 19.27
C PHE A 75 2.54 -11.98 18.24
N SER A 76 1.84 -11.60 17.19
CA SER A 76 2.52 -10.96 16.05
C SER A 76 1.94 -9.58 15.81
N GLU A 77 2.72 -8.72 15.13
CA GLU A 77 2.29 -7.37 14.75
C GLU A 77 1.92 -6.60 16.01
N ASP A 78 0.68 -6.08 16.08
CA ASP A 78 0.24 -5.30 17.28
C ASP A 78 0.14 -6.13 18.54
N HIS A 79 0.19 -7.46 18.43
CA HIS A 79 0.13 -8.34 19.60
C HIS A 79 1.48 -8.85 20.06
N ASP A 80 2.57 -8.27 19.55
CA ASP A 80 3.90 -8.84 19.77
C ASP A 80 4.51 -8.33 21.11
N VAL A 81 4.12 -8.93 22.24
CA VAL A 81 4.69 -8.48 23.53
C VAL A 81 6.17 -8.67 23.59
N GLU A 82 6.66 -9.79 23.03
CA GLU A 82 8.10 -10.06 23.06
C GLU A 82 8.88 -8.89 22.40
N TYR A 83 8.39 -8.47 21.24
CA TYR A 83 9.04 -7.35 20.53
C TYR A 83 8.99 -6.05 21.35
N PHE A 84 7.82 -5.73 21.88
CA PHE A 84 7.66 -4.53 22.70
C PHE A 84 8.72 -4.49 23.81
N LEU A 85 8.88 -5.64 24.50
CA LEU A 85 9.82 -5.74 25.61
C LEU A 85 11.28 -5.63 25.15
N ARG A 86 11.57 -6.20 23.98
CA ARG A 86 12.90 -6.02 23.38
C ARG A 86 13.14 -4.57 22.99
N LEU A 87 12.10 -3.90 22.48
CA LEU A 87 12.23 -2.50 22.10
C LEU A 87 12.55 -1.64 23.34
N ALA A 88 11.80 -1.88 24.41
CA ALA A 88 12.06 -1.20 25.67
C ALA A 88 13.50 -1.42 26.15
N HIS A 89 13.96 -2.67 26.14
CA HIS A 89 15.36 -3.02 26.46
C HIS A 89 16.36 -2.29 25.61
N GLU A 90 16.12 -2.25 24.30
CA GLU A 90 17.01 -1.55 23.38
C GLU A 90 17.13 -0.05 23.67
N LEU A 91 16.06 0.52 24.22
CA LEU A 91 16.08 1.91 24.62
C LEU A 91 16.74 2.14 25.99
N GLY A 92 17.20 1.07 26.64
CA GLY A 92 17.80 1.15 27.97
C GLY A 92 16.78 1.29 29.09
N LEU A 93 15.55 0.85 28.87
CA LEU A 93 14.48 0.84 29.88
C LEU A 93 14.31 -0.55 30.49
N LEU A 94 14.10 -0.60 31.80
CA LEU A 94 13.79 -1.86 32.47
C LEU A 94 12.27 -2.08 32.37
N VAL A 95 11.79 -3.27 32.69
CA VAL A 95 10.36 -3.56 32.58
C VAL A 95 9.85 -4.20 33.85
N ILE A 96 8.73 -3.68 34.33
CA ILE A 96 7.99 -4.32 35.41
C ILE A 96 6.83 -4.97 34.67
N LEU A 97 6.76 -6.29 34.68
CA LEU A 97 5.75 -7.00 33.91
C LEU A 97 4.57 -7.37 34.77
N ARG A 98 3.38 -7.13 34.24
CA ARG A 98 2.16 -7.47 34.99
C ARG A 98 1.28 -8.40 34.16
N PRO A 99 1.59 -9.72 34.19
CA PRO A 99 0.94 -10.68 33.29
C PRO A 99 -0.38 -11.28 33.84
N GLY A 100 -0.89 -10.79 34.99
CA GLY A 100 -2.24 -11.20 35.41
C GLY A 100 -2.22 -12.48 36.21
N PRO A 101 -3.14 -13.42 35.91
CA PRO A 101 -3.87 -13.49 34.63
C PRO A 101 -5.07 -12.54 34.48
N TYR A 102 -5.50 -11.95 35.60
CA TYR A 102 -6.48 -10.88 35.62
C TYR A 102 -5.74 -9.59 35.82
N ILE A 103 -6.06 -8.59 35.00
CA ILE A 103 -5.38 -7.30 35.03
C ILE A 103 -6.23 -6.06 35.36
N CYS A 104 -7.57 -6.22 35.41
CA CYS A 104 -8.52 -5.10 35.66
C CYS A 104 -8.41 -4.09 34.50
N ALA A 105 -7.73 -2.97 34.72
CA ALA A 105 -7.19 -2.11 33.64
C ALA A 105 -8.22 -1.43 32.70
N GLU A 106 -9.48 -1.35 33.12
CA GLU A 106 -10.56 -0.75 32.30
C GLU A 106 -10.52 -1.42 30.91
N TRP A 107 -10.24 -2.72 30.95
CA TRP A 107 -10.14 -3.56 29.75
C TRP A 107 -11.17 -4.67 29.83
N GLU A 108 -11.72 -5.07 28.69
CA GLU A 108 -12.74 -6.14 28.61
C GLU A 108 -12.50 -7.29 29.58
N MET A 109 -13.42 -7.44 30.57
CA MET A 109 -13.43 -8.56 31.54
C MET A 109 -12.11 -8.66 32.29
N GLY A 110 -11.44 -7.51 32.44
CA GLY A 110 -10.20 -7.46 33.20
C GLY A 110 -9.13 -8.31 32.56
N GLY A 111 -9.21 -8.50 31.23
CA GLY A 111 -8.21 -9.32 30.52
C GLY A 111 -8.53 -10.78 30.40
N LEU A 112 -9.52 -11.23 31.18
CA LEU A 112 -9.85 -12.65 31.13
C LEU A 112 -10.65 -13.00 29.85
N PRO A 113 -10.35 -14.16 29.23
CA PRO A 113 -11.05 -14.54 28.02
C PRO A 113 -12.51 -14.95 28.28
N ALA A 114 -13.38 -14.46 27.42
CA ALA A 114 -14.81 -14.68 27.57
C ALA A 114 -15.15 -16.18 27.53
N TRP A 115 -14.34 -16.95 26.80
CA TRP A 115 -14.62 -18.40 26.73
C TRP A 115 -14.45 -19.14 28.03
N LEU A 116 -13.83 -18.52 29.03
CA LEU A 116 -13.84 -19.08 30.39
C LEU A 116 -15.27 -19.31 30.86
N LEU A 117 -16.18 -18.45 30.39
CA LEU A 117 -17.59 -18.50 30.76
C LEU A 117 -18.39 -19.64 30.12
N GLU A 118 -17.73 -20.48 29.33
CA GLU A 118 -18.43 -21.63 28.76
C GLU A 118 -18.83 -22.56 29.89
N LYS A 119 -18.10 -22.49 30.99
CA LYS A 119 -18.56 -23.06 32.25
C LYS A 119 -19.38 -21.98 32.96
N GLU A 120 -20.71 -22.05 32.84
CA GLU A 120 -21.60 -21.00 33.37
C GLU A 120 -21.35 -20.66 34.84
N SER A 121 -21.01 -21.68 35.61
CA SER A 121 -20.90 -21.54 37.07
C SER A 121 -19.46 -21.29 37.52
N ILE A 122 -18.54 -21.08 36.55
CA ILE A 122 -17.14 -20.83 36.87
C ILE A 122 -17.02 -19.70 37.90
N LEU A 123 -16.12 -19.88 38.86
CA LEU A 123 -15.75 -18.80 39.77
C LEU A 123 -14.38 -18.30 39.37
N LEU A 124 -14.36 -17.17 38.65
CA LEU A 124 -13.13 -16.57 38.20
C LEU A 124 -12.29 -16.13 39.39
N ARG A 125 -10.98 -16.07 39.15
CA ARG A 125 -9.98 -15.64 40.15
C ARG A 125 -10.12 -16.43 41.46
N SER A 126 -10.11 -17.74 41.34
CA SER A 126 -10.22 -18.62 42.50
C SER A 126 -9.53 -19.95 42.19
N SER A 127 -9.58 -20.89 43.12
N SER A 127 -9.57 -20.89 43.13
CA SER A 127 -9.07 -22.23 42.86
CA SER A 127 -9.05 -22.23 42.87
C SER A 127 -10.06 -23.14 42.14
C SER A 127 -10.05 -23.14 42.15
N ASP A 128 -11.14 -22.57 41.61
CA ASP A 128 -12.07 -23.29 40.71
C ASP A 128 -11.18 -24.10 39.71
N PRO A 129 -11.31 -25.46 39.68
CA PRO A 129 -10.36 -26.29 38.88
C PRO A 129 -10.31 -25.99 37.39
N ASP A 130 -11.43 -25.56 36.85
CA ASP A 130 -11.52 -25.25 35.42
C ASP A 130 -10.84 -23.92 35.13
N TYR A 131 -11.01 -22.96 36.04
CA TYR A 131 -10.30 -21.67 35.95
C TYR A 131 -8.78 -21.93 36.05
N LEU A 132 -8.36 -22.74 37.03
CA LEU A 132 -6.93 -22.99 37.25
C LEU A 132 -6.35 -23.73 36.06
N ALA A 133 -7.11 -24.68 35.53
CA ALA A 133 -6.62 -25.47 34.39
C ALA A 133 -6.32 -24.53 33.22
N ALA A 134 -7.26 -23.62 32.94
CA ALA A 134 -7.12 -22.67 31.83
C ALA A 134 -5.97 -21.69 32.09
N VAL A 135 -5.88 -21.15 33.32
CA VAL A 135 -4.75 -20.32 33.73
C VAL A 135 -3.41 -21.06 33.54
N ASP A 136 -3.32 -22.30 34.00
CA ASP A 136 -2.09 -23.06 33.86
C ASP A 136 -1.63 -23.19 32.39
N LYS A 137 -2.58 -23.52 31.51
CA LYS A 137 -2.27 -23.72 30.08
C LYS A 137 -1.73 -22.37 29.53
N TRP A 138 -2.40 -21.27 29.86
CA TRP A 138 -1.95 -19.92 29.43
C TRP A 138 -0.57 -19.56 29.93
N LEU A 139 -0.32 -19.74 31.21
CA LEU A 139 1.01 -19.47 31.76
C LEU A 139 2.10 -20.32 31.10
N GLY A 140 1.74 -21.52 30.66
CA GLY A 140 2.74 -22.44 30.06
C GLY A 140 3.09 -22.04 28.62
N VAL A 141 2.28 -21.14 28.05
CA VAL A 141 2.55 -20.52 26.74
C VAL A 141 3.27 -19.19 26.92
N LEU A 142 2.69 -18.32 27.76
CA LEU A 142 3.25 -16.97 28.02
C LEU A 142 4.58 -16.89 28.77
N LEU A 143 4.66 -17.55 29.93
CA LEU A 143 5.85 -17.40 30.77
C LEU A 143 7.18 -17.91 30.13
N PRO A 144 7.14 -19.03 29.34
CA PRO A 144 8.41 -19.39 28.67
C PRO A 144 8.91 -18.36 27.66
N LYS A 145 8.00 -17.57 27.07
CA LYS A 145 8.39 -16.45 26.22
C LYS A 145 9.01 -15.30 27.04
N MET A 146 8.54 -15.11 28.28
CA MET A 146 9.05 -14.05 29.18
C MET A 146 10.37 -14.45 29.81
N LYS A 147 10.61 -15.76 29.97
CA LYS A 147 11.86 -16.19 30.64
C LYS A 147 13.16 -15.53 30.10
N PRO A 148 13.43 -15.57 28.76
CA PRO A 148 14.68 -14.94 28.33
C PRO A 148 14.72 -13.41 28.46
N LEU A 149 13.57 -12.80 28.67
CA LEU A 149 13.51 -11.34 28.80
C LEU A 149 13.67 -10.90 30.27
N LEU A 150 13.83 -11.88 31.16
CA LEU A 150 14.12 -11.56 32.59
C LEU A 150 15.49 -10.93 32.72
N TYR A 151 15.61 -10.03 33.67
CA TYR A 151 16.82 -9.28 33.79
C TYR A 151 18.05 -10.22 33.90
N GLN A 152 17.90 -11.30 34.65
CA GLN A 152 19.07 -12.14 34.92
C GLN A 152 19.46 -13.04 33.73
N ASN A 153 18.57 -13.10 32.73
CA ASN A 153 18.83 -13.83 31.49
C ASN A 153 19.19 -12.88 30.36
N GLY A 154 19.38 -11.61 30.69
CA GLY A 154 19.87 -10.61 29.74
C GLY A 154 18.80 -9.67 29.17
N GLY A 155 17.56 -9.80 29.66
CA GLY A 155 16.46 -8.95 29.18
C GLY A 155 16.15 -7.80 30.15
N PRO A 156 15.02 -7.10 29.94
CA PRO A 156 14.67 -5.91 30.71
C PRO A 156 13.82 -6.13 31.95
N VAL A 157 13.25 -7.33 32.06
CA VAL A 157 12.23 -7.56 33.07
C VAL A 157 12.84 -7.78 34.44
N ILE A 158 12.56 -6.84 35.35
CA ILE A 158 13.18 -6.81 36.68
C ILE A 158 12.26 -7.33 37.79
N THR A 159 10.95 -7.11 37.65
CA THR A 159 9.98 -7.64 38.63
C THR A 159 8.73 -8.08 37.87
N VAL A 160 7.95 -8.95 38.50
CA VAL A 160 6.75 -9.50 37.85
C VAL A 160 5.63 -9.48 38.87
N GLN A 161 4.49 -8.89 38.51
CA GLN A 161 3.34 -8.88 39.41
C GLN A 161 2.57 -10.18 39.29
N VAL A 162 2.12 -10.68 40.42
CA VAL A 162 1.25 -11.83 40.45
C VAL A 162 -0.19 -11.36 40.69
N GLU A 163 -1.12 -11.72 39.79
CA GLU A 163 -2.51 -11.26 39.91
C GLU A 163 -2.58 -9.73 39.82
N ASN A 164 -3.68 -9.17 40.28
CA ASN A 164 -3.88 -7.73 40.30
C ASN A 164 -4.94 -7.28 41.34
N GLU A 165 -4.50 -6.60 42.39
CA GLU A 165 -5.37 -6.19 43.51
C GLU A 165 -6.34 -7.29 43.92
N TYR A 166 -5.78 -8.47 44.18
CA TYR A 166 -6.61 -9.59 44.52
C TYR A 166 -7.36 -9.33 45.82
N GLY A 167 -6.82 -8.42 46.63
CA GLY A 167 -7.43 -8.02 47.89
C GLY A 167 -8.73 -7.26 47.76
N SER A 168 -8.98 -6.70 46.57
CA SER A 168 -10.25 -6.04 46.30
C SER A 168 -11.36 -7.02 45.91
N TYR A 169 -11.01 -8.28 45.60
CA TYR A 169 -11.97 -9.29 45.17
C TYR A 169 -12.56 -10.03 46.36
N PHE A 170 -13.81 -10.48 46.21
CA PHE A 170 -14.53 -11.08 47.33
C PHE A 170 -14.01 -12.47 47.75
N ALA A 171 -13.42 -13.22 46.80
CA ALA A 171 -13.18 -14.65 47.00
C ALA A 171 -12.17 -14.96 48.11
N CYS A 172 -11.12 -14.14 48.22
CA CYS A 172 -10.06 -14.34 49.19
C CYS A 172 -9.49 -15.79 49.18
N ASP A 173 -9.32 -16.34 47.98
CA ASP A 173 -8.87 -17.71 47.79
C ASP A 173 -7.33 -17.74 47.78
N PHE A 174 -6.74 -18.02 48.95
CA PHE A 174 -5.28 -18.05 49.05
C PHE A 174 -4.67 -19.26 48.31
N ASP A 175 -5.44 -20.32 48.09
CA ASP A 175 -4.93 -21.44 47.31
C ASP A 175 -4.60 -20.96 45.89
N TYR A 176 -5.45 -20.08 45.37
CA TYR A 176 -5.29 -19.51 44.02
C TYR A 176 -3.97 -18.73 43.96
N LEU A 177 -3.74 -17.85 44.94
CA LEU A 177 -2.48 -17.08 44.98
C LEU A 177 -1.24 -17.98 45.09
N ARG A 178 -1.29 -18.97 45.99
CA ARG A 178 -0.20 -19.96 46.02
C ARG A 178 0.00 -20.70 44.69
N PHE A 179 -1.10 -21.05 44.01
CA PHE A 179 -1.01 -21.77 42.72
C PHE A 179 -0.28 -20.93 41.66
N LEU A 180 -0.65 -19.66 41.55
CA LEU A 180 0.07 -18.69 40.69
C LEU A 180 1.56 -18.60 41.05
N GLN A 181 1.84 -18.41 42.33
CA GLN A 181 3.21 -18.33 42.80
C GLN A 181 4.03 -19.56 42.37
N LYS A 182 3.49 -20.77 42.59
CA LYS A 182 4.12 -22.03 42.20
C LYS A 182 4.40 -22.05 40.70
N ARG A 183 3.39 -21.71 39.92
CA ARG A 183 3.52 -21.76 38.45
C ARG A 183 4.45 -20.67 37.90
N PHE A 184 4.38 -19.45 38.45
CA PHE A 184 5.31 -18.41 38.02
C PHE A 184 6.76 -18.84 38.35
N ARG A 185 7.00 -19.38 39.54
CA ARG A 185 8.34 -19.88 39.88
C ARG A 185 8.82 -21.02 38.97
N HIS A 186 7.88 -21.89 38.62
CA HIS A 186 8.16 -23.04 37.77
C HIS A 186 8.71 -22.58 36.44
N HIS A 187 8.10 -21.55 35.86
CA HIS A 187 8.43 -21.16 34.49
C HIS A 187 9.51 -20.13 34.45
N LEU A 188 9.51 -19.25 35.46
CA LEU A 188 10.44 -18.13 35.50
C LEU A 188 11.67 -18.34 36.40
N GLY A 189 11.63 -19.30 37.30
CA GLY A 189 12.81 -19.55 38.12
C GLY A 189 12.71 -18.93 39.49
N ASP A 190 13.71 -19.22 40.33
CA ASP A 190 13.62 -18.88 41.74
C ASP A 190 14.15 -17.50 42.14
N ASP A 191 14.79 -16.79 41.20
CA ASP A 191 15.34 -15.46 41.47
C ASP A 191 14.43 -14.27 41.15
N VAL A 192 13.56 -14.41 40.14
CA VAL A 192 12.70 -13.30 39.72
C VAL A 192 12.00 -12.70 40.93
N VAL A 193 12.03 -11.37 41.03
CA VAL A 193 11.24 -10.69 42.04
C VAL A 193 9.75 -10.79 41.66
N LEU A 194 8.96 -11.45 42.53
CA LEU A 194 7.51 -11.55 42.36
C LEU A 194 6.84 -10.69 43.42
N PHE A 195 5.83 -9.94 42.99
CA PHE A 195 5.18 -8.97 43.90
C PHE A 195 3.68 -8.92 43.67
N THR A 196 2.97 -8.30 44.62
CA THR A 196 1.54 -8.06 44.48
C THR A 196 1.31 -6.54 44.61
N THR A 197 0.17 -6.08 44.11
CA THR A 197 -0.27 -4.70 44.31
C THR A 197 -1.70 -4.72 44.80
N ASP A 198 -1.95 -3.95 45.87
CA ASP A 198 -3.27 -3.74 46.42
C ASP A 198 -3.43 -2.29 46.88
N GLY A 199 -4.67 -1.89 47.13
CA GLY A 199 -4.98 -0.56 47.67
C GLY A 199 -4.29 -0.42 49.02
N ALA A 200 -3.94 0.81 49.37
CA ALA A 200 -3.06 1.07 50.50
C ALA A 200 -3.86 1.12 51.81
N HIS A 201 -4.38 -0.05 52.19
CA HIS A 201 -5.22 -0.22 53.37
C HIS A 201 -5.29 -1.67 53.75
N LYS A 202 -5.20 -1.92 55.05
CA LYS A 202 -5.23 -3.26 55.61
C LYS A 202 -6.42 -4.12 55.17
N THR A 203 -7.57 -3.47 54.93
CA THR A 203 -8.76 -4.17 54.45
C THR A 203 -8.51 -4.78 53.07
N PHE A 204 -7.67 -4.13 52.26
CA PHE A 204 -7.32 -4.66 50.91
C PHE A 204 -6.17 -5.66 51.00
N LEU A 205 -5.19 -5.34 51.84
CA LEU A 205 -3.98 -6.14 51.97
C LEU A 205 -4.23 -7.51 52.59
N LYS A 206 -5.29 -7.60 53.40
CA LYS A 206 -5.68 -8.84 54.08
C LYS A 206 -5.81 -10.07 53.15
N CYS A 207 -6.46 -9.87 52.01
CA CYS A 207 -6.67 -10.95 51.05
C CYS A 207 -5.78 -10.88 49.82
N GLY A 208 -5.04 -9.80 49.66
CA GLY A 208 -4.19 -9.65 48.48
C GLY A 208 -2.76 -10.08 48.63
N ALA A 209 -2.26 -10.02 49.87
CA ALA A 209 -0.84 -10.29 50.15
C ALA A 209 -0.55 -11.76 50.40
N LEU A 210 0.64 -12.19 50.05
CA LEU A 210 0.96 -13.60 50.21
C LEU A 210 2.38 -13.73 50.70
N GLN A 211 2.62 -14.69 51.60
CA GLN A 211 3.99 -15.03 51.96
C GLN A 211 4.75 -15.37 50.66
N GLY A 212 5.95 -14.83 50.52
CA GLY A 212 6.77 -15.13 49.33
C GLY A 212 6.61 -14.19 48.14
N LEU A 213 5.53 -13.39 48.13
CA LEU A 213 5.30 -12.36 47.10
C LEU A 213 5.39 -10.99 47.77
N TYR A 214 6.24 -10.12 47.24
CA TYR A 214 6.54 -8.84 47.88
C TYR A 214 5.33 -7.92 47.75
N THR A 215 4.85 -7.45 48.88
CA THR A 215 3.63 -6.64 48.96
C THR A 215 3.88 -5.17 48.64
N THR A 216 3.25 -4.67 47.57
CA THR A 216 3.28 -3.25 47.23
C THR A 216 1.86 -2.70 47.26
N VAL A 217 1.78 -1.37 47.27
CA VAL A 217 0.50 -0.68 47.37
C VAL A 217 0.34 0.24 46.16
N ASP A 218 -0.87 0.71 45.95
CA ASP A 218 -1.10 1.76 44.97
C ASP A 218 -1.89 2.88 45.64
N PHE A 219 -1.74 4.10 45.15
CA PHE A 219 -2.46 5.29 45.65
C PHE A 219 -2.20 6.49 44.77
N GLY A 220 -3.17 7.40 44.69
CA GLY A 220 -2.99 8.61 43.90
C GLY A 220 -2.77 9.88 44.70
N THR A 221 -3.09 11.02 44.10
CA THR A 221 -2.79 12.34 44.69
C THR A 221 -3.67 12.74 45.88
N GLY A 222 -4.79 12.04 46.05
CA GLY A 222 -5.71 12.33 47.13
C GLY A 222 -5.44 11.52 48.37
N SER A 223 -4.34 10.77 48.39
CA SER A 223 -3.99 9.93 49.56
C SER A 223 -2.86 10.54 50.36
N ASN A 224 -2.90 10.33 51.68
CA ASN A 224 -1.79 10.66 52.57
C ASN A 224 -0.67 9.66 52.35
N ILE A 225 0.48 10.15 51.89
CA ILE A 225 1.63 9.30 51.55
C ILE A 225 2.17 8.50 52.75
N THR A 226 2.33 9.18 53.89
CA THR A 226 2.76 8.50 55.11
C THR A 226 1.88 7.30 55.47
N ASP A 227 0.57 7.54 55.55
CA ASP A 227 -0.40 6.46 55.81
C ASP A 227 -0.30 5.35 54.79
N ALA A 228 -0.26 5.70 53.50
CA ALA A 228 -0.20 4.68 52.47
C ALA A 228 1.01 3.77 52.65
N PHE A 229 2.20 4.36 52.80
CA PHE A 229 3.41 3.57 52.97
C PHE A 229 3.48 2.82 54.31
N LEU A 230 2.84 3.36 55.35
CA LEU A 230 2.70 2.63 56.61
C LEU A 230 1.91 1.34 56.40
N SER A 231 0.85 1.41 55.59
CA SER A 231 0.06 0.21 55.29
C SER A 231 0.91 -0.83 54.55
N GLN A 232 1.77 -0.39 53.63
CA GLN A 232 2.72 -1.33 53.01
C GLN A 232 3.65 -1.93 54.05
N ARG A 233 4.26 -1.07 54.87
CA ARG A 233 5.22 -1.50 55.88
C ARG A 233 4.68 -2.51 56.90
N LYS A 234 3.38 -2.43 57.20
CA LYS A 234 2.75 -3.45 58.03
C LYS A 234 2.94 -4.83 57.41
N CYS A 235 2.90 -4.89 56.08
CA CYS A 235 3.05 -6.17 55.37
C CYS A 235 4.51 -6.49 55.03
N GLU A 236 5.34 -5.46 54.88
CA GLU A 236 6.74 -5.62 54.48
C GLU A 236 7.58 -4.67 55.32
N PRO A 237 7.92 -5.09 56.54
CA PRO A 237 8.68 -4.27 57.48
C PRO A 237 10.01 -3.87 56.87
N LYS A 238 10.54 -4.72 55.98
CA LYS A 238 11.84 -4.52 55.36
C LYS A 238 11.77 -4.68 53.85
N GLY A 239 12.57 -3.89 53.14
CA GLY A 239 12.55 -3.85 51.67
C GLY A 239 12.11 -2.50 51.15
N PRO A 240 12.14 -2.33 49.83
CA PRO A 240 11.82 -1.02 49.23
C PRO A 240 10.35 -0.60 49.41
N LEU A 241 10.11 0.69 49.67
CA LEU A 241 8.77 1.28 49.57
C LEU A 241 8.41 1.35 48.09
N ILE A 242 7.20 0.96 47.74
CA ILE A 242 6.79 0.91 46.31
C ILE A 242 5.34 1.31 46.15
N ASN A 243 5.10 2.27 45.24
CA ASN A 243 3.78 2.60 44.77
C ASN A 243 3.68 2.13 43.32
N SER A 244 2.95 1.03 43.11
CA SER A 244 2.91 0.38 41.82
C SER A 244 1.95 1.05 40.85
N GLU A 245 1.03 1.86 41.36
CA GLU A 245 0.11 2.64 40.50
C GLU A 245 -0.16 3.99 41.16
N PHE A 246 0.73 4.94 40.88
CA PHE A 246 0.57 6.33 41.32
C PHE A 246 -0.22 7.07 40.24
N TYR A 247 -1.48 7.40 40.55
CA TYR A 247 -2.42 7.87 39.51
C TYR A 247 -2.16 9.29 39.02
N THR A 248 -1.91 9.40 37.68
CA THR A 248 -1.65 10.67 37.03
C THR A 248 -2.94 11.35 36.56
N GLY A 249 -4.02 10.59 36.62
CA GLY A 249 -5.34 11.01 36.16
C GLY A 249 -6.30 9.91 36.57
N TRP A 250 -7.36 9.70 35.78
CA TRP A 250 -8.33 8.68 36.16
C TRP A 250 -9.09 8.27 34.94
N LEU A 251 -9.84 7.18 35.07
CA LEU A 251 -10.66 6.67 33.95
C LEU A 251 -11.96 7.48 33.75
N ASP A 252 -12.57 7.28 32.57
CA ASP A 252 -13.86 7.86 32.24
C ASP A 252 -14.97 6.80 32.13
N HIS A 253 -16.21 7.30 32.11
CA HIS A 253 -17.34 6.51 31.65
C HIS A 253 -18.13 7.31 30.68
N TRP A 254 -18.78 6.64 29.75
CA TRP A 254 -19.72 7.36 28.85
C TRP A 254 -20.78 8.09 29.67
N GLY A 255 -21.11 9.30 29.27
CA GLY A 255 -22.09 10.09 29.99
C GLY A 255 -21.65 10.85 31.24
N GLN A 256 -20.39 10.68 31.64
CA GLN A 256 -19.81 11.40 32.76
C GLN A 256 -18.76 12.39 32.24
N PRO A 257 -18.56 13.51 32.97
CA PRO A 257 -17.51 14.44 32.54
C PRO A 257 -16.13 13.76 32.52
N HIS A 258 -15.28 14.21 31.61
CA HIS A 258 -13.91 13.71 31.45
C HIS A 258 -13.12 13.94 32.70
N SER A 259 -12.53 12.85 33.21
CA SER A 259 -11.67 12.94 34.39
C SER A 259 -10.35 13.66 34.13
N THR A 260 -10.00 14.57 35.03
CA THR A 260 -8.70 15.22 35.01
C THR A 260 -8.10 15.26 36.42
N ILE A 261 -6.77 15.35 36.51
CA ILE A 261 -6.08 15.55 37.77
C ILE A 261 -5.08 16.66 37.50
N LYS A 262 -5.04 17.67 38.39
CA LYS A 262 -4.14 18.81 38.19
C LYS A 262 -2.67 18.43 38.11
N THR A 263 -1.96 19.02 37.17
CA THR A 263 -0.50 18.84 37.03
C THR A 263 0.26 19.07 38.35
N GLU A 264 -0.01 20.22 38.99
CA GLU A 264 0.61 20.54 40.28
C GLU A 264 0.41 19.44 41.36
N ALA A 265 -0.78 18.83 41.40
CA ALA A 265 -1.04 17.74 42.34
C ALA A 265 -0.21 16.47 42.05
N VAL A 266 -0.13 16.08 40.79
CA VAL A 266 0.70 14.95 40.38
C VAL A 266 2.17 15.27 40.66
N ALA A 267 2.61 16.46 40.28
CA ALA A 267 3.99 16.89 40.50
C ALA A 267 4.40 16.88 42.00
N SER A 268 3.55 17.44 42.85
CA SER A 268 3.83 17.53 44.30
C SER A 268 3.87 16.16 44.96
N SER A 269 2.87 15.33 44.66
CA SER A 269 2.86 13.98 45.23
C SER A 269 4.08 13.18 44.73
N LEU A 270 4.39 13.29 43.44
CA LEU A 270 5.58 12.60 42.86
C LEU A 270 6.85 12.97 43.61
N TYR A 271 7.04 14.27 43.83
CA TYR A 271 8.21 14.76 44.57
C TYR A 271 8.28 14.10 45.92
N ASP A 272 7.14 14.07 46.61
CA ASP A 272 7.09 13.50 47.98
C ASP A 272 7.32 11.99 48.04
N ILE A 273 6.80 11.25 47.05
CA ILE A 273 7.05 9.81 46.94
C ILE A 273 8.53 9.53 46.71
N LEU A 274 9.14 10.25 45.77
CA LEU A 274 10.56 10.02 45.41
C LEU A 274 11.51 10.42 46.55
N ALA A 275 11.18 11.51 47.22
CA ALA A 275 11.96 12.01 48.37
C ALA A 275 12.03 10.97 49.51
N ARG A 276 11.03 10.09 49.61
CA ARG A 276 11.04 8.98 50.59
C ARG A 276 11.95 7.80 50.18
N GLY A 277 12.48 7.84 48.97
CA GLY A 277 13.35 6.80 48.44
C GLY A 277 12.56 5.67 47.81
N ALA A 278 11.25 5.86 47.72
CA ALA A 278 10.33 4.86 47.21
C ALA A 278 10.52 4.65 45.70
N SER A 279 10.29 3.43 45.25
CA SER A 279 10.20 3.18 43.81
C SER A 279 8.76 3.51 43.45
N VAL A 280 8.51 3.98 42.22
CA VAL A 280 7.16 4.41 41.89
C VAL A 280 6.88 4.22 40.44
N ASN A 281 5.66 3.75 40.17
CA ASN A 281 5.20 3.70 38.82
C ASN A 281 3.99 4.62 38.61
N LEU A 282 4.07 5.44 37.57
CA LEU A 282 3.02 6.37 37.19
C LEU A 282 1.99 5.69 36.30
N TYR A 283 0.77 5.51 36.83
CA TYR A 283 -0.33 4.92 36.08
C TYR A 283 -1.33 6.05 35.68
N MET A 284 -1.64 6.31 34.41
CA MET A 284 -0.93 5.85 33.21
C MET A 284 0.10 6.88 32.82
N PHE A 285 1.15 6.48 32.09
CA PHE A 285 2.08 7.50 31.55
C PHE A 285 1.62 7.93 30.17
N ILE A 286 1.34 6.94 29.31
CA ILE A 286 0.43 7.18 28.19
C ILE A 286 -0.69 6.16 28.35
N GLY A 287 -1.94 6.60 28.16
CA GLY A 287 -3.09 5.67 28.19
C GLY A 287 -3.39 5.06 26.83
N GLY A 288 -3.40 5.87 25.77
CA GLY A 288 -3.74 5.33 24.49
C GLY A 288 -5.23 5.14 24.29
N THR A 289 -5.56 4.02 23.66
CA THR A 289 -6.87 3.83 23.06
C THR A 289 -7.35 2.42 23.26
N ASN A 290 -8.64 2.29 23.54
CA ASN A 290 -9.34 1.02 23.53
C ASN A 290 -9.92 0.83 22.13
N PHE A 291 -9.13 0.20 21.23
CA PHE A 291 -9.58 0.10 19.84
C PHE A 291 -10.61 -1.03 19.80
N ALA A 292 -11.34 -1.21 18.69
CA ALA A 292 -12.33 -2.32 18.53
C ALA A 292 -13.30 -2.40 19.74
N TYR A 293 -13.31 -3.49 20.49
CA TYR A 293 -14.24 -3.68 21.60
C TYR A 293 -13.49 -3.89 22.91
N TRP A 294 -12.25 -3.40 22.98
CA TRP A 294 -11.42 -3.77 24.13
C TRP A 294 -11.72 -3.03 25.42
N ASN A 295 -12.60 -2.03 25.42
CA ASN A 295 -12.93 -1.34 26.67
C ASN A 295 -13.60 -2.24 27.70
N GLY A 296 -13.46 -1.83 28.96
CA GLY A 296 -14.13 -2.47 30.13
C GLY A 296 -15.39 -1.69 30.57
N ALA A 297 -15.84 -1.99 31.78
CA ALA A 297 -17.02 -1.35 32.36
C ALA A 297 -17.00 -1.56 33.88
N ASN A 298 -17.68 -0.70 34.63
CA ASN A 298 -17.79 -0.90 36.07
C ASN A 298 -19.19 -1.28 36.42
N SER A 299 -19.39 -1.68 37.68
N SER A 299 -19.37 -1.69 37.69
CA SER A 299 -20.70 -2.04 38.16
CA SER A 299 -20.65 -2.08 38.25
C SER A 299 -21.08 -1.09 39.30
C SER A 299 -21.05 -1.02 39.28
N PRO A 300 -22.33 -0.59 39.31
CA PRO A 300 -23.44 -0.90 38.40
C PRO A 300 -23.15 -0.45 36.97
N TYR A 301 -23.64 -1.23 36.02
CA TYR A 301 -23.12 -1.19 34.64
C TYR A 301 -22.90 0.23 34.13
N ALA A 302 -21.64 0.56 33.93
CA ALA A 302 -21.24 1.80 33.22
C ALA A 302 -19.99 1.53 32.38
N ALA A 303 -20.07 1.61 31.06
CA ALA A 303 -18.90 1.30 30.22
C ALA A 303 -17.93 2.50 30.15
N GLN A 304 -16.64 2.21 30.24
CA GLN A 304 -15.60 3.14 29.83
C GLN A 304 -15.59 3.36 28.31
N PRO A 305 -15.25 4.59 27.85
CA PRO A 305 -15.25 4.88 26.44
C PRO A 305 -14.04 4.36 25.62
N THR A 306 -14.02 4.69 24.34
CA THR A 306 -12.92 4.34 23.43
C THR A 306 -11.57 4.96 23.81
N SER A 307 -11.56 6.25 24.08
CA SER A 307 -10.34 6.94 24.51
C SER A 307 -9.87 6.41 25.85
N TYR A 308 -8.59 6.10 25.97
CA TYR A 308 -7.99 5.90 27.28
C TYR A 308 -6.95 7.00 27.57
N ASP A 309 -7.24 8.20 27.08
CA ASP A 309 -6.35 9.32 27.31
C ASP A 309 -5.88 9.41 28.79
N TYR A 310 -6.83 9.21 29.70
CA TYR A 310 -6.59 9.09 31.14
C TYR A 310 -6.23 10.42 31.78
N ASP A 311 -6.20 11.50 30.99
CA ASP A 311 -5.46 12.74 31.39
C ASP A 311 -3.97 12.46 31.74
N ALA A 312 -3.37 11.46 31.09
CA ALA A 312 -1.98 11.05 31.34
C ALA A 312 -0.96 12.17 30.89
N PRO A 313 0.30 12.11 31.36
CA PRO A 313 1.31 13.08 30.88
C PRO A 313 1.50 13.02 29.33
N LEU A 314 1.38 11.84 28.73
CA LEU A 314 1.31 11.78 27.26
C LEU A 314 -0.14 11.55 26.93
N SER A 315 -0.66 12.35 26.00
CA SER A 315 -2.03 12.31 25.60
C SER A 315 -2.25 11.07 24.78
N GLU A 316 -3.53 10.80 24.49
CA GLU A 316 -3.88 9.58 23.77
C GLU A 316 -3.07 9.41 22.49
N ALA A 317 -2.85 10.51 21.75
CA ALA A 317 -2.07 10.48 20.49
C ALA A 317 -0.56 10.62 20.74
N GLY A 318 -0.14 10.59 22.01
CA GLY A 318 1.30 10.60 22.33
C GLY A 318 1.90 11.99 22.53
N ASP A 319 1.05 13.00 22.63
CA ASP A 319 1.52 14.39 22.75
C ASP A 319 2.19 14.69 24.09
N LEU A 320 3.27 15.47 24.00
CA LEU A 320 3.91 16.13 25.13
C LEU A 320 2.98 17.20 25.74
N THR A 321 2.56 17.03 26.98
CA THR A 321 1.64 17.99 27.61
C THR A 321 2.41 18.77 28.68
N GLU A 322 1.78 19.80 29.26
CA GLU A 322 2.38 20.51 30.38
C GLU A 322 2.66 19.56 31.53
N LYS A 323 1.77 18.59 31.70
CA LYS A 323 1.96 17.57 32.74
C LYS A 323 3.27 16.77 32.50
N TYR A 324 3.55 16.42 31.25
CA TYR A 324 4.76 15.68 30.91
C TYR A 324 6.01 16.45 31.35
N PHE A 325 6.13 17.69 30.87
CA PHE A 325 7.26 18.54 31.25
C PHE A 325 7.37 18.80 32.75
N ALA A 326 6.22 18.94 33.43
CA ALA A 326 6.25 19.14 34.89
C ALA A 326 6.81 17.93 35.61
N LEU A 327 6.46 16.73 35.14
CA LEU A 327 6.91 15.49 35.80
C LEU A 327 8.39 15.21 35.51
N ARG A 328 8.80 15.47 34.27
CA ARG A 328 10.21 15.47 33.92
C ARG A 328 11.05 16.41 34.84
N ASN A 329 10.53 17.62 35.07
N ASN A 329 10.53 17.62 35.07
CA ASN A 329 11.20 18.57 35.95
CA ASN A 329 11.17 18.57 35.96
C ASN A 329 11.35 18.07 37.38
C ASN A 329 11.38 17.99 37.34
N ILE A 330 10.33 17.40 37.90
CA ILE A 330 10.47 16.80 39.23
C ILE A 330 11.48 15.63 39.23
N ILE A 331 11.45 14.76 38.20
CA ILE A 331 12.39 13.67 38.11
C ILE A 331 13.83 14.19 38.08
N GLN A 332 14.04 15.27 37.33
CA GLN A 332 15.36 15.94 37.24
C GLN A 332 15.93 16.37 38.60
N LYS A 333 15.07 16.49 39.60
CA LYS A 333 15.50 16.93 40.93
C LYS A 333 16.14 15.78 41.70
N PHE A 334 15.94 14.56 41.19
CA PHE A 334 16.46 13.35 41.81
C PHE A 334 17.55 12.65 41.02
N GLU A 335 17.35 12.56 39.71
N GLU A 335 17.36 12.55 39.70
CA GLU A 335 18.25 11.85 38.80
CA GLU A 335 18.22 11.78 38.80
C GLU A 335 18.66 12.80 37.68
C GLU A 335 18.54 12.63 37.57
N LYS A 336 19.71 12.45 36.95
CA LYS A 336 20.03 13.11 35.65
C LYS A 336 19.09 12.49 34.60
N VAL A 337 18.50 13.33 33.76
CA VAL A 337 17.57 12.88 32.73
C VAL A 337 18.33 12.94 31.38
N PRO A 338 18.01 12.06 30.41
CA PRO A 338 18.78 12.03 29.16
C PRO A 338 18.90 13.40 28.48
N GLU A 339 20.06 13.62 27.85
CA GLU A 339 20.35 14.81 27.08
C GLU A 339 19.73 14.67 25.69
N GLY A 340 19.56 15.79 25.01
CA GLY A 340 19.00 15.82 23.67
C GLY A 340 17.53 16.24 23.59
N PRO A 341 17.11 16.69 22.40
CA PRO A 341 15.71 17.08 22.21
C PRO A 341 14.78 15.85 22.24
N ILE A 342 13.56 16.11 22.69
CA ILE A 342 12.55 15.06 22.84
C ILE A 342 11.75 14.88 21.51
N PRO A 343 11.48 13.61 21.10
CA PRO A 343 10.64 13.45 19.91
C PRO A 343 9.33 14.21 20.06
N PRO A 344 8.86 14.83 18.98
CA PRO A 344 7.77 15.77 19.26
C PRO A 344 6.38 15.14 19.28
N SER A 345 5.38 15.93 19.65
CA SER A 345 3.98 15.59 19.38
C SER A 345 3.84 15.41 17.87
N THR A 346 3.08 14.40 17.44
CA THR A 346 2.98 14.13 16.01
C THR A 346 2.19 15.28 15.39
N PRO A 347 2.47 15.61 14.13
CA PRO A 347 1.57 16.53 13.42
C PRO A 347 0.17 15.94 13.25
N LYS A 348 -0.83 16.81 13.31
CA LYS A 348 -2.23 16.36 13.09
C LYS A 348 -2.79 17.15 11.93
N PHE A 349 -3.64 16.50 11.14
CA PHE A 349 -4.14 17.05 9.90
C PHE A 349 -5.66 16.91 9.80
N ALA A 350 -6.32 18.01 9.42
CA ALA A 350 -7.77 18.02 9.29
C ALA A 350 -8.14 17.66 7.85
N TYR A 351 -8.40 16.38 7.57
CA TYR A 351 -8.78 15.96 6.24
C TYR A 351 -10.13 16.54 5.81
N GLY A 352 -10.90 17.03 6.78
CA GLY A 352 -12.18 17.69 6.49
C GLY A 352 -13.37 16.75 6.42
N LYS A 353 -14.42 17.20 5.76
CA LYS A 353 -15.67 16.45 5.69
C LYS A 353 -15.62 15.37 4.61
N VAL A 354 -16.08 14.16 4.94
CA VAL A 354 -16.14 13.06 3.98
C VAL A 354 -17.57 12.54 3.96
N THR A 355 -18.22 12.61 2.79
CA THR A 355 -19.61 12.13 2.73
C THR A 355 -19.65 10.60 2.75
N LEU A 356 -20.67 10.08 3.40
CA LEU A 356 -20.95 8.65 3.40
C LEU A 356 -22.30 8.38 2.75
N GLU A 357 -22.54 7.13 2.40
CA GLU A 357 -23.88 6.73 1.99
C GLU A 357 -24.19 5.35 2.49
N LYS A 358 -25.47 5.13 2.76
CA LYS A 358 -25.93 3.85 3.24
C LYS A 358 -25.64 2.74 2.24
N LEU A 359 -25.00 1.69 2.72
CA LEU A 359 -24.71 0.56 1.86
C LEU A 359 -25.81 -0.47 2.01
N LYS A 360 -26.07 -0.88 3.25
CA LYS A 360 -26.94 -2.02 3.55
C LYS A 360 -27.32 -1.93 5.02
N THR A 361 -28.56 -2.29 5.37
CA THR A 361 -28.90 -2.47 6.80
C THR A 361 -28.22 -3.76 7.31
N VAL A 362 -28.04 -3.84 8.63
CA VAL A 362 -27.62 -5.10 9.26
C VAL A 362 -28.49 -6.28 8.83
N GLY A 363 -29.82 -6.05 8.80
CA GLY A 363 -30.81 -7.08 8.48
C GLY A 363 -30.59 -7.53 7.03
N ALA A 364 -30.18 -6.62 6.15
CA ALA A 364 -29.94 -6.99 4.75
C ALA A 364 -28.61 -7.72 4.54
N ALA A 365 -27.67 -7.49 5.46
CA ALA A 365 -26.34 -8.05 5.36
C ALA A 365 -26.19 -9.36 6.16
N LEU A 366 -27.29 -10.00 6.52
CA LEU A 366 -27.16 -11.19 7.38
C LEU A 366 -26.35 -12.33 6.76
N ASP A 367 -26.50 -12.54 5.46
CA ASP A 367 -25.80 -13.60 4.75
C ASP A 367 -24.28 -13.46 4.82
N ILE A 368 -23.80 -12.22 4.71
CA ILE A 368 -22.37 -11.93 4.82
C ILE A 368 -21.86 -11.90 6.28
N LEU A 369 -22.73 -11.49 7.20
CA LEU A 369 -22.35 -11.39 8.63
C LEU A 369 -22.37 -12.74 9.31
N CYS A 370 -23.20 -13.63 8.81
CA CYS A 370 -23.41 -14.90 9.45
C CYS A 370 -23.39 -16.03 8.40
N PRO A 371 -22.23 -16.26 7.76
CA PRO A 371 -22.18 -17.11 6.55
C PRO A 371 -22.37 -18.60 6.85
N SER A 372 -22.27 -18.95 8.13
CA SER A 372 -22.50 -20.31 8.56
C SER A 372 -23.93 -20.55 9.06
N GLY A 373 -24.75 -19.51 9.03
CA GLY A 373 -26.15 -19.66 9.42
C GLY A 373 -26.38 -19.57 10.92
N PRO A 374 -27.66 -19.37 11.31
CA PRO A 374 -28.00 -19.09 12.69
C PRO A 374 -28.14 -20.34 13.56
N ILE A 375 -28.15 -20.15 14.87
CA ILE A 375 -28.46 -21.21 15.81
C ILE A 375 -29.89 -21.04 16.36
N LYS A 376 -30.66 -22.11 16.33
CA LYS A 376 -32.04 -22.07 16.79
C LYS A 376 -32.12 -22.57 18.21
N SER A 377 -33.03 -21.98 18.99
CA SER A 377 -33.13 -22.28 20.40
C SER A 377 -34.53 -21.95 20.92
N LEU A 378 -35.06 -22.79 21.80
CA LEU A 378 -36.35 -22.52 22.45
C LEU A 378 -36.34 -21.17 23.20
N TYR A 379 -35.33 -20.96 24.04
CA TYR A 379 -35.15 -19.69 24.77
C TYR A 379 -33.84 -19.01 24.33
N PRO A 380 -33.69 -17.70 24.63
CA PRO A 380 -32.48 -17.05 24.14
C PRO A 380 -31.21 -17.66 24.71
N LEU A 381 -30.13 -17.63 23.91
CA LEU A 381 -28.78 -18.07 24.34
C LEU A 381 -27.88 -16.85 24.48
N THR A 382 -26.89 -16.91 25.37
CA THR A 382 -25.97 -15.76 25.56
C THR A 382 -24.96 -15.67 24.43
N PHE A 383 -24.19 -14.58 24.38
CA PHE A 383 -23.06 -14.47 23.47
C PHE A 383 -22.15 -15.69 23.58
N ILE A 384 -21.75 -16.00 24.82
CA ILE A 384 -20.83 -17.11 25.08
C ILE A 384 -21.35 -18.44 24.48
N GLN A 385 -22.66 -18.70 24.64
CA GLN A 385 -23.29 -19.91 24.10
C GLN A 385 -23.30 -20.04 22.58
N VAL A 386 -23.29 -18.92 21.89
N VAL A 386 -23.34 -18.93 21.86
CA VAL A 386 -23.28 -18.89 20.45
CA VAL A 386 -23.27 -18.96 20.40
C VAL A 386 -21.88 -18.64 19.89
C VAL A 386 -21.86 -18.66 19.88
N LYS A 387 -20.88 -18.70 20.79
CA LYS A 387 -19.45 -18.63 20.45
C LYS A 387 -19.09 -17.30 19.84
N GLN A 388 -19.70 -16.24 20.37
CA GLN A 388 -19.29 -14.87 20.07
C GLN A 388 -18.91 -14.11 21.33
N HIS A 389 -17.77 -13.46 21.32
CA HIS A 389 -17.33 -12.78 22.54
C HIS A 389 -17.55 -11.33 22.49
N TYR A 390 -17.31 -10.71 21.32
CA TYR A 390 -17.37 -9.28 21.25
C TYR A 390 -18.33 -8.85 20.18
N GLY A 391 -18.71 -7.58 20.21
CA GLY A 391 -19.56 -7.04 19.13
C GLY A 391 -21.07 -7.24 19.29
N PHE A 392 -21.68 -7.80 18.25
CA PHE A 392 -23.15 -7.73 18.11
C PHE A 392 -23.70 -9.08 17.67
N VAL A 393 -24.85 -9.47 18.23
CA VAL A 393 -25.53 -10.70 17.87
C VAL A 393 -26.99 -10.33 17.61
N LEU A 394 -27.56 -10.86 16.53
CA LEU A 394 -28.95 -10.58 16.19
C LEU A 394 -29.82 -11.71 16.72
N TYR A 395 -30.81 -11.37 17.54
CA TYR A 395 -31.78 -12.31 18.06
C TYR A 395 -33.09 -12.06 17.30
N ARG A 396 -33.65 -13.12 16.72
CA ARG A 396 -34.84 -13.00 15.89
C ARG A 396 -35.93 -13.97 16.36
N THR A 397 -37.17 -13.49 16.40
CA THR A 397 -38.31 -14.38 16.56
C THR A 397 -39.53 -13.85 15.80
N THR A 398 -40.69 -14.47 16.03
CA THR A 398 -41.93 -14.07 15.38
C THR A 398 -42.93 -13.60 16.44
N LEU A 399 -43.74 -12.58 16.14
CA LEU A 399 -44.75 -12.13 17.11
C LEU A 399 -45.88 -13.17 17.18
N PRO A 400 -46.16 -13.71 18.38
CA PRO A 400 -47.16 -14.76 18.55
C PRO A 400 -48.59 -14.23 18.59
N GLN A 401 -48.73 -12.91 18.69
CA GLN A 401 -50.02 -12.23 18.82
C GLN A 401 -50.05 -10.98 17.94
N ASP A 402 -51.24 -10.55 17.55
CA ASP A 402 -51.37 -9.27 16.92
C ASP A 402 -50.99 -8.19 17.92
N CYS A 403 -50.13 -7.25 17.50
CA CYS A 403 -49.77 -6.09 18.31
C CYS A 403 -50.10 -4.81 17.56
N SER A 404 -51.33 -4.73 17.07
CA SER A 404 -51.79 -3.51 16.44
C SER A 404 -51.84 -2.35 17.44
N ASN A 405 -52.26 -2.65 18.66
CA ASN A 405 -52.09 -1.75 19.78
C ASN A 405 -50.74 -2.06 20.41
N PRO A 406 -49.99 -1.03 20.85
CA PRO A 406 -48.64 -1.27 21.36
C PRO A 406 -48.67 -2.29 22.48
N ALA A 407 -47.77 -3.26 22.41
CA ALA A 407 -47.68 -4.33 23.40
C ALA A 407 -46.31 -4.31 24.01
N PRO A 408 -46.22 -4.52 25.32
CA PRO A 408 -44.94 -4.35 26.02
C PRO A 408 -43.99 -5.53 25.79
N LEU A 409 -42.84 -5.24 25.19
CA LEU A 409 -41.73 -6.19 25.10
C LEU A 409 -40.82 -5.94 26.31
N SER A 410 -40.63 -6.95 27.16
CA SER A 410 -39.87 -6.75 28.39
C SER A 410 -38.83 -7.82 28.64
N SER A 411 -37.79 -7.45 29.39
CA SER A 411 -36.87 -8.41 29.99
C SER A 411 -37.11 -8.29 31.51
N PRO A 412 -38.06 -9.09 32.04
CA PRO A 412 -38.47 -8.93 33.45
C PRO A 412 -37.32 -9.00 34.45
N LEU A 413 -36.32 -9.85 34.19
CA LEU A 413 -35.16 -9.92 35.07
C LEU A 413 -34.01 -9.01 34.65
N ASN A 414 -34.29 -8.03 33.82
CA ASN A 414 -33.26 -7.05 33.44
C ASN A 414 -32.06 -7.76 32.81
N GLY A 415 -32.31 -8.54 31.75
CA GLY A 415 -31.29 -9.35 31.10
C GLY A 415 -30.97 -9.00 29.67
N VAL A 416 -31.10 -7.72 29.30
CA VAL A 416 -30.53 -7.26 28.04
C VAL A 416 -29.13 -6.73 28.40
N HIS A 417 -28.10 -7.49 28.04
CA HIS A 417 -26.72 -7.11 28.37
C HIS A 417 -26.00 -6.87 27.06
N ASP A 418 -25.92 -5.62 26.62
CA ASP A 418 -26.16 -4.42 27.43
C ASP A 418 -27.10 -3.43 26.79
N ARG A 419 -27.37 -3.62 25.49
CA ARG A 419 -28.23 -2.69 24.71
C ARG A 419 -28.84 -3.46 23.54
N ALA A 420 -30.12 -3.22 23.23
CA ALA A 420 -30.74 -3.94 22.13
C ALA A 420 -31.42 -2.93 21.27
N TYR A 421 -31.13 -2.98 19.96
CA TYR A 421 -31.80 -2.10 19.00
C TYR A 421 -32.91 -2.96 18.41
N VAL A 422 -34.16 -2.52 18.58
CA VAL A 422 -35.33 -3.40 18.32
C VAL A 422 -36.04 -2.98 17.04
N ALA A 423 -36.38 -3.97 16.22
CA ALA A 423 -37.15 -3.71 15.01
C ALA A 423 -38.24 -4.77 14.78
N VAL A 424 -39.37 -4.36 14.20
CA VAL A 424 -40.45 -5.28 13.88
C VAL A 424 -40.72 -5.10 12.39
N ASP A 425 -40.49 -6.16 11.61
CA ASP A 425 -40.69 -6.11 10.16
C ASP A 425 -40.00 -4.90 9.52
N GLY A 426 -38.75 -4.66 9.92
CA GLY A 426 -37.93 -3.56 9.37
C GLY A 426 -38.30 -2.17 9.87
N ILE A 427 -39.17 -2.08 10.87
CA ILE A 427 -39.51 -0.80 11.46
C ILE A 427 -38.87 -0.67 12.86
N PRO A 428 -37.98 0.33 13.05
CA PRO A 428 -37.30 0.46 14.36
C PRO A 428 -38.30 0.85 15.43
N GLN A 429 -38.19 0.20 16.59
CA GLN A 429 -39.10 0.38 17.72
C GLN A 429 -38.46 1.12 18.89
N GLY A 430 -37.14 1.22 18.89
CA GLY A 430 -36.41 1.88 19.96
C GLY A 430 -35.35 0.98 20.59
N VAL A 431 -35.03 1.24 21.86
CA VAL A 431 -33.88 0.62 22.50
C VAL A 431 -34.21 0.05 23.87
N LEU A 432 -33.81 -1.19 24.11
CA LEU A 432 -33.84 -1.75 25.48
C LEU A 432 -32.40 -1.60 26.05
N GLU A 433 -32.29 -1.36 27.34
CA GLU A 433 -30.99 -0.97 27.97
C GLU A 433 -30.84 -1.63 29.32
N ARG A 434 -29.71 -2.31 29.54
CA ARG A 434 -29.38 -2.82 30.85
C ARG A 434 -29.65 -1.74 31.92
N ASN A 435 -30.35 -2.16 32.96
CA ASN A 435 -30.71 -1.31 34.11
C ASN A 435 -31.85 -0.28 33.77
N ASN A 436 -31.61 0.56 32.77
CA ASN A 436 -32.36 1.81 32.55
C ASN A 436 -33.75 1.67 31.94
N VAL A 437 -33.88 0.77 30.98
CA VAL A 437 -35.17 0.51 30.30
C VAL A 437 -35.34 -0.96 29.99
N ILE A 438 -36.18 -1.63 30.76
CA ILE A 438 -36.32 -3.07 30.53
C ILE A 438 -37.60 -3.42 29.73
N THR A 439 -38.38 -2.38 29.39
CA THR A 439 -39.62 -2.53 28.65
C THR A 439 -39.70 -1.49 27.55
N LEU A 440 -40.15 -1.94 26.38
CA LEU A 440 -40.36 -1.15 25.18
C LEU A 440 -41.67 -1.59 24.55
N ASN A 441 -42.56 -0.64 24.30
CA ASN A 441 -43.78 -0.94 23.59
C ASN A 441 -43.53 -1.10 22.09
N ILE A 442 -44.06 -2.18 21.54
CA ILE A 442 -43.86 -2.48 20.12
C ILE A 442 -45.21 -2.70 19.43
N THR A 443 -45.23 -2.47 18.13
CA THR A 443 -46.39 -2.75 17.30
C THR A 443 -45.97 -3.58 16.07
N GLY A 444 -46.91 -4.35 15.54
CA GLY A 444 -46.68 -5.18 14.37
C GLY A 444 -47.77 -6.21 14.29
N LYS A 445 -47.95 -6.79 13.11
CA LYS A 445 -48.98 -7.81 12.92
C LYS A 445 -48.53 -9.13 13.52
N ALA A 446 -49.49 -10.01 13.80
CA ALA A 446 -49.16 -11.38 14.22
C ALA A 446 -48.26 -12.01 13.17
N GLY A 447 -47.19 -12.67 13.61
CA GLY A 447 -46.23 -13.31 12.71
C GLY A 447 -45.15 -12.39 12.16
N ALA A 448 -45.22 -11.10 12.49
CA ALA A 448 -44.17 -10.15 12.10
C ALA A 448 -42.84 -10.53 12.74
N THR A 449 -41.74 -10.25 12.03
CA THR A 449 -40.42 -10.62 12.49
C THR A 449 -39.92 -9.64 13.55
N LEU A 450 -39.64 -10.16 14.74
CA LEU A 450 -39.10 -9.33 15.81
C LEU A 450 -37.60 -9.53 15.86
N ASP A 451 -36.84 -8.46 15.64
CA ASP A 451 -35.37 -8.49 15.73
C ASP A 451 -34.84 -7.65 16.90
N LEU A 452 -33.90 -8.20 17.64
CA LEU A 452 -33.16 -7.41 18.60
C LEU A 452 -31.68 -7.55 18.29
N LEU A 453 -31.04 -6.46 17.86
CA LEU A 453 -29.59 -6.44 17.68
C LEU A 453 -29.00 -6.11 19.02
N VAL A 454 -28.27 -7.05 19.62
CA VAL A 454 -27.74 -6.83 20.96
C VAL A 454 -26.26 -6.61 20.93
N GLU A 455 -25.84 -5.50 21.57
CA GLU A 455 -24.43 -5.10 21.70
C GLU A 455 -23.83 -5.43 23.05
N ASN A 456 -22.62 -5.99 23.02
CA ASN A 456 -21.81 -6.20 24.19
C ASN A 456 -21.03 -4.87 24.33
N MET A 457 -21.41 -4.05 25.32
CA MET A 457 -20.77 -2.74 25.53
C MET A 457 -19.48 -2.79 26.32
N GLY A 458 -19.08 -4.00 26.70
CA GLY A 458 -17.84 -4.18 27.44
C GLY A 458 -18.10 -4.96 28.71
N ARG A 459 -17.36 -6.07 28.89
CA ARG A 459 -17.46 -6.88 30.10
C ARG A 459 -16.84 -6.18 31.28
N VAL A 460 -17.62 -6.16 32.35
CA VAL A 460 -17.22 -5.53 33.60
C VAL A 460 -15.83 -6.04 33.97
N ASN A 461 -14.92 -5.12 34.34
CA ASN A 461 -13.53 -5.50 34.60
C ASN A 461 -13.13 -5.50 36.07
N TYR A 462 -14.07 -5.15 36.94
CA TYR A 462 -13.77 -4.99 38.37
C TYR A 462 -15.00 -5.26 39.16
N GLY A 463 -14.82 -5.93 40.29
CA GLY A 463 -15.87 -6.22 41.24
C GLY A 463 -16.19 -7.71 41.19
N ALA A 464 -17.28 -8.08 41.87
CA ALA A 464 -17.72 -9.45 41.88
C ALA A 464 -18.28 -9.88 40.53
N TYR A 465 -18.76 -8.91 39.74
CA TYR A 465 -19.59 -9.25 38.59
C TYR A 465 -18.86 -9.27 37.23
N ILE A 466 -17.58 -9.68 37.28
CA ILE A 466 -16.75 -9.90 36.08
C ILE A 466 -17.21 -11.13 35.24
N ASN A 467 -18.02 -12.01 35.83
CA ASN A 467 -18.67 -13.11 35.06
C ASN A 467 -19.90 -12.63 34.25
N ASP A 468 -19.60 -11.76 33.29
CA ASP A 468 -20.55 -10.93 32.59
C ASP A 468 -20.79 -11.58 31.22
N PHE A 469 -21.78 -12.44 31.12
CA PHE A 469 -21.99 -13.27 29.91
C PHE A 469 -22.24 -12.53 28.59
N LYS A 470 -23.19 -11.59 28.62
CA LYS A 470 -23.65 -10.78 27.44
C LYS A 470 -24.69 -11.45 26.55
N GLY A 471 -25.53 -10.61 25.95
CA GLY A 471 -26.62 -11.01 25.06
C GLY A 471 -27.94 -10.89 25.80
N LEU A 472 -28.93 -11.67 25.35
CA LEU A 472 -30.12 -11.85 26.16
C LEU A 472 -29.75 -12.96 27.14
N VAL A 473 -29.55 -12.59 28.39
CA VAL A 473 -29.09 -13.53 29.42
C VAL A 473 -30.24 -14.12 30.23
N SER A 474 -31.44 -13.65 29.92
CA SER A 474 -32.66 -14.17 30.51
C SER A 474 -33.76 -13.96 29.48
N ASN A 475 -34.95 -14.48 29.75
CA ASN A 475 -36.06 -14.45 28.82
C ASN A 475 -36.63 -13.07 28.50
N LEU A 476 -37.21 -12.96 27.32
CA LEU A 476 -38.03 -11.84 26.96
C LEU A 476 -39.50 -12.23 27.05
N THR A 477 -40.31 -11.22 27.32
CA THR A 477 -41.71 -11.43 27.50
C THR A 477 -42.45 -10.43 26.59
N LEU A 478 -43.55 -10.85 26.00
CA LEU A 478 -44.39 -9.92 25.26
C LEU A 478 -45.80 -10.04 25.83
N SER A 479 -46.31 -8.93 26.37
CA SER A 479 -47.56 -8.90 27.16
C SER A 479 -47.49 -9.92 28.32
N SER A 480 -46.32 -9.98 28.96
CA SER A 480 -46.06 -10.87 30.12
C SER A 480 -45.82 -12.34 29.80
N ASN A 481 -46.02 -12.74 28.54
CA ASN A 481 -45.81 -14.14 28.13
C ASN A 481 -44.42 -14.35 27.56
N ILE A 482 -43.75 -15.40 28.02
CA ILE A 482 -42.37 -15.68 27.55
C ILE A 482 -42.34 -15.90 26.04
N LEU A 483 -41.45 -15.17 25.35
CA LEU A 483 -41.28 -15.36 23.92
C LEU A 483 -40.37 -16.56 23.64
N THR A 484 -40.86 -17.50 22.83
CA THR A 484 -40.07 -18.69 22.49
C THR A 484 -39.78 -18.77 20.99
N ASP A 485 -38.89 -19.70 20.63
CA ASP A 485 -38.51 -20.00 19.23
C ASP A 485 -37.65 -18.91 18.64
N TRP A 486 -36.37 -18.99 18.97
CA TRP A 486 -35.38 -17.96 18.61
C TRP A 486 -34.44 -18.47 17.55
N THR A 487 -34.11 -17.56 16.64
CA THR A 487 -33.10 -17.77 15.62
C THR A 487 -32.04 -16.69 15.85
N ILE A 488 -30.85 -17.16 16.21
CA ILE A 488 -29.77 -16.32 16.72
C ILE A 488 -28.59 -16.28 15.76
N PHE A 489 -28.23 -15.09 15.32
CA PHE A 489 -27.21 -14.91 14.29
C PHE A 489 -26.02 -14.24 14.92
N PRO A 490 -24.96 -14.99 15.23
CA PRO A 490 -23.72 -14.31 15.59
C PRO A 490 -23.20 -13.55 14.35
N LEU A 491 -22.62 -12.36 14.55
CA LEU A 491 -22.30 -11.50 13.43
C LEU A 491 -20.79 -11.27 13.35
N ASP A 492 -20.23 -11.72 12.23
N ASP A 492 -20.11 -11.75 12.31
CA ASP A 492 -18.82 -11.52 11.91
CA ASP A 492 -18.67 -11.42 12.24
C ASP A 492 -18.68 -10.12 11.32
C ASP A 492 -18.50 -10.16 11.44
N THR A 493 -18.82 -9.07 12.14
CA THR A 493 -18.71 -7.70 11.59
C THR A 493 -17.32 -7.35 11.05
N GLU A 494 -16.27 -7.87 11.66
CA GLU A 494 -14.92 -7.48 11.28
C GLU A 494 -14.59 -8.06 9.91
N ASP A 495 -14.94 -9.34 9.71
CA ASP A 495 -14.74 -9.98 8.41
C ASP A 495 -15.52 -9.23 7.36
N ALA A 496 -16.82 -9.00 7.65
CA ALA A 496 -17.72 -8.41 6.66
C ALA A 496 -17.28 -7.01 6.27
N VAL A 497 -16.86 -6.21 7.26
CA VAL A 497 -16.35 -4.85 6.94
C VAL A 497 -15.08 -4.90 6.05
N ARG A 498 -14.20 -5.86 6.30
CA ARG A 498 -12.98 -5.98 5.51
C ARG A 498 -13.26 -6.45 4.07
N SER A 499 -14.38 -7.11 3.85
CA SER A 499 -14.75 -7.50 2.48
C SER A 499 -15.79 -6.55 1.84
N HIS A 500 -16.03 -5.39 2.45
CA HIS A 500 -17.06 -4.43 1.95
C HIS A 500 -18.41 -5.12 1.77
N LEU A 501 -18.79 -5.85 2.82
CA LEU A 501 -20.02 -6.65 2.85
C LEU A 501 -20.10 -7.59 1.63
N GLY A 502 -18.95 -8.13 1.25
CA GLY A 502 -18.88 -9.15 0.22
C GLY A 502 -18.61 -8.58 -1.15
N GLY A 503 -18.67 -7.24 -1.26
CA GLY A 503 -18.39 -6.51 -2.53
C GLY A 503 -16.98 -6.64 -3.09
N TRP A 504 -16.00 -6.98 -2.23
CA TRP A 504 -14.60 -7.20 -2.64
C TRP A 504 -14.22 -8.67 -2.70
N GLY A 505 -15.23 -9.55 -2.64
CA GLY A 505 -14.97 -10.97 -2.71
C GLY A 505 -14.22 -11.42 -1.46
N HIS A 506 -13.62 -12.59 -1.54
CA HIS A 506 -13.08 -13.23 -0.35
C HIS A 506 -11.65 -13.67 -0.46
N ARG A 507 -10.95 -13.20 -1.49
CA ARG A 507 -9.52 -13.34 -1.55
C ARG A 507 -8.80 -12.58 -0.44
N ASN A 522 -36.87 9.07 17.99
CA ASN A 522 -36.86 8.61 16.60
C ASN A 522 -35.58 7.85 16.17
N TYR A 523 -35.76 6.79 15.38
CA TYR A 523 -34.66 5.82 15.15
C TYR A 523 -34.56 5.39 13.69
N THR A 524 -33.36 5.04 13.25
CA THR A 524 -33.19 4.34 11.96
C THR A 524 -32.74 2.91 12.21
N LEU A 525 -32.95 2.04 11.23
CA LEU A 525 -32.48 0.66 11.34
C LEU A 525 -30.96 0.65 11.42
N PRO A 526 -30.40 -0.19 12.30
CA PRO A 526 -28.95 -0.36 12.29
C PRO A 526 -28.43 -0.66 10.85
N ALA A 527 -27.42 0.08 10.39
CA ALA A 527 -26.97 -0.02 9.00
C ALA A 527 -25.51 0.39 8.88
N PHE A 528 -24.87 -0.07 7.80
CA PHE A 528 -23.49 0.28 7.44
C PHE A 528 -23.53 1.41 6.41
N TYR A 529 -22.75 2.46 6.65
CA TYR A 529 -22.62 3.62 5.77
C TYR A 529 -21.16 3.73 5.39
N MET A 530 -20.88 3.90 4.10
CA MET A 530 -19.52 3.92 3.66
C MET A 530 -19.20 5.14 2.85
N GLY A 531 -17.94 5.55 2.91
CA GLY A 531 -17.48 6.66 2.04
C GLY A 531 -15.98 6.55 1.88
N ASN A 532 -15.44 7.18 0.84
CA ASN A 532 -14.03 7.08 0.52
C ASN A 532 -13.39 8.47 0.57
N PHE A 533 -12.10 8.52 0.89
CA PHE A 533 -11.35 9.76 0.63
C PHE A 533 -9.92 9.44 0.28
N SER A 534 -9.32 10.33 -0.51
CA SER A 534 -7.97 10.12 -1.03
C SER A 534 -6.96 11.07 -0.41
N ILE A 535 -5.71 10.60 -0.29
CA ILE A 535 -4.64 11.41 0.26
C ILE A 535 -3.54 11.37 -0.80
N PRO A 536 -2.96 12.53 -1.13
CA PRO A 536 -1.98 12.45 -2.22
C PRO A 536 -0.71 11.72 -1.81
N SER A 537 -0.10 11.08 -2.81
CA SER A 537 1.17 10.38 -2.67
C SER A 537 2.34 11.37 -2.91
N GLY A 538 3.55 11.01 -2.50
CA GLY A 538 4.72 11.85 -2.80
C GLY A 538 4.82 13.14 -2.00
N ILE A 539 4.00 13.24 -0.94
CA ILE A 539 4.05 14.37 0.00
C ILE A 539 4.69 13.88 1.30
N PRO A 540 5.89 14.38 1.62
CA PRO A 540 6.63 13.79 2.75
C PRO A 540 5.81 13.79 4.03
N ASP A 541 4.98 14.80 4.23
CA ASP A 541 4.22 14.90 5.49
C ASP A 541 2.76 14.46 5.42
N LEU A 542 2.39 13.67 4.42
CA LEU A 542 1.07 12.99 4.39
C LEU A 542 1.23 11.48 4.13
N PRO A 543 0.40 10.63 4.80
CA PRO A 543 -0.66 10.97 5.78
C PRO A 543 -0.17 11.43 7.14
N GLN A 544 -1.02 12.19 7.84
CA GLN A 544 -0.77 12.50 9.26
C GLN A 544 -1.90 11.93 10.12
N ASP A 545 -1.62 11.78 11.42
CA ASP A 545 -2.68 11.44 12.43
C ASP A 545 -3.82 12.45 12.33
N THR A 546 -5.00 12.02 12.71
CA THR A 546 -6.18 12.87 12.66
C THR A 546 -7.19 12.39 13.72
N PHE A 547 -8.29 13.13 13.82
CA PHE A 547 -9.36 12.81 14.74
C PHE A 547 -10.66 12.85 13.94
N ILE A 548 -11.46 11.79 14.09
CA ILE A 548 -12.72 11.67 13.38
C ILE A 548 -13.87 12.01 14.33
N GLN A 549 -14.79 12.80 13.81
CA GLN A 549 -15.93 13.33 14.55
C GLN A 549 -17.20 12.96 13.79
N PHE A 550 -18.31 12.83 14.51
CA PHE A 550 -19.55 12.30 13.93
C PHE A 550 -20.75 13.22 14.20
N PRO A 551 -20.72 14.46 13.66
CA PRO A 551 -21.86 15.35 13.94
C PRO A 551 -23.16 14.86 13.32
N GLY A 552 -24.24 14.81 14.10
CA GLY A 552 -25.55 14.37 13.56
C GLY A 552 -25.79 12.85 13.72
N TRP A 553 -24.70 12.10 13.92
CA TRP A 553 -24.76 10.66 14.22
C TRP A 553 -25.13 10.44 15.69
N THR A 554 -25.31 9.19 16.09
CA THR A 554 -25.83 8.91 17.41
C THR A 554 -24.94 7.96 18.20
N LYS A 555 -24.93 6.69 17.80
CA LYS A 555 -24.19 5.64 18.49
C LYS A 555 -23.75 4.56 17.52
N GLY A 556 -22.46 4.25 17.49
CA GLY A 556 -22.08 3.06 16.71
C GLY A 556 -20.61 2.71 16.73
N GLN A 557 -20.17 2.03 15.66
CA GLN A 557 -18.84 1.50 15.55
C GLN A 557 -18.23 2.13 14.27
N VAL A 558 -16.90 2.34 14.25
CA VAL A 558 -16.26 2.91 13.06
C VAL A 558 -14.99 2.20 12.62
N TRP A 559 -14.87 1.99 11.32
CA TRP A 559 -13.62 1.40 10.75
C TRP A 559 -13.08 2.31 9.70
N ILE A 560 -11.75 2.37 9.58
CA ILE A 560 -11.13 2.95 8.39
C ILE A 560 -10.21 1.89 7.78
N ASN A 561 -10.36 1.63 6.47
CA ASN A 561 -9.61 0.51 5.82
C ASN A 561 -9.65 -0.80 6.60
N GLY A 562 -10.81 -1.11 7.17
CA GLY A 562 -10.99 -2.36 7.90
C GLY A 562 -10.43 -2.39 9.32
N PHE A 563 -9.77 -1.32 9.74
N PHE A 563 -9.80 -1.29 9.75
CA PHE A 563 -9.31 -1.25 11.13
CA PHE A 563 -9.30 -1.17 11.12
C PHE A 563 -10.39 -0.63 12.03
C PHE A 563 -10.40 -0.61 12.03
N ASN A 564 -10.82 -1.41 13.01
CA ASN A 564 -11.82 -0.99 13.98
C ASN A 564 -11.26 0.00 14.99
N LEU A 565 -11.61 1.27 14.79
CA LEU A 565 -11.12 2.37 15.61
C LEU A 565 -11.79 2.45 16.98
N GLY A 566 -12.92 1.73 17.08
CA GLY A 566 -13.69 1.68 18.30
C GLY A 566 -15.09 2.24 18.20
N ARG A 567 -15.65 2.61 19.37
CA ARG A 567 -17.04 3.03 19.47
C ARG A 567 -17.16 4.55 19.56
N TYR A 568 -18.19 5.09 18.91
CA TYR A 568 -18.48 6.52 19.02
C TYR A 568 -19.84 6.69 19.68
N TRP A 569 -20.02 7.78 20.42
CA TRP A 569 -21.30 8.03 21.06
C TRP A 569 -21.43 9.51 21.40
N PRO A 570 -21.49 10.38 20.35
CA PRO A 570 -21.60 11.81 20.58
C PRO A 570 -22.90 12.21 21.36
N ALA A 571 -23.90 11.36 21.31
CA ALA A 571 -25.11 11.52 22.08
C ALA A 571 -24.87 11.51 23.60
N ARG A 572 -23.85 10.79 24.08
CA ARG A 572 -23.53 10.83 25.52
C ARG A 572 -22.30 11.65 25.87
N GLY A 573 -21.23 11.58 25.06
CA GLY A 573 -19.94 12.14 25.45
C GLY A 573 -19.32 11.36 26.61
N PRO A 574 -18.19 11.85 27.16
CA PRO A 574 -17.59 13.16 26.88
C PRO A 574 -16.72 13.13 25.63
N GLN A 575 -16.38 11.91 25.20
CA GLN A 575 -15.58 11.72 23.99
C GLN A 575 -16.47 12.01 22.79
N LEU A 576 -16.07 13.01 22.00
CA LEU A 576 -16.72 13.25 20.72
C LEU A 576 -15.86 12.72 19.57
N THR A 577 -14.56 12.98 19.61
CA THR A 577 -13.69 12.52 18.52
C THR A 577 -13.05 11.16 18.82
N LEU A 578 -12.68 10.42 17.77
CA LEU A 578 -11.84 9.21 17.92
C LEU A 578 -10.49 9.41 17.23
N PHE A 579 -9.43 8.96 17.92
CA PHE A 579 -8.07 9.03 17.39
C PHE A 579 -7.89 8.06 16.21
N VAL A 580 -7.37 8.62 15.11
CA VAL A 580 -7.00 7.89 13.89
C VAL A 580 -5.49 7.95 13.66
N PRO A 581 -4.77 6.82 13.92
CA PRO A 581 -3.33 6.82 13.65
C PRO A 581 -3.03 6.77 12.13
N GLN A 582 -2.00 7.48 11.73
CA GLN A 582 -1.69 7.71 10.34
C GLN A 582 -1.32 6.45 9.58
N HIS A 583 -0.81 5.43 10.26
CA HIS A 583 -0.33 4.26 9.53
C HIS A 583 -1.40 3.39 8.91
N ILE A 584 -2.65 3.54 9.35
CA ILE A 584 -3.74 2.83 8.68
C ILE A 584 -4.27 3.54 7.44
N LEU A 585 -3.82 4.78 7.22
CA LEU A 585 -4.25 5.57 6.03
C LEU A 585 -3.30 5.33 4.87
N MET A 586 -3.84 5.36 3.65
N MET A 586 -3.86 5.43 3.66
CA MET A 586 -3.01 5.09 2.48
CA MET A 586 -3.17 5.07 2.42
C MET A 586 -3.11 6.22 1.48
C MET A 586 -3.07 6.31 1.54
N THR A 587 -2.05 6.36 0.69
CA THR A 587 -1.99 7.34 -0.40
C THR A 587 -2.30 6.76 -1.77
N SER A 588 -2.73 7.64 -2.68
CA SER A 588 -3.38 7.26 -3.95
C SER A 588 -4.67 6.39 -3.87
N ALA A 589 -4.61 5.21 -3.26
CA ALA A 589 -5.79 4.32 -3.16
C ALA A 589 -6.79 4.90 -2.17
N PRO A 590 -8.09 4.89 -2.53
CA PRO A 590 -9.07 5.49 -1.63
C PRO A 590 -9.10 4.81 -0.25
N ASN A 591 -9.19 5.64 0.79
CA ASN A 591 -9.42 5.13 2.15
C ASN A 591 -10.91 4.97 2.34
N THR A 592 -11.34 3.79 2.79
CA THR A 592 -12.75 3.49 2.98
C THR A 592 -13.11 3.63 4.46
N ILE A 593 -14.09 4.47 4.74
CA ILE A 593 -14.61 4.66 6.10
C ILE A 593 -15.88 3.84 6.11
N THR A 594 -16.10 3.04 7.16
CA THR A 594 -17.34 2.30 7.33
C THR A 594 -17.86 2.74 8.71
N VAL A 595 -19.11 3.19 8.73
CA VAL A 595 -19.77 3.49 9.97
C VAL A 595 -20.94 2.51 10.16
N LEU A 596 -20.97 1.83 11.30
CA LEU A 596 -22.16 1.05 11.65
C LEU A 596 -22.93 1.91 12.64
N GLU A 597 -24.03 2.53 12.20
CA GLU A 597 -24.84 3.39 13.07
C GLU A 597 -25.98 2.56 13.67
N LEU A 598 -26.14 2.64 14.97
CA LEU A 598 -27.09 1.78 15.66
C LEU A 598 -28.46 2.38 15.96
N GLU A 599 -28.55 3.70 16.03
CA GLU A 599 -29.76 4.36 16.53
C GLU A 599 -30.39 5.38 15.59
N TRP A 600 -29.58 6.30 15.08
CA TRP A 600 -30.10 7.34 14.18
C TRP A 600 -29.00 7.94 13.36
N ALA A 601 -29.12 7.86 12.02
CA ALA A 601 -28.13 8.38 11.09
C ALA A 601 -28.64 9.66 10.45
N PRO A 602 -27.75 10.64 10.23
CA PRO A 602 -28.18 11.92 9.61
C PRO A 602 -28.22 11.82 8.07
N CYS A 603 -28.97 10.87 7.55
CA CYS A 603 -28.82 10.42 6.18
C CYS A 603 -30.15 10.20 5.47
N SER A 604 -31.26 10.65 6.05
CA SER A 604 -32.56 10.43 5.42
C SER A 604 -32.88 11.53 4.42
N SER A 605 -32.60 12.78 4.78
CA SER A 605 -33.01 13.96 4.00
C SER A 605 -32.39 14.09 2.60
N ASP A 606 -32.95 14.99 1.81
CA ASP A 606 -32.48 15.28 0.46
C ASP A 606 -31.18 16.09 0.50
N ASP A 607 -30.57 16.20 1.68
CA ASP A 607 -29.29 16.85 1.83
C ASP A 607 -28.22 15.78 2.05
N PRO A 608 -27.58 15.32 0.96
CA PRO A 608 -26.56 14.28 1.01
C PRO A 608 -25.37 14.73 1.84
N GLU A 609 -25.16 16.05 1.91
CA GLU A 609 -24.06 16.64 2.67
C GLU A 609 -24.11 16.34 4.15
N LEU A 610 -25.32 16.15 4.71
CA LEU A 610 -25.46 15.82 6.12
C LEU A 610 -24.95 14.43 6.45
N CYS A 611 -25.07 13.50 5.49
CA CYS A 611 -24.60 12.12 5.73
C CYS A 611 -23.09 12.07 5.57
N ALA A 612 -22.38 12.41 6.64
CA ALA A 612 -20.96 12.68 6.54
C ALA A 612 -20.27 12.65 7.90
N VAL A 613 -18.97 12.42 7.85
CA VAL A 613 -18.14 12.49 9.04
C VAL A 613 -17.09 13.59 8.78
N THR A 614 -16.38 14.03 9.82
CA THR A 614 -15.42 15.12 9.68
C THR A 614 -14.14 14.80 10.40
N PHE A 615 -13.01 15.03 9.74
CA PHE A 615 -11.71 14.82 10.34
C PHE A 615 -11.16 16.18 10.78
N VAL A 616 -10.77 16.24 12.05
CA VAL A 616 -10.27 17.48 12.66
C VAL A 616 -8.86 17.25 13.23
N ASP A 617 -8.13 18.33 13.52
CA ASP A 617 -6.73 18.25 13.93
C ASP A 617 -6.50 18.38 15.45
N ARG A 618 -7.61 18.42 16.22
CA ARG A 618 -7.57 18.49 17.69
C ARG A 618 -8.60 17.56 18.26
N PRO A 619 -8.24 16.83 19.32
CA PRO A 619 -9.17 15.93 19.97
C PRO A 619 -10.22 16.69 20.80
N VAL A 620 -11.44 16.15 20.86
CA VAL A 620 -12.44 16.65 21.81
C VAL A 620 -12.91 15.43 22.59
N ILE A 621 -12.33 15.27 23.79
CA ILE A 621 -12.65 14.16 24.68
C ILE A 621 -13.15 14.68 26.03
N GLY A 622 -13.30 16.00 26.16
CA GLY A 622 -13.67 16.65 27.43
C GLY A 622 -14.74 17.72 27.26
N SER A 623 -15.65 17.47 26.33
CA SER A 623 -16.76 18.37 25.98
C SER A 623 -17.92 18.31 26.99
N SER A 624 -18.75 19.37 27.00
CA SER A 624 -19.88 19.50 27.94
C SER A 624 -20.83 18.30 27.95
N GLN B 6 1.74 -36.37 27.49
CA GLN B 6 0.54 -36.41 26.58
C GLN B 6 0.89 -37.21 25.31
N ARG B 7 1.13 -36.46 24.24
CA ARG B 7 1.49 -37.01 22.93
C ARG B 7 2.90 -37.61 22.92
N MET B 8 3.08 -38.69 22.16
CA MET B 8 4.36 -39.39 22.10
C MET B 8 4.77 -39.68 20.67
N PHE B 9 6.03 -39.39 20.35
CA PHE B 9 6.64 -39.81 19.10
C PHE B 9 7.96 -40.48 19.42
N GLU B 10 8.16 -41.72 18.92
CA GLU B 10 9.33 -42.52 19.31
C GLU B 10 9.76 -43.42 18.17
N ILE B 11 11.06 -43.74 18.15
CA ILE B 11 11.55 -44.87 17.37
C ILE B 11 11.06 -46.17 17.99
N ASP B 12 10.49 -47.04 17.15
CA ASP B 12 10.03 -48.36 17.56
C ASP B 12 11.13 -49.34 17.19
N TYR B 13 12.02 -49.58 18.14
CA TYR B 13 13.15 -50.46 17.90
C TYR B 13 12.74 -51.93 17.74
N SER B 14 11.53 -52.27 18.18
CA SER B 14 11.04 -53.65 18.02
C SER B 14 10.33 -53.93 16.69
N ARG B 15 9.92 -52.90 15.97
CA ARG B 15 9.28 -53.10 14.66
C ARG B 15 9.96 -52.34 13.54
N ASP B 16 11.18 -51.85 13.81
CA ASP B 16 11.93 -51.08 12.80
C ASP B 16 11.12 -49.95 12.15
N SER B 17 10.37 -49.19 12.95
CA SER B 17 9.64 -48.02 12.43
C SER B 17 9.49 -46.97 13.51
N PHE B 18 8.53 -46.07 13.34
CA PHE B 18 8.18 -45.10 14.38
C PHE B 18 6.85 -45.49 15.03
N LEU B 19 6.64 -44.99 16.25
CA LEU B 19 5.35 -45.04 16.91
C LEU B 19 4.94 -43.60 17.21
N LYS B 20 3.77 -43.24 16.71
CA LYS B 20 3.17 -41.95 16.97
C LYS B 20 1.92 -42.20 17.78
N ASP B 21 1.91 -41.74 19.03
CA ASP B 21 0.84 -42.04 19.96
C ASP B 21 0.52 -43.53 19.98
N GLY B 22 1.57 -44.33 20.05
CA GLY B 22 1.45 -45.76 20.17
C GLY B 22 1.07 -46.51 18.91
N GLN B 23 0.94 -45.82 17.79
CA GLN B 23 0.58 -46.51 16.54
C GLN B 23 1.74 -46.45 15.57
N PRO B 24 1.95 -47.52 14.75
CA PRO B 24 2.98 -47.52 13.70
C PRO B 24 2.89 -46.27 12.83
N PHE B 25 4.05 -45.67 12.52
CA PHE B 25 4.09 -44.47 11.70
C PHE B 25 5.29 -44.50 10.77
N ARG B 26 5.07 -44.16 9.49
CA ARG B 26 6.17 -44.04 8.51
C ARG B 26 5.99 -42.72 7.81
N TYR B 27 7.03 -41.88 7.74
CA TYR B 27 6.82 -40.61 7.09
C TYR B 27 7.23 -40.55 5.61
N ILE B 28 6.47 -39.75 4.87
CA ILE B 28 6.71 -39.46 3.48
C ILE B 28 6.73 -37.94 3.44
N SER B 29 7.94 -37.40 3.39
CA SER B 29 8.18 -35.99 3.62
C SER B 29 8.72 -35.32 2.36
N GLY B 30 8.63 -34.01 2.31
CA GLY B 30 9.32 -33.28 1.25
C GLY B 30 9.99 -32.08 1.87
N SER B 31 11.14 -31.67 1.31
CA SER B 31 11.88 -30.49 1.81
C SER B 31 11.28 -29.21 1.25
N ILE B 32 11.13 -28.22 2.11
CA ILE B 32 10.74 -26.86 1.74
C ILE B 32 11.55 -25.97 2.68
N HIS B 33 12.24 -25.00 2.10
CA HIS B 33 13.02 -24.05 2.88
C HIS B 33 12.25 -22.77 3.02
N TYR B 34 11.79 -22.46 4.23
CA TYR B 34 10.95 -21.24 4.43
C TYR B 34 11.74 -19.99 4.09
N SER B 35 13.05 -20.05 4.23
CA SER B 35 13.94 -18.90 3.85
C SER B 35 14.03 -18.72 2.31
N ARG B 36 13.48 -19.67 1.53
CA ARG B 36 13.54 -19.63 0.07
C ARG B 36 12.15 -19.43 -0.59
N VAL B 37 11.11 -19.23 0.24
CA VAL B 37 9.75 -18.97 -0.27
C VAL B 37 9.25 -17.76 0.52
N PRO B 38 8.68 -16.76 -0.16
CA PRO B 38 8.10 -15.63 0.59
C PRO B 38 6.98 -16.11 1.49
N ARG B 39 6.90 -15.55 2.69
CA ARG B 39 5.83 -15.95 3.62
C ARG B 39 4.42 -15.84 3.02
N PHE B 40 4.24 -14.85 2.14
CA PHE B 40 3.01 -14.71 1.35
C PHE B 40 2.57 -16.03 0.73
N TYR B 41 3.55 -16.84 0.28
CA TYR B 41 3.27 -18.15 -0.37
C TYR B 41 3.47 -19.38 0.50
N TRP B 42 3.79 -19.22 1.78
CA TRP B 42 4.04 -20.44 2.60
C TRP B 42 2.86 -21.42 2.58
N LYS B 43 1.65 -20.89 2.77
CA LYS B 43 0.46 -21.75 2.82
C LYS B 43 0.21 -22.42 1.46
N ASP B 44 0.40 -21.66 0.38
CA ASP B 44 0.24 -22.22 -0.96
C ASP B 44 1.14 -23.42 -1.15
N ARG B 45 2.44 -23.25 -0.91
CA ARG B 45 3.38 -24.36 -1.07
C ARG B 45 3.07 -25.55 -0.18
N LEU B 46 2.79 -25.24 1.08
CA LEU B 46 2.57 -26.32 2.08
C LEU B 46 1.31 -27.12 1.75
N LEU B 47 0.27 -26.42 1.30
CA LEU B 47 -0.97 -27.12 0.93
C LEU B 47 -0.80 -27.99 -0.33
N LYS B 48 -0.05 -27.53 -1.32
CA LYS B 48 0.27 -28.32 -2.47
C LYS B 48 1.02 -29.59 -2.06
N MET B 49 1.89 -29.45 -1.06
CA MET B 49 2.68 -30.56 -0.50
C MET B 49 1.77 -31.59 0.16
N LYS B 50 0.88 -31.10 1.02
CA LYS B 50 -0.15 -31.94 1.63
C LYS B 50 -0.99 -32.68 0.57
N MET B 51 -1.40 -31.98 -0.48
CA MET B 51 -2.23 -32.60 -1.53
C MET B 51 -1.50 -33.67 -2.36
N ALA B 52 -0.17 -33.62 -2.38
CA ALA B 52 0.65 -34.65 -3.02
C ALA B 52 0.65 -35.96 -2.21
N GLY B 53 0.28 -35.88 -0.95
CA GLY B 53 0.16 -37.08 -0.11
C GLY B 53 1.27 -37.16 0.93
N LEU B 54 2.08 -36.13 1.01
CA LEU B 54 3.11 -36.06 2.05
C LEU B 54 2.44 -35.93 3.42
N ASN B 55 2.99 -36.60 4.43
CA ASN B 55 2.46 -36.44 5.77
C ASN B 55 3.36 -35.64 6.68
N ALA B 56 4.49 -35.22 6.11
CA ALA B 56 5.45 -34.40 6.83
C ALA B 56 6.20 -33.48 5.87
N ILE B 57 6.76 -32.40 6.40
CA ILE B 57 7.72 -31.60 5.66
C ILE B 57 9.03 -31.60 6.44
N GLN B 58 10.12 -31.30 5.74
CA GLN B 58 11.43 -31.17 6.36
C GLN B 58 12.00 -29.84 5.93
N THR B 59 12.66 -29.16 6.87
CA THR B 59 13.19 -27.82 6.67
C THR B 59 14.52 -27.60 7.37
N TYR B 60 15.29 -26.64 6.87
CA TYR B 60 16.53 -26.21 7.53
C TYR B 60 16.25 -24.86 8.22
N VAL B 61 16.94 -24.64 9.35
CA VAL B 61 17.01 -23.33 9.97
C VAL B 61 18.41 -22.71 9.71
N PRO B 62 18.51 -21.75 8.78
CA PRO B 62 19.79 -21.13 8.45
C PRO B 62 20.13 -20.10 9.53
N TRP B 63 21.13 -20.40 10.33
CA TRP B 63 21.52 -19.54 11.43
C TRP B 63 21.77 -18.09 11.01
N ASN B 64 22.43 -17.94 9.86
CA ASN B 64 22.80 -16.62 9.36
C ASN B 64 21.58 -15.82 8.93
N PHE B 65 20.48 -16.52 8.60
CA PHE B 65 19.19 -15.89 8.21
C PHE B 65 18.52 -15.26 9.44
N HIS B 66 18.78 -15.83 10.62
CA HIS B 66 18.18 -15.35 11.86
C HIS B 66 19.07 -14.52 12.77
N GLU B 67 20.40 -14.67 12.69
CA GLU B 67 21.33 -13.89 13.49
C GLU B 67 22.39 -13.19 12.63
N PRO B 68 21.99 -12.08 12.02
CA PRO B 68 22.92 -11.26 11.23
C PRO B 68 24.11 -10.74 12.03
N TRP B 69 23.96 -10.49 13.34
CA TRP B 69 25.04 -10.06 14.25
C TRP B 69 24.85 -10.64 15.62
N PRO B 70 25.96 -10.87 16.35
CA PRO B 70 25.72 -11.50 17.66
C PRO B 70 24.70 -10.71 18.49
N GLY B 71 23.63 -11.38 18.94
CA GLY B 71 22.57 -10.73 19.73
C GLY B 71 21.50 -9.93 18.96
N GLN B 72 21.64 -9.84 17.63
CA GLN B 72 20.64 -9.18 16.79
C GLN B 72 19.86 -10.22 16.00
N TYR B 73 18.59 -10.40 16.35
CA TYR B 73 17.84 -11.53 15.86
C TYR B 73 16.71 -11.12 14.92
N GLN B 74 16.44 -11.99 13.94
CA GLN B 74 15.34 -11.81 12.97
C GLN B 74 14.40 -13.01 13.00
N PHE B 75 13.22 -12.84 13.58
CA PHE B 75 12.24 -13.92 13.71
C PHE B 75 10.84 -13.49 13.30
N SER B 76 10.77 -12.39 12.56
CA SER B 76 9.47 -11.84 12.13
C SER B 76 9.30 -11.85 10.61
N GLU B 77 8.05 -11.72 10.16
CA GLU B 77 7.71 -11.69 8.74
C GLU B 77 8.28 -12.90 8.00
N ASP B 78 9.11 -12.69 6.96
CA ASP B 78 9.71 -13.78 6.17
C ASP B 78 10.71 -14.64 6.98
N HIS B 79 11.10 -14.17 8.17
CA HIS B 79 12.04 -14.88 9.06
C HIS B 79 11.33 -15.63 10.20
N ASP B 80 9.99 -15.71 10.13
CA ASP B 80 9.19 -16.30 11.22
C ASP B 80 9.09 -17.81 11.16
N VAL B 81 10.15 -18.48 11.60
CA VAL B 81 10.22 -19.93 11.56
C VAL B 81 9.14 -20.54 12.46
N GLU B 82 8.90 -19.92 13.63
CA GLU B 82 7.87 -20.41 14.54
C GLU B 82 6.49 -20.43 13.86
N TYR B 83 6.16 -19.35 13.14
CA TYR B 83 4.90 -19.27 12.41
C TYR B 83 4.85 -20.31 11.27
N PHE B 84 5.96 -20.47 10.55
CA PHE B 84 6.04 -21.49 9.49
C PHE B 84 5.68 -22.89 10.03
N LEU B 85 6.27 -23.27 11.15
CA LEU B 85 6.02 -24.58 11.79
C LEU B 85 4.57 -24.69 12.28
N ARG B 86 4.01 -23.57 12.75
CA ARG B 86 2.63 -23.60 13.21
C ARG B 86 1.67 -23.74 12.03
N LEU B 87 2.04 -23.12 10.92
CA LEU B 87 1.27 -23.21 9.70
C LEU B 87 1.26 -24.64 9.17
N ALA B 88 2.43 -25.27 9.15
CA ALA B 88 2.52 -26.70 8.78
C ALA B 88 1.59 -27.59 9.65
N HIS B 89 1.67 -27.42 10.97
CA HIS B 89 0.81 -28.14 11.92
C HIS B 89 -0.68 -27.94 11.66
N GLU B 90 -1.07 -26.69 11.41
CA GLU B 90 -2.48 -26.38 11.12
C GLU B 90 -2.97 -27.12 9.89
N LEU B 91 -2.05 -27.40 8.98
CA LEU B 91 -2.38 -28.14 7.75
C LEU B 91 -2.31 -29.67 7.90
N GLY B 92 -2.04 -30.13 9.13
CA GLY B 92 -1.99 -31.55 9.42
C GLY B 92 -0.66 -32.16 9.03
N LEU B 93 0.37 -31.34 8.84
CA LEU B 93 1.69 -31.82 8.45
C LEU B 93 2.60 -31.89 9.68
N LEU B 94 3.35 -32.97 9.77
CA LEU B 94 4.37 -33.08 10.80
C LEU B 94 5.64 -32.47 10.21
N VAL B 95 6.59 -32.17 11.09
CA VAL B 95 7.83 -31.49 10.66
C VAL B 95 9.07 -32.26 11.11
N ILE B 96 9.99 -32.45 10.18
CA ILE B 96 11.36 -32.88 10.51
C ILE B 96 12.20 -31.61 10.50
N LEU B 97 12.81 -31.27 11.64
CA LEU B 97 13.50 -29.97 11.75
C LEU B 97 15.01 -30.20 11.63
N ARG B 98 15.65 -29.41 10.80
CA ARG B 98 17.11 -29.54 10.66
C ARG B 98 17.82 -28.22 11.01
N PRO B 99 18.10 -28.00 12.30
CA PRO B 99 18.53 -26.68 12.76
C PRO B 99 20.08 -26.46 12.76
N GLY B 100 20.82 -27.39 12.16
CA GLY B 100 22.25 -27.17 11.99
C GLY B 100 23.08 -27.51 13.21
N PRO B 101 24.01 -26.60 13.59
CA PRO B 101 24.10 -25.18 13.16
C PRO B 101 24.65 -24.93 11.75
N TYR B 102 25.26 -25.96 11.17
CA TYR B 102 25.69 -25.93 9.77
C TYR B 102 24.64 -26.75 8.98
N ILE B 103 24.15 -26.20 7.88
CA ILE B 103 23.11 -26.87 7.07
C ILE B 103 23.51 -27.21 5.61
N CYS B 104 24.65 -26.67 5.12
CA CYS B 104 25.10 -26.83 3.71
C CYS B 104 24.10 -26.18 2.73
N ALA B 105 23.22 -26.95 2.10
CA ALA B 105 21.96 -26.44 1.51
C ALA B 105 22.16 -25.45 0.35
N GLU B 106 23.36 -25.39 -0.23
CA GLU B 106 23.60 -24.42 -1.32
C GLU B 106 23.24 -23.00 -0.89
N TRP B 107 23.55 -22.70 0.38
CA TRP B 107 23.15 -21.45 1.00
C TRP B 107 24.39 -20.84 1.53
N GLU B 108 24.50 -19.51 1.50
CA GLU B 108 25.69 -18.80 1.99
C GLU B 108 26.34 -19.44 3.21
N MET B 109 27.59 -19.86 3.03
CA MET B 109 28.48 -20.45 4.07
C MET B 109 27.81 -21.58 4.84
N GLY B 110 26.88 -22.28 4.18
CA GLY B 110 26.26 -23.43 4.80
C GLY B 110 25.39 -23.06 5.98
N GLY B 111 24.89 -21.83 5.96
CA GLY B 111 24.07 -21.28 7.07
C GLY B 111 24.87 -20.64 8.20
N LEU B 112 26.18 -20.84 8.23
CA LEU B 112 27.01 -20.25 9.32
C LEU B 112 27.15 -18.72 9.13
N PRO B 113 27.02 -17.96 10.24
CA PRO B 113 27.19 -16.49 10.12
C PRO B 113 28.64 -16.09 9.84
N ALA B 114 28.79 -15.12 8.93
CA ALA B 114 30.09 -14.66 8.49
C ALA B 114 30.89 -14.03 9.63
N TRP B 115 30.19 -13.48 10.64
CA TRP B 115 30.87 -12.90 11.79
C TRP B 115 31.61 -13.92 12.64
N LEU B 116 31.37 -15.21 12.42
CA LEU B 116 32.23 -16.23 13.05
C LEU B 116 33.70 -16.02 12.67
N LEU B 117 33.92 -15.63 11.41
CA LEU B 117 35.27 -15.37 10.86
C LEU B 117 36.03 -14.19 11.46
N GLU B 118 35.39 -13.44 12.36
CA GLU B 118 36.12 -12.37 13.07
C GLU B 118 37.31 -12.96 13.83
N LYS B 119 37.20 -14.24 14.19
CA LYS B 119 38.36 -15.04 14.61
C LYS B 119 38.93 -15.69 13.34
N GLU B 120 39.98 -15.08 12.77
CA GLU B 120 40.46 -15.53 11.47
C GLU B 120 40.95 -16.98 11.43
N SER B 121 41.48 -17.48 12.55
CA SER B 121 41.93 -18.87 12.66
C SER B 121 40.85 -19.87 13.11
N ILE B 122 39.58 -19.43 13.18
CA ILE B 122 38.53 -20.32 13.72
C ILE B 122 38.44 -21.59 12.89
N LEU B 123 38.22 -22.72 13.55
CA LEU B 123 37.99 -23.96 12.85
C LEU B 123 36.50 -24.25 12.98
N LEU B 124 35.76 -24.03 11.90
CA LEU B 124 34.33 -24.19 11.91
C LEU B 124 33.99 -25.69 12.00
N ARG B 125 32.81 -25.98 12.54
CA ARG B 125 32.32 -27.34 12.69
C ARG B 125 33.34 -28.23 13.47
N SER B 126 33.76 -27.75 14.64
CA SER B 126 34.70 -28.49 15.46
C SER B 126 34.51 -28.06 16.92
N SER B 127 35.36 -28.60 17.82
N SER B 127 35.34 -28.60 17.82
CA SER B 127 35.31 -28.20 19.23
CA SER B 127 35.27 -28.20 19.22
C SER B 127 36.06 -26.92 19.54
C SER B 127 36.10 -26.94 19.54
N ASP B 128 36.52 -26.21 18.50
CA ASP B 128 37.12 -24.87 18.66
C ASP B 128 36.25 -24.09 19.65
N PRO B 129 36.84 -23.58 20.78
CA PRO B 129 35.94 -23.09 21.87
C PRO B 129 35.16 -21.82 21.51
N ASP B 130 35.71 -21.06 20.56
CA ASP B 130 35.02 -19.87 20.08
C ASP B 130 33.84 -20.26 19.20
N TYR B 131 34.04 -21.23 18.33
CA TYR B 131 32.94 -21.81 17.59
C TYR B 131 31.82 -22.38 18.51
N LEU B 132 32.20 -23.22 19.48
CA LEU B 132 31.23 -23.79 20.41
C LEU B 132 30.47 -22.72 21.21
N ALA B 133 31.18 -21.68 21.65
CA ALA B 133 30.58 -20.61 22.44
C ALA B 133 29.49 -19.91 21.65
N ALA B 134 29.78 -19.59 20.40
CA ALA B 134 28.79 -18.93 19.52
C ALA B 134 27.63 -19.89 19.21
N VAL B 135 27.95 -21.15 18.88
CA VAL B 135 26.89 -22.14 18.68
C VAL B 135 25.99 -22.27 19.94
N ASP B 136 26.60 -22.33 21.11
CA ASP B 136 25.82 -22.50 22.33
C ASP B 136 24.85 -21.33 22.53
N LYS B 137 25.34 -20.12 22.30
CA LYS B 137 24.47 -18.97 22.48
C LYS B 137 23.29 -19.03 21.50
N TRP B 138 23.58 -19.39 20.24
CA TRP B 138 22.52 -19.55 19.25
C TRP B 138 21.48 -20.57 19.65
N LEU B 139 21.92 -21.75 20.08
CA LEU B 139 20.98 -22.81 20.42
C LEU B 139 20.16 -22.39 21.62
N GLY B 140 20.77 -21.60 22.50
CA GLY B 140 20.08 -21.03 23.68
C GLY B 140 18.93 -20.07 23.34
N VAL B 141 18.96 -19.51 22.12
CA VAL B 141 17.86 -18.65 21.61
C VAL B 141 16.91 -19.48 20.75
N LEU B 142 17.46 -20.27 19.82
CA LEU B 142 16.61 -21.01 18.88
C LEU B 142 15.86 -22.19 19.54
N LEU B 143 16.56 -23.03 20.29
CA LEU B 143 15.87 -24.27 20.73
C LEU B 143 14.71 -24.07 21.73
N PRO B 144 14.85 -23.15 22.69
CA PRO B 144 13.66 -22.87 23.50
C PRO B 144 12.41 -22.44 22.69
N LYS B 145 12.59 -21.80 21.55
CA LYS B 145 11.44 -21.43 20.72
C LYS B 145 10.88 -22.70 20.06
N MET B 146 11.77 -23.66 19.78
CA MET B 146 11.35 -24.91 19.11
C MET B 146 10.73 -25.90 20.10
N LYS B 147 11.10 -25.78 21.36
CA LYS B 147 10.60 -26.72 22.37
C LYS B 147 9.05 -26.89 22.41
N PRO B 148 8.26 -25.78 22.46
CA PRO B 148 6.79 -26.00 22.44
C PRO B 148 6.25 -26.49 21.07
N LEU B 149 7.08 -26.48 20.04
CA LEU B 149 6.68 -27.00 18.75
C LEU B 149 7.01 -28.51 18.59
N LEU B 150 7.67 -29.11 19.57
CA LEU B 150 7.88 -30.55 19.58
C LEU B 150 6.55 -31.30 19.68
N TYR B 151 6.49 -32.45 19.03
CA TYR B 151 5.26 -33.23 18.99
C TYR B 151 4.72 -33.50 20.40
N GLN B 152 5.60 -33.92 21.32
CA GLN B 152 5.17 -34.19 22.70
C GLN B 152 4.53 -32.99 23.41
N ASN B 153 4.83 -31.79 22.95
CA ASN B 153 4.31 -30.58 23.59
C ASN B 153 3.16 -29.95 22.83
N GLY B 154 2.65 -30.65 21.82
CA GLY B 154 1.47 -30.22 21.07
C GLY B 154 1.75 -29.63 19.70
N GLY B 155 3.01 -29.63 19.30
CA GLY B 155 3.40 -29.07 17.99
C GLY B 155 3.71 -30.16 16.96
N PRO B 156 4.28 -29.78 15.80
CA PRO B 156 4.44 -30.75 14.71
C PRO B 156 5.77 -31.48 14.59
N VAL B 157 6.79 -31.03 15.32
CA VAL B 157 8.18 -31.47 15.13
C VAL B 157 8.34 -32.85 15.76
N ILE B 158 8.60 -33.82 14.89
CA ILE B 158 8.69 -35.22 15.30
C ILE B 158 10.15 -35.67 15.48
N THR B 159 11.07 -35.11 14.69
CA THR B 159 12.50 -35.51 14.78
C THR B 159 13.33 -34.25 14.47
N VAL B 160 14.55 -34.19 14.98
CA VAL B 160 15.39 -33.04 14.82
C VAL B 160 16.78 -33.55 14.39
N GLN B 161 17.32 -33.01 13.30
CA GLN B 161 18.64 -33.40 12.84
C GLN B 161 19.73 -32.63 13.57
N VAL B 162 20.79 -33.34 13.98
CA VAL B 162 21.96 -32.70 14.57
C VAL B 162 23.08 -32.56 13.53
N GLU B 163 23.58 -31.35 13.35
CA GLU B 163 24.57 -31.05 12.32
C GLU B 163 24.02 -31.47 10.93
N ASN B 164 24.90 -31.74 9.98
CA ASN B 164 24.46 -32.08 8.63
C ASN B 164 25.56 -32.70 7.79
N GLU B 165 25.51 -34.01 7.58
CA GLU B 165 26.56 -34.74 6.85
C GLU B 165 27.91 -34.41 7.44
N TYR B 166 27.98 -34.43 8.76
CA TYR B 166 29.28 -34.17 9.40
C TYR B 166 30.36 -35.12 8.89
N GLY B 167 29.94 -36.31 8.45
CA GLY B 167 30.87 -37.37 8.01
C GLY B 167 31.58 -37.01 6.71
N SER B 168 31.03 -36.02 6.01
CA SER B 168 31.66 -35.51 4.79
C SER B 168 32.77 -34.46 5.05
N TYR B 169 32.81 -33.90 6.27
CA TYR B 169 33.80 -32.88 6.67
C TYR B 169 35.11 -33.49 7.16
N PHE B 170 36.21 -32.76 7.02
CA PHE B 170 37.53 -33.31 7.38
C PHE B 170 37.81 -33.48 8.88
N ALA B 171 37.22 -32.61 9.70
CA ALA B 171 37.66 -32.46 11.10
C ALA B 171 37.47 -33.72 11.94
N CYS B 172 36.34 -34.41 11.73
CA CYS B 172 36.02 -35.64 12.45
C CYS B 172 36.13 -35.44 13.96
N ASP B 173 35.60 -34.31 14.42
CA ASP B 173 35.64 -33.94 15.82
C ASP B 173 34.38 -34.49 16.53
N PHE B 174 34.52 -35.67 17.17
CA PHE B 174 33.41 -36.27 17.90
C PHE B 174 33.02 -35.47 19.17
N ASP B 175 33.97 -34.73 19.76
CA ASP B 175 33.66 -33.89 20.89
C ASP B 175 32.62 -32.80 20.50
N TYR B 176 32.76 -32.26 19.30
CA TYR B 176 31.77 -31.31 18.75
C TYR B 176 30.37 -31.92 18.67
N LEU B 177 30.30 -33.13 18.11
CA LEU B 177 29.01 -33.84 18.00
C LEU B 177 28.41 -34.14 19.37
N ARG B 178 29.25 -34.63 20.31
CA ARG B 178 28.75 -34.81 21.67
C ARG B 178 28.26 -33.50 22.30
N PHE B 179 28.96 -32.41 22.00
CA PHE B 179 28.55 -31.13 22.55
C PHE B 179 27.14 -30.77 22.05
N LEU B 180 26.92 -30.87 20.73
CA LEU B 180 25.58 -30.66 20.16
C LEU B 180 24.54 -31.55 20.79
N GLN B 181 24.82 -32.86 20.83
CA GLN B 181 23.91 -33.80 21.47
C GLN B 181 23.45 -33.31 22.87
N LYS B 182 24.43 -33.02 23.73
CA LYS B 182 24.20 -32.51 25.08
C LYS B 182 23.33 -31.25 25.11
N ARG B 183 23.65 -30.27 24.26
CA ARG B 183 22.91 -29.00 24.25
C ARG B 183 21.51 -29.16 23.68
N PHE B 184 21.38 -29.97 22.63
CA PHE B 184 20.06 -30.21 22.05
C PHE B 184 19.17 -30.86 23.09
N ARG B 185 19.72 -31.84 23.83
CA ARG B 185 18.99 -32.52 24.92
C ARG B 185 18.61 -31.58 26.08
N HIS B 186 19.54 -30.71 26.46
CA HIS B 186 19.32 -29.69 27.48
C HIS B 186 18.11 -28.83 27.21
N HIS B 187 17.95 -28.40 25.96
CA HIS B 187 16.91 -27.46 25.58
C HIS B 187 15.65 -28.13 25.16
N LEU B 188 15.73 -29.33 24.60
CA LEU B 188 14.57 -29.96 23.98
C LEU B 188 14.03 -31.14 24.78
N GLY B 189 14.83 -31.63 25.75
CA GLY B 189 14.40 -32.73 26.64
C GLY B 189 14.90 -34.09 26.16
N ASP B 190 14.63 -35.14 26.93
CA ASP B 190 15.14 -36.49 26.64
C ASP B 190 14.30 -37.36 25.69
N ASP B 191 13.14 -36.87 25.25
CA ASP B 191 12.23 -37.67 24.43
C ASP B 191 12.42 -37.45 22.93
N VAL B 192 12.76 -36.23 22.55
CA VAL B 192 12.76 -35.86 21.13
C VAL B 192 13.73 -36.78 20.39
N VAL B 193 13.28 -37.28 19.25
CA VAL B 193 14.13 -38.07 18.37
C VAL B 193 15.18 -37.15 17.73
N LEU B 194 16.46 -37.45 18.00
CA LEU B 194 17.59 -36.72 17.37
C LEU B 194 18.32 -37.67 16.46
N PHE B 195 18.70 -37.18 15.28
CA PHE B 195 19.29 -38.05 14.25
C PHE B 195 20.35 -37.31 13.44
N THR B 196 21.15 -38.08 12.71
CA THR B 196 22.14 -37.52 11.80
C THR B 196 21.76 -37.98 10.39
N THR B 197 22.27 -37.26 9.40
CA THR B 197 22.22 -37.68 8.00
C THR B 197 23.60 -37.62 7.37
N ASP B 198 23.99 -38.71 6.70
CA ASP B 198 25.25 -38.77 5.97
C ASP B 198 25.08 -39.55 4.67
N GLY B 199 26.07 -39.43 3.79
CA GLY B 199 26.17 -40.24 2.57
C GLY B 199 26.09 -41.72 2.92
N ALA B 200 25.51 -42.50 2.01
CA ALA B 200 25.16 -43.91 2.28
C ALA B 200 26.35 -44.82 2.02
N HIS B 201 27.40 -44.62 2.80
CA HIS B 201 28.63 -45.39 2.69
C HIS B 201 29.42 -45.31 3.96
N LYS B 202 30.11 -46.40 4.32
CA LYS B 202 30.83 -46.45 5.59
C LYS B 202 31.86 -45.33 5.73
N THR B 203 32.45 -44.89 4.62
CA THR B 203 33.45 -43.81 4.67
C THR B 203 32.88 -42.47 5.14
N PHE B 204 31.57 -42.25 4.91
CA PHE B 204 30.90 -41.01 5.41
C PHE B 204 30.34 -41.21 6.82
N LEU B 205 29.87 -42.43 7.12
CA LEU B 205 29.20 -42.73 8.39
C LEU B 205 30.21 -42.82 9.52
N LYS B 206 31.45 -43.13 9.13
CA LYS B 206 32.59 -43.20 10.05
C LYS B 206 32.65 -42.00 11.01
N CYS B 207 32.58 -40.79 10.46
CA CYS B 207 32.72 -39.57 11.25
C CYS B 207 31.40 -38.83 11.48
N GLY B 208 30.34 -39.26 10.79
CA GLY B 208 29.04 -38.59 10.90
C GLY B 208 28.14 -39.14 11.99
N ALA B 209 28.31 -40.42 12.30
CA ALA B 209 27.44 -41.11 13.27
C ALA B 209 27.95 -40.96 14.70
N LEU B 210 27.01 -40.94 15.64
CA LEU B 210 27.34 -40.83 17.05
C LEU B 210 26.37 -41.68 17.88
N GLN B 211 26.86 -42.28 18.95
CA GLN B 211 25.99 -42.98 19.88
C GLN B 211 24.96 -41.99 20.42
N GLY B 212 23.70 -42.41 20.54
CA GLY B 212 22.61 -41.53 20.97
C GLY B 212 21.96 -40.65 19.90
N LEU B 213 22.51 -40.61 18.69
CA LEU B 213 21.91 -39.93 17.53
C LEU B 213 21.55 -41.01 16.51
N TYR B 214 20.29 -41.09 16.14
CA TYR B 214 19.89 -42.12 15.21
C TYR B 214 20.48 -41.89 13.81
N THR B 215 21.14 -42.91 13.25
CA THR B 215 21.91 -42.70 12.03
C THR B 215 21.03 -42.90 10.80
N THR B 216 20.90 -41.85 9.98
CA THR B 216 20.19 -41.92 8.71
C THR B 216 21.14 -41.63 7.54
N VAL B 217 20.70 -41.98 6.33
CA VAL B 217 21.50 -41.78 5.12
C VAL B 217 20.75 -40.91 4.11
N ASP B 218 21.47 -40.51 3.07
CA ASP B 218 20.82 -39.87 1.92
C ASP B 218 21.35 -40.50 0.64
N PHE B 219 20.56 -40.44 -0.41
CA PHE B 219 20.98 -40.96 -1.73
C PHE B 219 19.88 -40.64 -2.71
N GLY B 220 20.23 -40.56 -3.99
CA GLY B 220 19.26 -40.24 -5.01
C GLY B 220 19.03 -41.40 -5.95
N THR B 221 18.59 -41.07 -7.17
CA THR B 221 18.11 -42.04 -8.17
C THR B 221 19.20 -42.89 -8.82
N GLY B 222 20.47 -42.53 -8.65
CA GLY B 222 21.56 -43.31 -9.24
C GLY B 222 22.14 -44.36 -8.30
N SER B 223 21.71 -44.37 -7.04
CA SER B 223 22.29 -45.25 -6.04
C SER B 223 21.53 -46.57 -5.94
N ASN B 224 22.26 -47.63 -5.66
CA ASN B 224 21.66 -48.93 -5.41
C ASN B 224 20.99 -48.83 -4.04
N ILE B 225 19.68 -48.95 -4.02
CA ILE B 225 18.91 -48.81 -2.78
C ILE B 225 19.29 -49.85 -1.73
N THR B 226 19.44 -51.11 -2.14
CA THR B 226 19.81 -52.17 -1.22
C THR B 226 21.13 -51.83 -0.52
N ASP B 227 22.14 -51.44 -1.31
CA ASP B 227 23.47 -51.14 -0.77
C ASP B 227 23.42 -49.91 0.18
N ALA B 228 22.56 -48.95 -0.17
CA ALA B 228 22.45 -47.72 0.60
C ALA B 228 21.84 -48.02 1.96
N PHE B 229 20.74 -48.76 1.98
CA PHE B 229 20.08 -49.14 3.24
C PHE B 229 20.90 -50.14 4.06
N LEU B 230 21.64 -51.02 3.39
CA LEU B 230 22.59 -51.86 4.12
C LEU B 230 23.62 -51.02 4.87
N SER B 231 24.11 -49.94 4.26
CA SER B 231 25.05 -49.06 5.00
C SER B 231 24.43 -48.46 6.27
N GLN B 232 23.14 -48.08 6.18
CA GLN B 232 22.43 -47.53 7.35
C GLN B 232 22.21 -48.61 8.39
N ARG B 233 21.76 -49.78 7.93
CA ARG B 233 21.40 -50.92 8.79
C ARG B 233 22.61 -51.40 9.60
N LYS B 234 23.81 -51.17 9.06
CA LYS B 234 25.07 -51.54 9.72
C LYS B 234 25.33 -50.61 10.91
N CYS B 235 24.94 -49.34 10.81
CA CYS B 235 25.00 -48.41 11.96
C CYS B 235 23.84 -48.55 12.91
N GLU B 236 22.66 -48.89 12.38
CA GLU B 236 21.46 -49.04 13.21
C GLU B 236 20.79 -50.39 12.94
N PRO B 237 21.26 -51.44 13.65
CA PRO B 237 20.68 -52.76 13.46
C PRO B 237 19.17 -52.79 13.65
N LYS B 238 18.63 -51.89 14.48
CA LYS B 238 17.20 -51.83 14.77
C LYS B 238 16.67 -50.40 14.64
N GLY B 239 15.42 -50.28 14.19
CA GLY B 239 14.85 -48.96 13.90
C GLY B 239 14.51 -48.78 12.42
N PRO B 240 13.88 -47.64 12.08
CA PRO B 240 13.41 -47.46 10.70
C PRO B 240 14.56 -47.26 9.69
N LEU B 241 14.38 -47.79 8.48
CA LEU B 241 15.17 -47.30 7.36
C LEU B 241 14.72 -45.86 7.06
N ILE B 242 15.69 -44.96 6.86
CA ILE B 242 15.38 -43.54 6.60
C ILE B 242 16.33 -42.98 5.56
N ASN B 243 15.76 -42.47 4.46
CA ASN B 243 16.52 -41.72 3.48
C ASN B 243 16.08 -40.26 3.68
N SER B 244 16.95 -39.47 4.31
CA SER B 244 16.65 -38.10 4.66
C SER B 244 16.71 -37.10 3.51
N GLU B 245 17.37 -37.46 2.40
CA GLU B 245 17.46 -36.58 1.23
C GLU B 245 17.47 -37.47 -0.01
N PHE B 246 16.28 -37.82 -0.48
CA PHE B 246 16.09 -38.58 -1.69
C PHE B 246 15.97 -37.52 -2.78
N TYR B 247 17.00 -37.42 -3.61
CA TYR B 247 17.09 -36.29 -4.53
C TYR B 247 16.14 -36.37 -5.70
N THR B 248 15.31 -35.35 -5.81
CA THR B 248 14.31 -35.26 -6.88
C THR B 248 14.90 -34.53 -8.11
N GLY B 249 16.06 -33.92 -7.92
CA GLY B 249 16.67 -33.02 -8.89
C GLY B 249 18.10 -32.81 -8.43
N TRP B 250 18.72 -31.74 -8.89
CA TRP B 250 20.02 -31.38 -8.35
C TRP B 250 20.21 -29.87 -8.42
N LEU B 251 21.29 -29.39 -7.81
CA LEU B 251 21.67 -27.98 -7.79
C LEU B 251 22.36 -27.54 -9.09
N ASP B 252 22.48 -26.23 -9.26
CA ASP B 252 23.02 -25.65 -10.47
C ASP B 252 24.24 -24.81 -10.12
N HIS B 253 25.09 -24.52 -11.10
CA HIS B 253 26.10 -23.46 -11.00
C HIS B 253 25.98 -22.52 -12.15
N TRP B 254 26.29 -21.25 -11.95
CA TRP B 254 26.35 -20.32 -13.11
C TRP B 254 27.31 -20.88 -14.13
N GLY B 255 26.94 -20.79 -15.40
CA GLY B 255 27.80 -21.23 -16.51
C GLY B 255 27.76 -22.72 -16.81
N GLN B 256 26.96 -23.48 -16.06
CA GLN B 256 26.74 -24.91 -16.30
C GLN B 256 25.30 -25.18 -16.73
N PRO B 257 25.06 -26.27 -17.52
CA PRO B 257 23.65 -26.45 -17.91
C PRO B 257 22.78 -26.72 -16.68
N HIS B 258 21.52 -26.31 -16.76
CA HIS B 258 20.56 -26.53 -15.73
C HIS B 258 20.42 -28.01 -15.49
N SER B 259 20.56 -28.41 -14.22
CA SER B 259 20.42 -29.81 -13.80
C SER B 259 18.99 -30.28 -13.82
N THR B 260 18.79 -31.49 -14.35
CA THR B 260 17.46 -32.13 -14.33
C THR B 260 17.55 -33.60 -13.96
N ILE B 261 16.51 -34.12 -13.30
CA ILE B 261 16.38 -35.56 -13.14
C ILE B 261 15.03 -35.98 -13.72
N LYS B 262 15.04 -37.04 -14.55
CA LYS B 262 13.80 -37.50 -15.17
C LYS B 262 12.76 -37.94 -14.13
N THR B 263 11.53 -37.56 -14.40
CA THR B 263 10.40 -37.97 -13.56
C THR B 263 10.40 -39.48 -13.31
N GLU B 264 10.60 -40.25 -14.37
CA GLU B 264 10.47 -41.72 -14.27
C GLU B 264 11.47 -42.29 -13.28
N ALA B 265 12.68 -41.69 -13.25
CA ALA B 265 13.73 -42.14 -12.33
C ALA B 265 13.37 -41.83 -10.88
N VAL B 266 12.75 -40.67 -10.65
CA VAL B 266 12.38 -40.31 -9.28
C VAL B 266 11.20 -41.17 -8.85
N ALA B 267 10.22 -41.35 -9.74
CA ALA B 267 9.04 -42.09 -9.34
C ALA B 267 9.38 -43.56 -9.04
N SER B 268 10.21 -44.15 -9.88
N SER B 268 10.21 -44.17 -9.88
CA SER B 268 10.57 -45.57 -9.72
CA SER B 268 10.55 -45.57 -9.70
C SER B 268 11.36 -45.80 -8.45
C SER B 268 11.34 -45.78 -8.41
N SER B 269 12.35 -44.94 -8.19
CA SER B 269 13.11 -45.02 -6.95
C SER B 269 12.26 -44.76 -5.71
N LEU B 270 11.36 -43.77 -5.77
CA LEU B 270 10.45 -43.49 -4.67
C LEU B 270 9.63 -44.72 -4.32
N TYR B 271 9.00 -45.33 -5.33
CA TYR B 271 8.25 -46.56 -5.12
C TYR B 271 9.06 -47.62 -4.40
N ASP B 272 10.26 -47.85 -4.91
CA ASP B 272 11.19 -48.84 -4.34
C ASP B 272 11.53 -48.57 -2.87
N ILE B 273 11.83 -47.32 -2.56
CA ILE B 273 12.09 -46.90 -1.18
C ILE B 273 10.88 -47.14 -0.28
N LEU B 274 9.70 -46.69 -0.72
CA LEU B 274 8.45 -46.84 0.05
C LEU B 274 8.11 -48.31 0.26
N ALA B 275 8.35 -49.14 -0.77
CA ALA B 275 8.07 -50.58 -0.68
C ALA B 275 8.94 -51.30 0.35
N ARG B 276 10.06 -50.68 0.71
CA ARG B 276 10.95 -51.21 1.74
C ARG B 276 10.50 -50.87 3.14
N GLY B 277 9.40 -50.12 3.25
CA GLY B 277 8.86 -49.69 4.54
C GLY B 277 9.65 -48.51 5.10
N ALA B 278 10.55 -47.95 4.30
CA ALA B 278 11.38 -46.84 4.76
C ALA B 278 10.58 -45.57 4.93
N SER B 279 11.01 -44.72 5.86
CA SER B 279 10.58 -43.32 5.87
C SER B 279 11.47 -42.57 4.89
N VAL B 280 10.92 -41.58 4.21
CA VAL B 280 11.74 -40.89 3.24
C VAL B 280 11.40 -39.41 3.16
N ASN B 281 12.42 -38.61 2.88
CA ASN B 281 12.22 -37.23 2.56
C ASN B 281 12.72 -36.88 1.16
N LEU B 282 11.86 -36.29 0.36
CA LEU B 282 12.20 -35.79 -1.01
C LEU B 282 12.89 -34.43 -0.96
N TYR B 283 14.16 -34.35 -1.40
CA TYR B 283 14.96 -33.12 -1.37
C TYR B 283 15.23 -32.77 -2.86
N MET B 284 14.72 -31.64 -3.38
CA MET B 284 13.76 -30.73 -2.74
C MET B 284 12.35 -31.09 -3.18
N PHE B 285 11.35 -30.64 -2.42
CA PHE B 285 10.01 -30.78 -2.91
C PHE B 285 9.61 -29.54 -3.62
N ILE B 286 9.78 -28.41 -2.95
CA ILE B 286 9.89 -27.16 -3.71
C ILE B 286 11.24 -26.58 -3.34
N GLY B 287 11.97 -26.07 -4.32
CA GLY B 287 13.23 -25.38 -4.01
C GLY B 287 13.13 -23.91 -3.75
N GLY B 288 12.43 -23.17 -4.65
CA GLY B 288 12.23 -21.76 -4.47
C GLY B 288 13.42 -20.96 -4.96
N THR B 289 13.81 -19.97 -4.17
CA THR B 289 14.69 -18.92 -4.66
C THR B 289 15.69 -18.54 -3.58
N ASN B 290 16.92 -18.25 -4.02
CA ASN B 290 17.95 -17.58 -3.21
C ASN B 290 17.84 -16.06 -3.47
N PHE B 291 17.06 -15.37 -2.64
CA PHE B 291 16.81 -13.96 -2.85
C PHE B 291 18.07 -13.26 -2.36
N ALA B 292 18.25 -11.99 -2.74
CA ALA B 292 19.35 -11.18 -2.21
C ALA B 292 20.70 -11.91 -2.44
N TYR B 293 21.45 -12.14 -1.38
CA TYR B 293 22.79 -12.77 -1.47
C TYR B 293 22.90 -14.14 -0.83
N TRP B 294 21.77 -14.83 -0.68
CA TRP B 294 21.76 -16.07 0.12
C TRP B 294 22.28 -17.32 -0.53
N ASN B 295 22.60 -17.27 -1.82
CA ASN B 295 23.19 -18.44 -2.49
C ASN B 295 24.54 -18.82 -1.88
N GLY B 296 24.95 -20.06 -2.09
CA GLY B 296 26.30 -20.46 -1.72
C GLY B 296 27.17 -20.77 -2.93
N ALA B 297 28.14 -21.66 -2.72
CA ALA B 297 29.14 -21.92 -3.70
C ALA B 297 29.81 -23.24 -3.38
N ASN B 298 30.42 -23.86 -4.40
CA ASN B 298 31.29 -25.03 -4.24
C ASN B 298 32.73 -24.72 -4.54
N SER B 299 33.63 -25.60 -4.10
N SER B 299 33.63 -25.59 -4.06
CA SER B 299 35.05 -25.47 -4.33
CA SER B 299 35.08 -25.50 -4.30
C SER B 299 35.49 -26.61 -5.25
C SER B 299 35.46 -26.61 -5.28
N PRO B 300 36.33 -26.30 -6.27
CA PRO B 300 36.92 -25.01 -6.61
C PRO B 300 35.84 -23.98 -6.98
N TYR B 301 36.09 -22.71 -6.66
CA TYR B 301 35.00 -21.73 -6.62
C TYR B 301 34.05 -21.70 -7.79
N ALA B 302 32.79 -22.02 -7.48
CA ALA B 302 31.69 -21.96 -8.47
C ALA B 302 30.43 -21.61 -7.71
N ALA B 303 29.87 -20.45 -7.96
CA ALA B 303 28.66 -20.08 -7.22
C ALA B 303 27.38 -20.70 -7.81
N GLN B 304 26.45 -21.11 -6.94
CA GLN B 304 25.11 -21.49 -7.41
C GLN B 304 24.28 -20.25 -7.73
N PRO B 305 23.34 -20.34 -8.68
CA PRO B 305 22.62 -19.16 -9.11
C PRO B 305 21.47 -18.72 -8.19
N THR B 306 20.71 -17.73 -8.63
CA THR B 306 19.57 -17.17 -7.84
C THR B 306 18.42 -18.17 -7.68
N SER B 307 18.07 -18.80 -8.79
CA SER B 307 17.03 -19.79 -8.83
C SER B 307 17.47 -21.02 -8.05
N TYR B 308 16.62 -21.48 -7.15
CA TYR B 308 16.82 -22.79 -6.56
C TYR B 308 15.70 -23.74 -7.03
N ASP B 309 15.32 -23.60 -8.30
CA ASP B 309 14.27 -24.46 -8.84
C ASP B 309 14.53 -25.95 -8.58
N TYR B 310 15.78 -26.36 -8.77
CA TYR B 310 16.25 -27.71 -8.39
C TYR B 310 15.73 -28.79 -9.33
N ASP B 311 14.91 -28.42 -10.33
CA ASP B 311 14.06 -29.38 -11.03
C ASP B 311 13.15 -30.16 -10.08
N ALA B 312 12.69 -29.48 -9.02
CA ALA B 312 11.83 -30.08 -7.97
C ALA B 312 10.42 -30.32 -8.51
N PRO B 313 9.66 -31.20 -7.84
CA PRO B 313 8.29 -31.46 -8.31
C PRO B 313 7.41 -30.17 -8.30
N LEU B 314 7.67 -29.25 -7.37
CA LEU B 314 7.04 -27.92 -7.48
C LEU B 314 8.11 -26.99 -7.99
N SER B 315 7.75 -26.20 -9.03
CA SER B 315 8.72 -25.32 -9.66
C SER B 315 9.03 -24.16 -8.74
N GLU B 316 9.99 -23.34 -9.15
CA GLU B 316 10.46 -22.25 -8.32
C GLU B 316 9.26 -21.37 -7.83
N ALA B 317 8.35 -21.07 -8.74
CA ALA B 317 7.20 -20.25 -8.45
C ALA B 317 6.04 -21.05 -7.88
N GLY B 318 6.30 -22.33 -7.59
CA GLY B 318 5.28 -23.18 -6.93
C GLY B 318 4.39 -23.96 -7.91
N ASP B 319 4.75 -24.05 -9.20
CA ASP B 319 3.88 -24.69 -10.17
C ASP B 319 3.81 -26.19 -10.00
N LEU B 320 2.62 -26.73 -10.20
CA LEU B 320 2.43 -28.16 -10.31
C LEU B 320 3.13 -28.55 -11.62
N THR B 321 3.95 -29.60 -11.57
CA THR B 321 4.66 -30.13 -12.75
C THR B 321 4.23 -31.58 -13.02
N GLU B 322 4.71 -32.16 -14.13
CA GLU B 322 4.37 -33.56 -14.32
C GLU B 322 5.02 -34.42 -13.24
N LYS B 323 6.18 -34.00 -12.76
CA LYS B 323 6.86 -34.74 -11.72
C LYS B 323 6.01 -34.75 -10.44
N TYR B 324 5.36 -33.63 -10.14
CA TYR B 324 4.45 -33.55 -8.99
C TYR B 324 3.36 -34.63 -9.05
N PHE B 325 2.68 -34.76 -10.20
CA PHE B 325 1.59 -35.71 -10.30
C PHE B 325 2.11 -37.13 -10.32
N ALA B 326 3.26 -37.34 -10.95
CA ALA B 326 3.84 -38.68 -10.97
C ALA B 326 4.17 -39.15 -9.55
N LEU B 327 4.71 -38.25 -8.71
CA LEU B 327 5.08 -38.59 -7.33
C LEU B 327 3.86 -38.77 -6.41
N ARG B 328 2.86 -37.93 -6.60
CA ARG B 328 1.55 -38.10 -5.96
C ARG B 328 0.97 -39.46 -6.35
N ASN B 329 1.04 -39.82 -7.64
CA ASN B 329 0.55 -41.13 -8.07
C ASN B 329 1.25 -42.31 -7.37
N ILE B 330 2.56 -42.20 -7.20
CA ILE B 330 3.31 -43.21 -6.43
C ILE B 330 2.85 -43.30 -4.97
N ILE B 331 2.70 -42.15 -4.32
CA ILE B 331 2.33 -42.15 -2.90
C ILE B 331 0.98 -42.83 -2.71
N GLN B 332 0.06 -42.56 -3.64
CA GLN B 332 -1.26 -43.18 -3.66
C GLN B 332 -1.27 -44.71 -3.65
N LYS B 333 -0.19 -45.31 -4.16
CA LYS B 333 -0.06 -46.76 -4.15
C LYS B 333 0.17 -47.32 -2.75
N PHE B 334 0.60 -46.47 -1.82
CA PHE B 334 0.87 -46.88 -0.43
C PHE B 334 -0.10 -46.25 0.56
N GLU B 335 -0.55 -45.05 0.22
CA GLU B 335 -1.32 -44.20 1.12
C GLU B 335 -2.47 -43.62 0.36
N LYS B 336 -3.56 -43.38 1.08
CA LYS B 336 -4.62 -42.54 0.59
C LYS B 336 -4.11 -41.09 0.64
N VAL B 337 -4.32 -40.33 -0.41
CA VAL B 337 -3.94 -38.91 -0.40
C VAL B 337 -5.22 -38.07 -0.22
N PRO B 338 -5.10 -36.80 0.19
CA PRO B 338 -6.30 -36.03 0.52
C PRO B 338 -7.23 -35.77 -0.67
N GLU B 339 -8.51 -35.56 -0.39
CA GLU B 339 -9.50 -35.34 -1.43
C GLU B 339 -9.64 -33.88 -1.83
N GLY B 340 -10.19 -33.68 -3.02
CA GLY B 340 -10.54 -32.36 -3.49
C GLY B 340 -9.52 -31.82 -4.49
N PRO B 341 -9.88 -30.74 -5.17
CA PRO B 341 -8.98 -30.11 -6.12
C PRO B 341 -7.71 -29.52 -5.44
N ILE B 342 -6.60 -29.50 -6.16
CA ILE B 342 -5.28 -29.06 -5.65
C ILE B 342 -5.11 -27.58 -6.00
N PRO B 343 -4.65 -26.72 -5.04
CA PRO B 343 -4.45 -25.30 -5.39
C PRO B 343 -3.60 -25.18 -6.66
N PRO B 344 -3.95 -24.23 -7.55
CA PRO B 344 -3.34 -24.22 -8.87
C PRO B 344 -1.96 -23.59 -8.89
N SER B 345 -1.23 -23.79 -10.00
CA SER B 345 -0.08 -22.94 -10.32
C SER B 345 -0.59 -21.51 -10.43
N THR B 346 0.16 -20.56 -9.86
CA THR B 346 -0.33 -19.17 -9.89
C THR B 346 -0.41 -18.67 -11.32
N PRO B 347 -1.35 -17.77 -11.61
CA PRO B 347 -1.27 -17.08 -12.89
C PRO B 347 0.02 -16.24 -12.99
N LYS B 348 0.57 -16.12 -14.20
CA LYS B 348 1.77 -15.32 -14.48
C LYS B 348 1.41 -14.29 -15.56
N PHE B 349 1.97 -13.09 -15.42
CA PHE B 349 1.59 -11.98 -16.29
C PHE B 349 2.85 -11.32 -16.90
N ALA B 350 2.81 -11.11 -18.21
CA ALA B 350 3.90 -10.41 -18.89
C ALA B 350 3.61 -8.92 -18.87
N TYR B 351 4.14 -8.23 -17.87
CA TYR B 351 4.04 -6.75 -17.82
C TYR B 351 4.73 -6.06 -19.03
N GLY B 352 5.55 -6.82 -19.75
CA GLY B 352 6.30 -6.27 -20.90
C GLY B 352 7.56 -5.45 -20.60
N LYS B 353 7.93 -4.59 -21.54
CA LYS B 353 9.15 -3.83 -21.45
C LYS B 353 8.98 -2.63 -20.55
N VAL B 354 9.96 -2.41 -19.68
CA VAL B 354 10.00 -1.22 -18.83
C VAL B 354 11.33 -0.56 -19.01
N THR B 355 11.32 0.70 -19.42
CA THR B 355 12.57 1.42 -19.67
C THR B 355 13.18 1.86 -18.35
N LEU B 356 14.50 1.85 -18.29
CA LEU B 356 15.26 2.32 -17.14
C LEU B 356 16.17 3.47 -17.58
N GLU B 357 16.67 4.22 -16.61
CA GLU B 357 17.68 5.24 -16.88
C GLU B 357 18.71 5.25 -15.80
N LYS B 358 19.93 5.54 -16.19
CA LYS B 358 21.04 5.58 -15.25
C LYS B 358 20.75 6.68 -14.23
N LEU B 359 20.88 6.37 -12.95
CA LEU B 359 20.64 7.38 -11.93
C LEU B 359 21.95 7.93 -11.44
N LYS B 360 22.83 7.04 -10.99
CA LYS B 360 24.14 7.41 -10.47
C LYS B 360 25.09 6.23 -10.54
N THR B 361 26.39 6.49 -10.70
CA THR B 361 27.38 5.41 -10.57
C THR B 361 27.55 5.06 -9.10
N VAL B 362 28.05 3.87 -8.84
CA VAL B 362 28.43 3.45 -7.45
C VAL B 362 29.40 4.47 -6.88
N GLY B 363 30.35 4.91 -7.72
CA GLY B 363 31.33 5.92 -7.34
C GLY B 363 30.71 7.24 -6.90
N ALA B 364 29.65 7.68 -7.57
CA ALA B 364 29.00 8.94 -7.22
C ALA B 364 28.02 8.78 -6.07
N ALA B 365 27.70 7.52 -5.73
CA ALA B 365 26.77 7.21 -4.63
C ALA B 365 27.43 6.83 -3.28
N LEU B 366 28.72 7.12 -3.15
CA LEU B 366 29.48 6.72 -1.96
C LEU B 366 28.95 7.30 -0.67
N ASP B 367 28.49 8.55 -0.69
CA ASP B 367 27.97 9.17 0.52
C ASP B 367 26.73 8.46 1.07
N ILE B 368 25.82 8.08 0.18
CA ILE B 368 24.61 7.35 0.62
C ILE B 368 24.88 5.86 0.90
N LEU B 369 25.84 5.28 0.19
CA LEU B 369 26.18 3.88 0.37
C LEU B 369 27.06 3.66 1.60
N CYS B 370 27.81 4.69 1.99
CA CYS B 370 28.73 4.55 3.13
C CYS B 370 28.63 5.75 4.09
N PRO B 371 27.47 5.90 4.76
CA PRO B 371 27.21 7.15 5.47
C PRO B 371 28.05 7.32 6.75
N SER B 372 28.63 6.24 7.26
CA SER B 372 29.55 6.34 8.41
C SER B 372 31.00 6.65 8.01
N GLY B 373 31.30 6.72 6.71
CA GLY B 373 32.67 6.94 6.29
C GLY B 373 33.45 5.64 6.07
N PRO B 374 34.50 5.70 5.26
CA PRO B 374 35.34 4.55 4.93
C PRO B 374 36.27 4.15 6.07
N ILE B 375 36.92 3.00 5.92
CA ILE B 375 38.01 2.67 6.82
C ILE B 375 39.36 2.68 6.10
N LYS B 376 40.34 3.37 6.70
CA LYS B 376 41.68 3.52 6.10
C LYS B 376 42.57 2.38 6.57
N SER B 377 43.35 1.82 5.66
CA SER B 377 44.19 0.67 6.01
C SER B 377 45.43 0.68 5.15
N LEU B 378 46.56 0.26 5.72
CA LEU B 378 47.80 0.14 4.93
C LEU B 378 47.67 -0.89 3.78
N TYR B 379 47.14 -2.08 4.10
CA TYR B 379 46.94 -3.16 3.10
C TYR B 379 45.46 -3.46 3.11
N PRO B 380 44.96 -4.16 2.05
CA PRO B 380 43.51 -4.37 2.03
C PRO B 380 43.03 -5.15 3.24
N LEU B 381 41.76 -4.93 3.62
CA LEU B 381 41.07 -5.70 4.66
C LEU B 381 40.00 -6.56 4.00
N THR B 382 39.62 -7.67 4.64
CA THR B 382 38.57 -8.51 4.12
C THR B 382 37.19 -7.90 4.42
N PHE B 383 36.16 -8.49 3.80
CA PHE B 383 34.73 -8.12 4.11
C PHE B 383 34.52 -8.21 5.62
N ILE B 384 34.90 -9.35 6.22
CA ILE B 384 34.73 -9.53 7.66
C ILE B 384 35.36 -8.39 8.48
N GLN B 385 36.59 -8.01 8.14
CA GLN B 385 37.33 -6.97 8.87
C GLN B 385 36.69 -5.59 8.81
N VAL B 386 35.96 -5.31 7.73
CA VAL B 386 35.24 -4.05 7.62
C VAL B 386 33.78 -4.19 8.04
N LYS B 387 33.44 -5.29 8.68
CA LYS B 387 32.06 -5.51 9.18
C LYS B 387 30.98 -5.51 8.11
N GLN B 388 31.28 -6.10 6.94
CA GLN B 388 30.24 -6.32 5.95
C GLN B 388 30.27 -7.78 5.54
N HIS B 389 29.10 -8.40 5.44
CA HIS B 389 29.05 -9.84 5.24
C HIS B 389 28.69 -10.15 3.82
N TYR B 390 27.74 -9.39 3.26
CA TYR B 390 27.21 -9.72 1.96
C TYR B 390 27.30 -8.52 1.04
N GLY B 391 27.16 -8.76 -0.26
CA GLY B 391 27.13 -7.67 -1.23
C GLY B 391 28.50 -7.22 -1.70
N PHE B 392 28.78 -5.92 -1.53
CA PHE B 392 29.83 -5.28 -2.29
C PHE B 392 30.61 -4.37 -1.38
N VAL B 393 31.91 -4.31 -1.61
CA VAL B 393 32.77 -3.37 -0.88
C VAL B 393 33.65 -2.64 -1.90
N LEU B 394 33.79 -1.30 -1.78
CA LEU B 394 34.67 -0.60 -2.68
C LEU B 394 36.04 -0.38 -2.03
N TYR B 395 37.10 -0.79 -2.72
CA TYR B 395 38.49 -0.57 -2.29
C TYR B 395 39.11 0.53 -3.14
N ARG B 396 39.57 1.60 -2.48
CA ARG B 396 40.12 2.74 -3.21
C ARG B 396 41.57 3.03 -2.80
N THR B 397 42.38 3.33 -3.80
CA THR B 397 43.76 3.83 -3.60
C THR B 397 44.11 4.77 -4.75
N THR B 398 45.33 5.28 -4.74
CA THR B 398 45.82 6.04 -5.89
C THR B 398 47.02 5.36 -6.56
N LEU B 399 47.24 5.68 -7.83
CA LEU B 399 48.34 5.08 -8.56
C LEU B 399 49.65 5.73 -8.13
N PRO B 400 50.62 4.91 -7.66
CA PRO B 400 51.90 5.43 -7.16
C PRO B 400 52.85 5.89 -8.28
N GLN B 401 52.54 5.53 -9.51
CA GLN B 401 53.42 5.69 -10.68
C GLN B 401 52.56 6.07 -11.89
N ASP B 402 53.15 6.78 -12.86
CA ASP B 402 52.45 6.99 -14.14
C ASP B 402 52.26 5.64 -14.81
N CYS B 403 51.04 5.42 -15.33
CA CYS B 403 50.68 4.23 -16.10
C CYS B 403 50.13 4.62 -17.48
N SER B 404 50.86 5.48 -18.18
CA SER B 404 50.50 5.81 -19.56
C SER B 404 50.55 4.59 -20.48
N ASN B 405 51.61 3.80 -20.36
CA ASN B 405 51.64 2.47 -20.98
C ASN B 405 51.01 1.48 -20.01
N PRO B 406 50.29 0.46 -20.54
CA PRO B 406 49.56 -0.42 -19.63
C PRO B 406 50.45 -1.08 -18.56
N ALA B 407 49.98 -1.07 -17.32
CA ALA B 407 50.69 -1.63 -16.17
C ALA B 407 49.82 -2.72 -15.54
N PRO B 408 50.43 -3.87 -15.22
CA PRO B 408 49.68 -5.00 -14.71
C PRO B 408 49.31 -4.77 -13.25
N LEU B 409 48.00 -4.69 -13.00
CA LEU B 409 47.47 -4.76 -11.66
C LEU B 409 47.16 -6.25 -11.38
N SER B 410 47.70 -6.78 -10.31
CA SER B 410 47.61 -8.23 -10.08
C SER B 410 47.32 -8.58 -8.60
N SER B 411 46.62 -9.69 -8.38
CA SER B 411 46.54 -10.29 -7.05
C SER B 411 47.40 -11.56 -7.10
N PRO B 412 48.69 -11.44 -6.77
CA PRO B 412 49.61 -12.57 -7.02
C PRO B 412 49.22 -13.87 -6.32
N LEU B 413 48.61 -13.77 -5.15
CA LEU B 413 48.19 -14.95 -4.44
C LEU B 413 46.73 -15.36 -4.73
N ASN B 414 46.15 -14.85 -5.82
CA ASN B 414 44.79 -15.22 -6.24
C ASN B 414 43.79 -14.85 -5.14
N GLY B 415 43.84 -13.60 -4.70
CA GLY B 415 43.07 -13.17 -3.53
C GLY B 415 41.97 -12.17 -3.81
N VAL B 416 41.44 -12.15 -5.05
CA VAL B 416 40.20 -11.37 -5.34
C VAL B 416 39.03 -12.31 -5.14
N HIS B 417 38.36 -12.19 -3.99
CA HIS B 417 37.27 -13.08 -3.61
C HIS B 417 35.92 -12.34 -3.64
N ASP B 418 35.16 -12.39 -4.76
CA ASP B 418 35.31 -13.32 -5.85
C ASP B 418 35.44 -12.64 -7.19
N ARG B 419 35.14 -11.36 -7.24
CA ARG B 419 35.11 -10.63 -8.52
C ARG B 419 35.35 -9.15 -8.23
N ALA B 420 36.19 -8.48 -9.06
CA ALA B 420 36.43 -7.06 -8.86
C ALA B 420 36.21 -6.30 -10.14
N TYR B 421 35.41 -5.23 -10.07
CA TYR B 421 35.13 -4.37 -11.22
C TYR B 421 36.00 -3.16 -11.02
N VAL B 422 36.95 -2.97 -11.93
CA VAL B 422 38.09 -2.08 -11.73
C VAL B 422 37.89 -0.79 -12.59
N ALA B 423 38.12 0.35 -11.97
CA ALA B 423 38.09 1.64 -12.65
C ALA B 423 39.26 2.53 -12.23
N VAL B 424 39.79 3.31 -13.17
CA VAL B 424 40.85 4.26 -12.91
C VAL B 424 40.36 5.64 -13.36
N ASP B 425 40.20 6.55 -12.39
CA ASP B 425 39.67 7.90 -12.65
C ASP B 425 38.36 7.87 -13.42
N GLY B 426 37.51 6.90 -13.07
CA GLY B 426 36.20 6.81 -13.70
C GLY B 426 36.15 6.13 -15.06
N ILE B 427 37.27 5.53 -15.51
CA ILE B 427 37.31 4.79 -16.75
C ILE B 427 37.35 3.30 -16.37
N PRO B 428 36.32 2.52 -16.76
CA PRO B 428 36.40 1.09 -16.47
C PRO B 428 37.59 0.39 -17.13
N GLN B 429 38.19 -0.53 -16.40
CA GLN B 429 39.40 -1.22 -16.90
C GLN B 429 39.18 -2.71 -17.14
N GLY B 430 38.05 -3.24 -16.68
CA GLY B 430 37.74 -4.65 -16.75
C GLY B 430 37.55 -5.31 -15.38
N VAL B 431 37.70 -6.62 -15.34
CA VAL B 431 37.31 -7.46 -14.20
C VAL B 431 38.44 -8.40 -13.81
N LEU B 432 38.76 -8.45 -12.51
CA LEU B 432 39.61 -9.48 -11.93
C LEU B 432 38.68 -10.54 -11.35
N GLU B 433 39.08 -11.79 -11.44
CA GLU B 433 38.18 -12.91 -11.08
C GLU B 433 38.92 -13.93 -10.24
N ARG B 434 38.26 -14.39 -9.18
CA ARG B 434 38.85 -15.50 -8.43
C ARG B 434 39.19 -16.65 -9.38
N ASN B 435 40.45 -17.11 -9.26
CA ASN B 435 41.01 -18.21 -10.05
C ASN B 435 41.35 -17.78 -11.50
N ASN B 436 40.32 -17.38 -12.25
CA ASN B 436 40.37 -17.22 -13.71
C ASN B 436 41.26 -16.13 -14.28
N VAL B 437 41.24 -14.95 -13.64
CA VAL B 437 42.05 -13.81 -14.09
C VAL B 437 42.61 -13.06 -12.86
N ILE B 438 43.89 -13.25 -12.58
CA ILE B 438 44.48 -12.57 -11.47
C ILE B 438 45.23 -11.28 -11.85
N THR B 439 45.30 -11.00 -13.15
CA THR B 439 46.06 -9.83 -13.63
C THR B 439 45.24 -9.13 -14.68
N LEU B 440 45.19 -7.81 -14.57
CA LEU B 440 44.51 -6.90 -15.48
C LEU B 440 45.42 -5.71 -15.74
N ASN B 441 45.65 -5.41 -17.01
CA ASN B 441 46.42 -4.25 -17.41
C ASN B 441 45.58 -2.99 -17.30
N ILE B 442 46.13 -1.99 -16.62
CA ILE B 442 45.43 -0.71 -16.43
C ILE B 442 46.27 0.42 -16.96
N THR B 443 45.60 1.53 -17.25
CA THR B 443 46.29 2.76 -17.59
C THR B 443 45.71 3.92 -16.78
N GLY B 444 46.47 5.00 -16.69
CA GLY B 444 46.07 6.14 -15.87
C GLY B 444 47.28 6.97 -15.48
N LYS B 445 47.03 8.20 -15.08
CA LYS B 445 48.10 9.11 -14.64
C LYS B 445 48.52 8.84 -13.22
N ALA B 446 49.74 9.25 -12.88
CA ALA B 446 50.21 9.15 -11.51
C ALA B 446 49.25 9.90 -10.62
N GLY B 447 48.92 9.29 -9.49
CA GLY B 447 47.98 9.89 -8.55
C GLY B 447 46.50 9.71 -8.91
N ALA B 448 46.20 9.03 -10.01
CA ALA B 448 44.80 8.71 -10.37
C ALA B 448 44.16 7.77 -9.38
N THR B 449 42.84 7.88 -9.26
CA THR B 449 42.10 7.10 -8.28
C THR B 449 41.82 5.72 -8.87
N LEU B 450 42.34 4.71 -8.18
CA LEU B 450 42.14 3.31 -8.55
C LEU B 450 41.08 2.72 -7.63
N ASP B 451 39.96 2.30 -8.23
CA ASP B 451 38.81 1.72 -7.51
C ASP B 451 38.65 0.27 -7.93
N LEU B 452 38.44 -0.61 -6.93
CA LEU B 452 37.98 -1.99 -7.18
C LEU B 452 36.70 -2.22 -6.41
N LEU B 453 35.61 -2.38 -7.15
CA LEU B 453 34.35 -2.78 -6.50
C LEU B 453 34.38 -4.30 -6.40
N VAL B 454 34.42 -4.84 -5.17
CA VAL B 454 34.54 -6.31 -4.99
C VAL B 454 33.22 -6.91 -4.55
N GLU B 455 32.76 -7.93 -5.28
CA GLU B 455 31.56 -8.66 -4.96
C GLU B 455 31.83 -10.00 -4.28
N ASN B 456 31.13 -10.23 -3.15
CA ASN B 456 31.06 -11.56 -2.54
C ASN B 456 30.01 -12.31 -3.33
N MET B 457 30.44 -13.34 -4.07
CA MET B 457 29.50 -14.05 -4.94
C MET B 457 28.85 -15.25 -4.24
N GLY B 458 29.13 -15.39 -2.94
CA GLY B 458 28.56 -16.41 -2.10
C GLY B 458 29.65 -17.23 -1.47
N ARG B 459 29.59 -17.34 -0.13
CA ARG B 459 30.54 -18.16 0.62
C ARG B 459 30.28 -19.64 0.40
N VAL B 460 31.36 -20.35 0.09
CA VAL B 460 31.37 -21.76 -0.14
C VAL B 460 30.61 -22.44 0.99
N ASN B 461 29.75 -23.41 0.65
CA ASN B 461 28.89 -24.01 1.64
C ASN B 461 29.19 -25.48 1.93
N TYR B 462 30.24 -26.03 1.31
CA TYR B 462 30.58 -27.44 1.52
C TYR B 462 32.03 -27.59 1.25
N GLY B 463 32.68 -28.49 1.99
CA GLY B 463 34.09 -28.71 1.79
C GLY B 463 34.86 -28.16 2.96
N ALA B 464 36.17 -28.36 2.93
CA ALA B 464 37.07 -27.80 3.92
C ALA B 464 37.10 -26.24 3.89
N TYR B 465 36.77 -25.64 2.75
CA TYR B 465 36.98 -24.21 2.56
C TYR B 465 35.74 -23.33 2.79
N ILE B 466 34.88 -23.73 3.74
CA ILE B 466 33.74 -22.89 4.23
C ILE B 466 34.20 -21.61 5.00
N ASN B 467 35.45 -21.59 5.47
CA ASN B 467 36.01 -20.36 6.06
C ASN B 467 36.48 -19.37 4.96
N ASP B 468 35.50 -18.86 4.22
CA ASP B 468 35.67 -18.11 2.97
C ASP B 468 35.46 -16.59 3.26
N PHE B 469 36.54 -15.86 3.55
CA PHE B 469 36.44 -14.48 4.07
C PHE B 469 35.72 -13.43 3.22
N LYS B 470 36.17 -13.32 1.96
CA LYS B 470 35.69 -12.41 0.89
C LYS B 470 36.35 -11.04 0.93
N GLY B 471 36.41 -10.40 -0.23
CA GLY B 471 37.06 -9.10 -0.38
C GLY B 471 38.42 -9.28 -1.02
N LEU B 472 39.30 -8.31 -0.80
CA LEU B 472 40.68 -8.50 -1.18
C LEU B 472 41.31 -9.21 0.00
N VAL B 473 41.56 -10.49 -0.16
CA VAL B 473 42.01 -11.31 0.98
C VAL B 473 43.54 -11.40 1.07
N SER B 474 44.18 -10.85 0.05
CA SER B 474 45.63 -10.72 0.00
C SER B 474 45.99 -9.43 -0.78
N ASN B 475 47.26 -9.07 -0.81
CA ASN B 475 47.70 -7.84 -1.51
C ASN B 475 47.46 -7.79 -3.04
N LEU B 476 47.38 -6.58 -3.55
CA LEU B 476 47.46 -6.31 -4.97
C LEU B 476 48.83 -5.71 -5.27
N THR B 477 49.32 -5.97 -6.47
CA THR B 477 50.56 -5.34 -6.90
C THR B 477 50.30 -4.56 -8.15
N LEU B 478 51.07 -3.51 -8.37
CA LEU B 478 51.06 -2.82 -9.64
C LEU B 478 52.52 -2.86 -10.14
N SER B 479 52.73 -3.37 -11.35
CA SER B 479 54.08 -3.62 -11.88
C SER B 479 54.95 -4.39 -10.89
N SER B 480 54.32 -5.33 -10.17
CA SER B 480 54.94 -6.16 -9.11
C SER B 480 55.18 -5.50 -7.77
N ASN B 481 54.86 -4.21 -7.62
CA ASN B 481 55.07 -3.55 -6.31
C ASN B 481 53.75 -3.47 -5.53
N ILE B 482 53.80 -3.85 -4.25
CA ILE B 482 52.58 -3.96 -3.45
C ILE B 482 51.92 -2.59 -3.34
N LEU B 483 50.61 -2.54 -3.58
CA LEU B 483 49.86 -1.33 -3.45
C LEU B 483 49.46 -1.13 -2.01
N THR B 484 49.77 0.07 -1.47
CA THR B 484 49.39 0.41 -0.11
C THR B 484 48.52 1.65 -0.07
N ASP B 485 47.98 1.91 1.14
CA ASP B 485 47.18 3.10 1.42
C ASP B 485 45.80 2.96 0.79
N TRP B 486 44.94 2.23 1.47
CA TRP B 486 43.62 1.93 0.99
C TRP B 486 42.59 2.67 1.78
N THR B 487 41.54 3.05 1.07
CA THR B 487 40.36 3.64 1.65
C THR B 487 39.18 2.77 1.25
N ILE B 488 38.53 2.17 2.23
CA ILE B 488 37.68 1.00 1.95
C ILE B 488 36.24 1.30 2.38
N PHE B 489 35.31 1.18 1.44
CA PHE B 489 33.95 1.65 1.65
C PHE B 489 33.04 0.42 1.71
N PRO B 490 32.61 0.02 2.92
CA PRO B 490 31.53 -0.96 2.94
C PRO B 490 30.27 -0.30 2.42
N LEU B 491 29.49 -1.01 1.58
CA LEU B 491 28.39 -0.40 0.83
C LEU B 491 27.05 -0.91 1.34
N ASP B 492 26.30 0.02 1.94
CA ASP B 492 24.95 -0.25 2.46
C ASP B 492 24.00 -0.22 1.27
N THR B 493 24.12 -1.19 0.34
CA THR B 493 23.28 -1.17 -0.88
C THR B 493 21.79 -1.33 -0.60
N GLU B 494 21.43 -2.11 0.41
CA GLU B 494 20.00 -2.40 0.62
C GLU B 494 19.30 -1.15 1.16
N ASP B 495 19.94 -0.47 2.12
CA ASP B 495 19.41 0.79 2.65
C ASP B 495 19.35 1.86 1.55
N ALA B 496 20.42 1.96 0.76
CA ALA B 496 20.52 2.99 -0.29
C ALA B 496 19.42 2.82 -1.34
N VAL B 497 19.22 1.57 -1.78
CA VAL B 497 18.17 1.31 -2.78
C VAL B 497 16.81 1.62 -2.18
N ARG B 498 16.62 1.28 -0.90
CA ARG B 498 15.35 1.55 -0.21
C ARG B 498 15.00 3.01 -0.07
N SER B 499 16.01 3.87 -0.03
CA SER B 499 15.81 5.33 -0.01
C SER B 499 15.96 6.00 -1.40
N HIS B 500 16.03 5.22 -2.49
CA HIS B 500 16.22 5.82 -3.84
C HIS B 500 17.52 6.63 -3.91
N LEU B 501 18.55 6.07 -3.32
CA LEU B 501 19.87 6.70 -3.18
C LEU B 501 19.74 8.03 -2.47
N GLY B 502 18.87 8.07 -1.45
CA GLY B 502 18.69 9.26 -0.60
C GLY B 502 17.67 10.24 -1.13
N GLY B 503 17.16 10.02 -2.35
CA GLY B 503 16.15 10.93 -2.90
C GLY B 503 14.81 10.92 -2.14
N TRP B 504 14.54 9.88 -1.35
CA TRP B 504 13.31 9.85 -0.51
C TRP B 504 13.59 10.14 0.93
N GLY B 505 14.85 10.46 1.23
CA GLY B 505 15.23 10.90 2.56
C GLY B 505 15.31 9.66 3.44
N HIS B 506 15.22 9.87 4.76
CA HIS B 506 15.53 8.80 5.71
C HIS B 506 14.46 8.50 6.76
N ARG B 507 13.29 9.10 6.62
CA ARG B 507 12.15 8.68 7.41
C ARG B 507 11.86 7.20 7.12
N ASN B 522 34.52 -4.79 -23.63
CA ASN B 522 34.12 -3.43 -23.26
C ASN B 522 33.16 -3.35 -22.03
N TYR B 523 33.30 -2.27 -21.25
CA TYR B 523 32.65 -2.17 -19.92
C TYR B 523 32.09 -0.78 -19.68
N THR B 524 31.14 -0.68 -18.76
CA THR B 524 30.64 0.61 -18.26
C THR B 524 30.89 0.61 -16.76
N LEU B 525 30.99 1.78 -16.14
CA LEU B 525 31.09 1.84 -14.68
C LEU B 525 29.89 1.23 -13.99
N PRO B 526 30.15 0.48 -12.91
CA PRO B 526 29.06 0.01 -12.04
C PRO B 526 28.16 1.16 -11.67
N ALA B 527 26.88 0.98 -11.91
CA ALA B 527 25.91 2.06 -11.71
C ALA B 527 24.51 1.51 -11.45
N PHE B 528 23.68 2.36 -10.85
CA PHE B 528 22.28 2.11 -10.55
C PHE B 528 21.40 2.68 -11.66
N TYR B 529 20.52 1.83 -12.20
CA TYR B 529 19.56 2.21 -13.26
C TYR B 529 18.17 2.01 -12.68
N MET B 530 17.30 2.99 -12.86
CA MET B 530 15.98 3.01 -12.25
C MET B 530 14.90 3.21 -13.30
N GLY B 531 13.72 2.63 -13.04
CA GLY B 531 12.56 2.71 -13.95
C GLY B 531 11.31 2.41 -13.13
N ASN B 532 10.17 2.99 -13.48
CA ASN B 532 8.93 2.77 -12.78
C ASN B 532 7.93 2.11 -13.74
N PHE B 533 7.01 1.30 -13.21
CA PHE B 533 5.85 0.92 -14.00
C PHE B 533 4.62 0.81 -13.12
N SER B 534 3.46 1.07 -13.71
CA SER B 534 2.24 1.08 -12.95
C SER B 534 1.36 -0.10 -13.29
N ILE B 535 0.57 -0.52 -12.29
CA ILE B 535 -0.34 -1.64 -12.45
C ILE B 535 -1.72 -1.10 -12.03
N PRO B 536 -2.77 -1.32 -12.84
CA PRO B 536 -4.05 -0.72 -12.44
C PRO B 536 -4.60 -1.29 -11.13
N SER B 537 -5.31 -0.46 -10.38
CA SER B 537 -5.98 -0.88 -9.16
C SER B 537 -7.40 -1.41 -9.49
N GLY B 538 -8.03 -2.12 -8.54
CA GLY B 538 -9.41 -2.54 -8.76
C GLY B 538 -9.62 -3.63 -9.80
N ILE B 539 -8.54 -4.32 -10.16
CA ILE B 539 -8.59 -5.44 -11.07
C ILE B 539 -8.32 -6.67 -10.21
N PRO B 540 -9.34 -7.55 -10.06
CA PRO B 540 -9.15 -8.63 -9.08
C PRO B 540 -7.92 -9.48 -9.34
N ASP B 541 -7.51 -9.60 -10.61
CA ASP B 541 -6.39 -10.49 -10.95
C ASP B 541 -5.12 -9.77 -11.33
N LEU B 542 -4.95 -8.55 -10.81
CA LEU B 542 -3.63 -7.90 -10.86
C LEU B 542 -3.32 -7.27 -9.49
N PRO B 543 -2.03 -7.29 -9.06
CA PRO B 543 -0.85 -7.85 -9.74
C PRO B 543 -0.79 -9.38 -9.74
N GLN B 544 -0.06 -9.92 -10.72
CA GLN B 544 0.27 -11.34 -10.75
C GLN B 544 1.77 -11.53 -10.72
N ASP B 545 2.18 -12.75 -10.39
CA ASP B 545 3.56 -13.19 -10.46
C ASP B 545 4.07 -12.95 -11.86
N THR B 546 5.36 -12.79 -11.97
CA THR B 546 5.97 -12.54 -13.28
C THR B 546 7.45 -12.95 -13.20
N PHE B 547 8.14 -12.78 -14.32
CA PHE B 547 9.55 -13.15 -14.45
C PHE B 547 10.22 -12.01 -15.15
N ILE B 548 11.35 -11.56 -14.59
CA ILE B 548 12.07 -10.43 -15.15
C ILE B 548 13.30 -10.94 -15.95
N GLN B 549 13.49 -10.31 -17.13
N GLN B 549 13.49 -10.40 -17.17
CA GLN B 549 14.46 -10.65 -18.16
CA GLN B 549 14.63 -10.78 -17.99
C GLN B 549 15.40 -9.45 -18.34
C GLN B 549 15.37 -9.51 -18.42
N PHE B 550 16.66 -9.67 -18.69
CA PHE B 550 17.61 -8.55 -18.81
C PHE B 550 18.34 -8.59 -20.16
N PRO B 551 17.57 -8.48 -21.27
CA PRO B 551 18.19 -8.55 -22.59
C PRO B 551 19.18 -7.43 -22.76
N GLY B 552 20.41 -7.77 -23.10
CA GLY B 552 21.40 -6.73 -23.39
C GLY B 552 22.20 -6.28 -22.16
N TRP B 553 21.75 -6.64 -20.96
CA TRP B 553 22.50 -6.43 -19.71
C TRP B 553 23.51 -7.55 -19.53
N THR B 554 24.37 -7.45 -18.50
CA THR B 554 25.51 -8.37 -18.37
C THR B 554 25.52 -9.11 -17.04
N LYS B 555 25.84 -8.40 -15.95
CA LYS B 555 25.87 -9.01 -14.63
C LYS B 555 25.44 -7.98 -13.58
N GLY B 556 24.52 -8.33 -12.70
CA GLY B 556 24.27 -7.44 -11.56
C GLY B 556 23.23 -7.90 -10.55
N GLN B 557 22.73 -6.95 -9.78
CA GLN B 557 21.74 -7.18 -8.73
C GLN B 557 20.44 -6.42 -9.11
N VAL B 558 19.27 -6.96 -8.74
CA VAL B 558 17.99 -6.30 -9.08
C VAL B 558 17.07 -6.20 -7.86
N TRP B 559 16.42 -5.05 -7.71
CA TRP B 559 15.39 -4.86 -6.66
C TRP B 559 14.14 -4.36 -7.34
N ILE B 560 12.98 -4.75 -6.80
CA ILE B 560 11.74 -4.09 -7.16
C ILE B 560 11.09 -3.64 -5.88
N ASN B 561 10.74 -2.34 -5.83
CA ASN B 561 10.23 -1.73 -4.57
C ASN B 561 11.08 -1.98 -3.33
N GLY B 562 12.41 -1.97 -3.52
CA GLY B 562 13.38 -2.21 -2.49
C GLY B 562 13.60 -3.66 -2.04
N PHE B 563 12.86 -4.59 -2.65
N PHE B 563 12.85 -4.59 -2.63
CA PHE B 563 13.03 -6.01 -2.37
CA PHE B 563 13.03 -6.02 -2.39
C PHE B 563 14.05 -6.65 -3.33
C PHE B 563 14.10 -6.56 -3.34
N ASN B 564 15.15 -7.13 -2.76
CA ASN B 564 16.26 -7.66 -3.52
C ASN B 564 15.93 -9.06 -4.02
N LEU B 565 15.64 -9.15 -5.31
CA LEU B 565 15.25 -10.36 -6.01
C LEU B 565 16.41 -11.31 -6.22
N GLY B 566 17.66 -10.80 -6.10
CA GLY B 566 18.85 -11.65 -6.30
C GLY B 566 19.69 -11.20 -7.48
N ARG B 567 20.56 -12.11 -7.96
CA ARG B 567 21.54 -11.74 -8.95
C ARG B 567 21.11 -12.21 -10.35
N TYR B 568 21.37 -11.37 -11.35
CA TYR B 568 21.16 -11.75 -12.76
C TYR B 568 22.51 -11.87 -13.46
N TRP B 569 22.60 -12.77 -14.44
CA TRP B 569 23.87 -12.97 -15.19
C TRP B 569 23.61 -13.68 -16.49
N PRO B 570 22.87 -13.04 -17.42
CA PRO B 570 22.48 -13.69 -18.67
C PRO B 570 23.71 -13.94 -19.54
N ALA B 571 24.82 -13.24 -19.24
CA ALA B 571 26.11 -13.52 -19.90
C ALA B 571 26.61 -14.96 -19.62
N ARG B 572 26.26 -15.55 -18.48
CA ARG B 572 26.68 -16.93 -18.18
C ARG B 572 25.52 -17.92 -18.32
N GLY B 573 24.35 -17.54 -17.83
CA GLY B 573 23.25 -18.50 -17.65
C GLY B 573 23.62 -19.56 -16.60
N PRO B 574 22.84 -20.62 -16.49
CA PRO B 574 21.69 -21.00 -17.33
C PRO B 574 20.40 -20.21 -17.07
N GLN B 575 20.32 -19.62 -15.89
CA GLN B 575 19.18 -18.80 -15.54
C GLN B 575 19.28 -17.46 -16.28
N LEU B 576 18.23 -17.13 -17.05
CA LEU B 576 18.08 -15.82 -17.67
C LEU B 576 17.03 -14.97 -16.97
N THR B 577 15.90 -15.58 -16.57
CA THR B 577 14.87 -14.85 -15.84
C THR B 577 14.99 -14.98 -14.31
N LEU B 578 14.49 -13.97 -13.58
CA LEU B 578 14.37 -14.06 -12.10
C LEU B 578 12.89 -14.03 -11.75
N PHE B 579 12.53 -14.82 -10.75
CA PHE B 579 11.15 -14.98 -10.27
C PHE B 579 10.79 -13.73 -9.47
N VAL B 580 9.61 -13.17 -9.76
CA VAL B 580 9.11 -11.96 -9.11
C VAL B 580 7.76 -12.31 -8.48
N PRO B 581 7.73 -12.48 -7.14
CA PRO B 581 6.46 -12.81 -6.46
C PRO B 581 5.53 -11.60 -6.44
N GLN B 582 4.23 -11.80 -6.64
CA GLN B 582 3.32 -10.66 -6.87
C GLN B 582 3.13 -9.72 -5.68
N HIS B 583 3.35 -10.21 -4.47
CA HIS B 583 3.04 -9.44 -3.28
C HIS B 583 3.97 -8.27 -3.08
N ILE B 584 5.11 -8.22 -3.76
CA ILE B 584 6.01 -7.04 -3.67
C ILE B 584 5.60 -5.95 -4.66
N LEU B 585 4.68 -6.30 -5.56
CA LEU B 585 4.16 -5.33 -6.55
C LEU B 585 2.95 -4.56 -5.99
N MET B 586 2.81 -3.30 -6.39
CA MET B 586 1.62 -2.57 -5.95
C MET B 586 0.82 -1.96 -7.06
N THR B 587 -0.37 -1.47 -6.71
CA THR B 587 -1.28 -0.85 -7.67
C THR B 587 -1.55 0.60 -7.28
N SER B 588 -1.17 0.95 -6.06
CA SER B 588 -1.32 2.31 -5.50
C SER B 588 -0.40 3.30 -6.20
N ALA B 589 0.89 2.99 -6.15
CA ALA B 589 1.94 3.86 -6.61
C ALA B 589 2.76 3.14 -7.66
N PRO B 590 3.59 3.87 -8.41
CA PRO B 590 4.49 3.20 -9.34
C PRO B 590 5.44 2.22 -8.65
N ASN B 591 5.74 1.14 -9.36
CA ASN B 591 6.68 0.11 -8.91
C ASN B 591 8.03 0.55 -9.43
N THR B 592 8.99 0.63 -8.53
CA THR B 592 10.33 1.12 -8.84
C THR B 592 11.26 -0.06 -9.00
N ILE B 593 11.78 -0.26 -10.21
CA ILE B 593 12.83 -1.27 -10.46
C ILE B 593 14.19 -0.59 -10.34
N THR B 594 15.08 -1.21 -9.58
CA THR B 594 16.47 -0.78 -9.48
C THR B 594 17.37 -1.88 -9.96
N VAL B 595 18.20 -1.56 -10.93
CA VAL B 595 19.21 -2.49 -11.44
C VAL B 595 20.62 -1.94 -11.12
N LEU B 596 21.40 -2.71 -10.38
CA LEU B 596 22.82 -2.40 -10.22
C LEU B 596 23.56 -3.23 -11.26
N GLU B 597 23.96 -2.61 -12.37
CA GLU B 597 24.75 -3.31 -13.41
C GLU B 597 26.26 -3.11 -13.21
N LEU B 598 27.00 -4.21 -13.18
CA LEU B 598 28.38 -4.18 -12.74
C LEU B 598 29.38 -4.17 -13.87
N GLU B 599 28.96 -4.61 -15.05
CA GLU B 599 29.89 -4.83 -16.16
C GLU B 599 29.58 -4.00 -17.40
N TRP B 600 28.37 -4.13 -17.92
CA TRP B 600 28.01 -3.38 -19.14
C TRP B 600 26.53 -3.25 -19.32
N ALA B 601 26.05 -2.00 -19.36
CA ALA B 601 24.64 -1.71 -19.50
C ALA B 601 24.34 -1.30 -20.93
N PRO B 602 23.18 -1.73 -21.48
CA PRO B 602 22.78 -1.34 -22.84
C PRO B 602 22.15 0.05 -22.85
N CYS B 603 22.87 1.04 -22.34
CA CYS B 603 22.25 2.33 -22.01
C CYS B 603 22.98 3.55 -22.58
N SER B 604 24.03 3.32 -23.37
CA SER B 604 24.89 4.40 -23.92
C SER B 604 24.36 4.99 -25.23
N SER B 605 23.73 4.16 -26.05
CA SER B 605 23.23 4.60 -27.35
C SER B 605 22.10 5.63 -27.17
N ASP B 606 21.75 6.30 -28.26
CA ASP B 606 20.69 7.29 -28.23
C ASP B 606 19.34 6.62 -28.51
N ASP B 607 19.25 5.36 -28.13
CA ASP B 607 18.02 4.59 -28.20
C ASP B 607 17.64 4.24 -26.77
N PRO B 608 16.78 5.06 -26.15
CA PRO B 608 16.32 4.86 -24.78
C PRO B 608 15.68 3.49 -24.57
N GLU B 609 14.99 3.01 -25.60
CA GLU B 609 14.24 1.74 -25.56
C GLU B 609 15.15 0.54 -25.27
N LEU B 610 16.46 0.66 -25.55
CA LEU B 610 17.40 -0.44 -25.29
C LEU B 610 17.79 -0.50 -23.81
N CYS B 611 17.70 0.63 -23.11
CA CYS B 611 18.00 0.63 -21.67
C CYS B 611 16.71 0.23 -20.95
N ALA B 612 16.50 -1.06 -20.82
CA ALA B 612 15.17 -1.58 -20.44
C ALA B 612 15.21 -3.03 -20.01
N VAL B 613 14.28 -3.41 -19.18
CA VAL B 613 14.13 -4.81 -18.76
C VAL B 613 12.77 -5.28 -19.26
N THR B 614 12.53 -6.59 -19.27
CA THR B 614 11.26 -7.14 -19.77
C THR B 614 10.70 -8.18 -18.84
N PHE B 615 9.39 -8.07 -18.60
CA PHE B 615 8.61 -8.98 -17.78
C PHE B 615 7.89 -9.94 -18.69
N VAL B 616 8.08 -11.22 -18.44
CA VAL B 616 7.58 -12.30 -19.28
C VAL B 616 6.76 -13.29 -18.40
N ASP B 617 5.92 -14.13 -19.01
CA ASP B 617 5.06 -15.01 -18.20
C ASP B 617 5.52 -16.49 -18.09
N ARG B 618 6.72 -16.78 -18.59
CA ARG B 618 7.35 -18.09 -18.41
C ARG B 618 8.83 -17.93 -18.02
N PRO B 619 9.29 -18.74 -17.04
CA PRO B 619 10.70 -18.70 -16.64
C PRO B 619 11.63 -19.23 -17.75
N VAL B 620 12.84 -18.66 -17.82
CA VAL B 620 13.90 -19.27 -18.59
C VAL B 620 15.09 -19.55 -17.65
N ILE B 621 15.19 -20.77 -17.14
CA ILE B 621 16.26 -21.14 -16.20
C ILE B 621 17.13 -22.28 -16.78
N GLY B 622 16.79 -22.72 -17.99
CA GLY B 622 17.48 -23.86 -18.62
C GLY B 622 17.81 -23.65 -20.08
N SER B 623 18.31 -22.45 -20.39
CA SER B 623 18.73 -22.05 -21.73
C SER B 623 19.94 -22.86 -22.23
N SER B 624 20.07 -22.99 -23.55
CA SER B 624 21.13 -23.78 -24.17
C SER B 624 22.54 -23.24 -23.89
N GLN C 6 -18.35 25.98 -19.58
CA GLN C 6 -17.06 25.52 -20.17
C GLN C 6 -17.31 24.34 -21.12
N ARG C 7 -17.78 23.22 -20.56
CA ARG C 7 -17.89 21.97 -21.29
C ARG C 7 -19.14 21.87 -22.16
N MET C 8 -18.94 21.51 -23.42
CA MET C 8 -20.03 21.50 -24.41
C MET C 8 -19.94 20.27 -25.28
N PHE C 9 -21.10 19.71 -25.62
CA PHE C 9 -21.15 18.61 -26.55
C PHE C 9 -22.38 18.76 -27.47
N GLU C 10 -22.15 18.97 -28.78
CA GLU C 10 -23.23 19.35 -29.67
C GLU C 10 -23.06 18.67 -31.02
N ILE C 11 -24.14 18.66 -31.80
CA ILE C 11 -24.06 18.18 -33.17
C ILE C 11 -23.50 19.27 -34.09
N ASP C 12 -22.44 18.93 -34.83
CA ASP C 12 -21.88 19.76 -35.90
C ASP C 12 -22.61 19.52 -37.23
N TYR C 13 -23.51 20.44 -37.60
CA TYR C 13 -24.29 20.28 -38.83
C TYR C 13 -23.50 20.67 -40.10
N SER C 14 -22.43 21.46 -39.93
CA SER C 14 -21.53 21.85 -41.04
C SER C 14 -20.61 20.72 -41.49
N ARG C 15 -19.99 20.06 -40.52
CA ARG C 15 -18.98 19.04 -40.79
C ARG C 15 -19.53 17.63 -40.63
N ASP C 16 -20.85 17.54 -40.44
CA ASP C 16 -21.53 16.25 -40.31
C ASP C 16 -20.84 15.39 -39.26
N SER C 17 -20.69 15.96 -38.06
CA SER C 17 -20.09 15.20 -36.95
C SER C 17 -20.52 15.83 -35.60
N PHE C 18 -19.80 15.53 -34.53
CA PHE C 18 -20.09 16.14 -33.25
C PHE C 18 -19.00 17.16 -32.98
N LEU C 19 -19.30 18.10 -32.08
CA LEU C 19 -18.28 19.00 -31.53
C LEU C 19 -18.19 18.78 -30.02
N LYS C 20 -17.04 18.35 -29.54
CA LYS C 20 -16.81 18.22 -28.11
C LYS C 20 -15.88 19.36 -27.70
N ASP C 21 -16.38 20.27 -26.85
CA ASP C 21 -15.65 21.49 -26.50
C ASP C 21 -15.12 22.23 -27.74
N GLY C 22 -16.00 22.44 -28.71
CA GLY C 22 -15.66 23.17 -29.93
C GLY C 22 -14.78 22.46 -30.95
N GLN C 23 -14.35 21.23 -30.64
CA GLN C 23 -13.47 20.49 -31.56
C GLN C 23 -14.20 19.31 -32.20
N PRO C 24 -13.87 18.95 -33.46
CA PRO C 24 -14.45 17.75 -34.08
C PRO C 24 -14.24 16.52 -33.20
N PHE C 25 -15.29 15.70 -33.09
CA PHE C 25 -15.25 14.50 -32.28
C PHE C 25 -16.10 13.40 -32.92
N ARG C 26 -15.57 12.19 -32.91
CA ARG C 26 -16.28 11.06 -33.41
C ARG C 26 -16.16 9.97 -32.36
N TYR C 27 -17.27 9.36 -31.98
CA TYR C 27 -17.16 8.28 -31.01
C TYR C 27 -17.01 6.90 -31.57
N ILE C 28 -16.24 6.09 -30.85
CA ILE C 28 -16.07 4.67 -31.12
C ILE C 28 -16.35 4.03 -29.78
N SER C 29 -17.54 3.45 -29.71
CA SER C 29 -18.11 3.02 -28.47
C SER C 29 -18.37 1.51 -28.50
N GLY C 30 -18.56 0.94 -27.32
CA GLY C 30 -18.92 -0.46 -27.19
C GLY C 30 -19.98 -0.57 -26.11
N SER C 31 -20.95 -1.47 -26.30
CA SER C 31 -22.02 -1.64 -25.32
C SER C 31 -21.52 -2.52 -24.17
N ILE C 32 -21.88 -2.11 -22.95
CA ILE C 32 -21.71 -2.96 -21.78
C ILE C 32 -22.89 -2.66 -20.89
N HIS C 33 -23.56 -3.70 -20.43
CA HIS C 33 -24.76 -3.54 -19.59
C HIS C 33 -24.37 -3.84 -18.14
N TYR C 34 -24.33 -2.79 -17.29
CA TYR C 34 -23.85 -2.92 -15.91
C TYR C 34 -24.74 -3.91 -15.15
N SER C 35 -26.01 -4.06 -15.56
CA SER C 35 -26.94 -5.07 -14.98
C SER C 35 -26.58 -6.54 -15.34
N ARG C 36 -25.64 -6.72 -16.26
CA ARG C 36 -25.22 -8.04 -16.71
C ARG C 36 -23.80 -8.39 -16.33
N VAL C 37 -23.15 -7.49 -15.60
CA VAL C 37 -21.78 -7.75 -15.10
C VAL C 37 -21.73 -7.44 -13.60
N PRO C 38 -21.24 -8.36 -12.75
CA PRO C 38 -21.19 -7.99 -11.31
C PRO C 38 -20.31 -6.75 -11.14
N ARG C 39 -20.72 -5.84 -10.26
CA ARG C 39 -19.93 -4.64 -9.96
C ARG C 39 -18.51 -5.00 -9.64
N PHE C 40 -18.30 -6.15 -9.00
CA PHE C 40 -16.96 -6.66 -8.73
C PHE C 40 -16.03 -6.54 -9.97
N TYR C 41 -16.60 -6.79 -11.13
CA TYR C 41 -15.88 -6.76 -12.41
C TYR C 41 -16.10 -5.55 -13.31
N TRP C 42 -16.84 -4.52 -12.86
CA TRP C 42 -17.04 -3.34 -13.75
C TRP C 42 -15.73 -2.72 -14.20
N LYS C 43 -14.80 -2.52 -13.28
CA LYS C 43 -13.54 -1.88 -13.66
C LYS C 43 -12.74 -2.74 -14.63
N ASP C 44 -12.70 -4.02 -14.38
CA ASP C 44 -12.01 -4.93 -15.31
C ASP C 44 -12.54 -4.83 -16.77
N ARG C 45 -13.87 -4.90 -16.90
CA ARG C 45 -14.48 -4.86 -18.22
C ARG C 45 -14.24 -3.51 -18.85
N LEU C 46 -14.49 -2.44 -18.08
CA LEU C 46 -14.32 -1.10 -18.62
C LEU C 46 -12.88 -0.81 -19.01
N LEU C 47 -11.91 -1.23 -18.18
CA LEU C 47 -10.54 -1.01 -18.54
C LEU C 47 -10.15 -1.82 -19.82
N LYS C 48 -10.60 -3.06 -19.94
CA LYS C 48 -10.36 -3.85 -21.18
C LYS C 48 -10.95 -3.12 -22.40
N MET C 49 -12.12 -2.51 -22.21
CA MET C 49 -12.74 -1.73 -23.28
C MET C 49 -11.91 -0.52 -23.70
N LYS C 50 -11.42 0.22 -22.70
CA LYS C 50 -10.54 1.38 -22.92
C LYS C 50 -9.26 0.96 -23.65
N MET C 51 -8.71 -0.19 -23.26
CA MET C 51 -7.47 -0.69 -23.87
C MET C 51 -7.67 -1.10 -25.33
N ALA C 52 -8.93 -1.33 -25.73
CA ALA C 52 -9.18 -1.70 -27.11
C ALA C 52 -9.22 -0.48 -28.03
N GLY C 53 -9.18 0.72 -27.43
CA GLY C 53 -9.22 1.96 -28.24
C GLY C 53 -10.58 2.64 -28.28
N LEU C 54 -11.54 2.13 -27.51
CA LEU C 54 -12.85 2.77 -27.41
C LEU C 54 -12.71 4.11 -26.66
N ASN C 55 -13.39 5.15 -27.13
CA ASN C 55 -13.39 6.40 -26.39
C ASN C 55 -14.70 6.64 -25.66
N ALA C 56 -15.61 5.66 -25.78
CA ALA C 56 -16.94 5.77 -25.14
C ALA C 56 -17.51 4.37 -24.86
N ILE C 57 -18.46 4.31 -23.93
CA ILE C 57 -19.24 3.10 -23.73
C ILE C 57 -20.71 3.47 -23.86
N GLN C 58 -21.54 2.48 -24.18
CA GLN C 58 -23.00 2.67 -24.26
C GLN C 58 -23.69 1.66 -23.38
N THR C 59 -24.78 2.07 -22.74
CA THR C 59 -25.43 1.20 -21.77
C THR C 59 -26.94 1.48 -21.66
N TYR C 60 -27.66 0.46 -21.20
CA TYR C 60 -29.06 0.56 -20.98
C TYR C 60 -29.34 0.68 -19.50
N VAL C 61 -30.41 1.41 -19.15
CA VAL C 61 -30.91 1.48 -17.77
C VAL C 61 -32.19 0.67 -17.74
N PRO C 62 -32.16 -0.56 -17.19
CA PRO C 62 -33.39 -1.35 -17.14
C PRO C 62 -34.23 -0.89 -15.96
N TRP C 63 -35.35 -0.29 -16.28
CA TRP C 63 -36.28 0.23 -15.29
C TRP C 63 -36.61 -0.83 -14.22
N ASN C 64 -36.89 -2.04 -14.66
CA ASN C 64 -37.35 -3.09 -13.75
C ASN C 64 -36.22 -3.56 -12.81
N PHE C 65 -34.98 -3.28 -13.19
CA PHE C 65 -33.80 -3.63 -12.37
C PHE C 65 -33.67 -2.67 -11.17
N HIS C 66 -34.22 -1.46 -11.32
CA HIS C 66 -34.14 -0.39 -10.28
C HIS C 66 -35.43 -0.08 -9.55
N GLU C 67 -36.58 -0.44 -10.12
CA GLU C 67 -37.84 -0.25 -9.38
C GLU C 67 -38.69 -1.53 -9.41
N PRO C 68 -38.31 -2.53 -8.60
CA PRO C 68 -39.01 -3.80 -8.51
C PRO C 68 -40.49 -3.70 -8.11
N TRP C 69 -40.83 -2.67 -7.32
CA TRP C 69 -42.20 -2.34 -6.92
C TRP C 69 -42.37 -0.84 -6.91
N PRO C 70 -43.59 -0.34 -7.17
CA PRO C 70 -43.68 1.12 -7.21
C PRO C 70 -43.15 1.84 -5.94
N GLY C 71 -42.27 2.82 -6.12
CA GLY C 71 -41.74 3.64 -5.01
C GLY C 71 -40.65 2.95 -4.22
N GLN C 72 -40.27 1.77 -4.65
CA GLN C 72 -39.24 0.97 -3.98
C GLN C 72 -38.05 0.79 -4.92
N TYR C 73 -36.95 1.47 -4.61
CA TYR C 73 -35.85 1.65 -5.56
C TYR C 73 -34.60 0.88 -5.16
N GLN C 74 -33.77 0.51 -6.14
CA GLN C 74 -32.49 -0.20 -5.87
C GLN C 74 -31.43 0.51 -6.69
N PHE C 75 -30.52 1.18 -6.00
CA PHE C 75 -29.47 1.94 -6.66
C PHE C 75 -28.15 1.67 -5.94
N SER C 76 -28.07 0.56 -5.23
CA SER C 76 -26.88 0.21 -4.43
C SER C 76 -26.17 -0.99 -4.97
N GLU C 77 -24.86 -1.04 -4.73
CA GLU C 77 -24.05 -2.22 -5.02
C GLU C 77 -24.17 -2.53 -6.52
N ASP C 78 -24.65 -3.71 -6.89
CA ASP C 78 -24.76 -4.08 -8.31
C ASP C 78 -25.74 -3.22 -9.06
N HIS C 79 -26.59 -2.50 -8.30
CA HIS C 79 -27.63 -1.64 -8.89
C HIS C 79 -27.22 -0.18 -8.97
N ASP C 80 -25.95 0.11 -8.64
CA ASP C 80 -25.49 1.50 -8.58
C ASP C 80 -25.03 2.03 -9.94
N VAL C 81 -26.00 2.38 -10.78
CA VAL C 81 -25.75 2.92 -12.12
C VAL C 81 -24.97 4.23 -12.07
N GLU C 82 -25.23 5.09 -11.08
CA GLU C 82 -24.47 6.34 -10.92
C GLU C 82 -22.97 6.05 -10.73
N TYR C 83 -22.67 5.09 -9.87
CA TYR C 83 -21.29 4.68 -9.64
C TYR C 83 -20.63 4.13 -10.90
N PHE C 84 -21.36 3.32 -11.64
CA PHE C 84 -20.85 2.73 -12.89
C PHE C 84 -20.45 3.85 -13.84
N LEU C 85 -21.31 4.86 -13.95
CA LEU C 85 -21.04 5.99 -14.84
C LEU C 85 -19.83 6.86 -14.38
N ARG C 86 -19.73 7.16 -13.09
CA ARG C 86 -18.55 7.83 -12.56
C ARG C 86 -17.27 6.98 -12.81
N LEU C 87 -17.41 5.66 -12.82
CA LEU C 87 -16.25 4.75 -12.95
C LEU C 87 -15.80 4.84 -14.41
N ALA C 88 -16.76 4.88 -15.33
CA ALA C 88 -16.40 4.97 -16.74
C ALA C 88 -15.69 6.32 -16.97
N HIS C 89 -16.24 7.39 -16.38
CA HIS C 89 -15.66 8.73 -16.47
C HIS C 89 -14.23 8.77 -15.92
N GLU C 90 -14.01 8.15 -14.76
CA GLU C 90 -12.67 8.01 -14.15
C GLU C 90 -11.65 7.37 -15.08
N LEU C 91 -12.08 6.38 -15.86
CA LEU C 91 -11.25 5.62 -16.82
C LEU C 91 -11.04 6.37 -18.13
N GLY C 92 -11.62 7.56 -18.22
CA GLY C 92 -11.50 8.40 -19.43
C GLY C 92 -12.46 7.96 -20.53
N LEU C 93 -13.56 7.31 -20.17
CA LEU C 93 -14.59 6.91 -21.15
C LEU C 93 -15.83 7.83 -21.14
N LEU C 94 -16.24 8.28 -22.33
CA LEU C 94 -17.52 8.98 -22.47
C LEU C 94 -18.65 7.95 -22.44
N VAL C 95 -19.88 8.39 -22.26
CA VAL C 95 -21.03 7.47 -22.11
C VAL C 95 -22.20 7.89 -22.99
N ILE C 96 -22.70 6.94 -23.77
CA ILE C 96 -23.94 7.09 -24.49
C ILE C 96 -24.95 6.40 -23.57
N LEU C 97 -25.86 7.18 -22.96
CA LEU C 97 -26.87 6.64 -22.04
C LEU C 97 -28.16 6.26 -22.77
N ARG C 98 -28.69 5.09 -22.49
CA ARG C 98 -29.94 4.62 -23.09
C ARG C 98 -30.91 4.25 -21.99
N PRO C 99 -31.66 5.26 -21.48
CA PRO C 99 -32.50 5.02 -20.30
C PRO C 99 -33.91 4.54 -20.60
N GLY C 100 -34.24 4.26 -21.87
CA GLY C 100 -35.56 3.68 -22.19
C GLY C 100 -36.68 4.71 -22.31
N PRO C 101 -37.81 4.51 -21.60
CA PRO C 101 -38.00 3.57 -20.48
C PRO C 101 -38.12 2.09 -20.89
N TYR C 102 -38.27 1.84 -22.19
CA TYR C 102 -38.23 0.50 -22.76
C TYR C 102 -36.89 0.35 -23.45
N ILE C 103 -36.21 -0.78 -23.23
CA ILE C 103 -34.83 -0.95 -23.72
C ILE C 103 -34.66 -2.21 -24.62
N CYS C 104 -35.68 -3.07 -24.70
CA CYS C 104 -35.62 -4.34 -25.50
C CYS C 104 -34.56 -5.27 -24.91
N ALA C 105 -33.38 -5.36 -25.54
CA ALA C 105 -32.16 -5.87 -24.92
C ALA C 105 -32.13 -7.34 -24.50
N GLU C 106 -33.04 -8.19 -25.02
CA GLU C 106 -33.07 -9.59 -24.58
C GLU C 106 -33.18 -9.67 -23.04
N TRP C 107 -33.94 -8.71 -22.49
CA TRP C 107 -34.07 -8.52 -21.04
C TRP C 107 -35.54 -8.60 -20.74
N GLU C 108 -35.86 -9.27 -19.64
N GLU C 108 -35.88 -9.21 -19.60
CA GLU C 108 -37.25 -9.42 -19.18
CA GLU C 108 -37.28 -9.38 -19.15
C GLU C 108 -38.14 -8.19 -19.45
C GLU C 108 -38.17 -8.17 -19.43
N MET C 109 -39.22 -8.40 -20.22
CA MET C 109 -40.18 -7.35 -20.59
C MET C 109 -39.56 -6.08 -21.17
N GLY C 110 -38.40 -6.26 -21.80
CA GLY C 110 -37.66 -5.11 -22.41
C GLY C 110 -37.37 -4.08 -21.33
N GLY C 111 -37.17 -4.53 -20.09
CA GLY C 111 -36.89 -3.64 -18.97
C GLY C 111 -38.14 -3.00 -18.36
N LEU C 112 -39.32 -3.21 -18.94
CA LEU C 112 -40.52 -2.64 -18.32
C LEU C 112 -40.92 -3.44 -17.07
N PRO C 113 -41.28 -2.73 -15.98
CA PRO C 113 -41.67 -3.44 -14.76
C PRO C 113 -42.98 -4.22 -14.94
N ALA C 114 -43.00 -5.45 -14.43
CA ALA C 114 -44.17 -6.30 -14.53
C ALA C 114 -45.40 -5.76 -13.78
N TRP C 115 -45.17 -4.94 -12.74
CA TRP C 115 -46.30 -4.33 -12.02
C TRP C 115 -47.09 -3.38 -12.90
N LEU C 116 -46.50 -2.95 -14.01
CA LEU C 116 -47.32 -2.18 -14.98
C LEU C 116 -48.59 -2.93 -15.40
N LEU C 117 -48.49 -4.24 -15.47
CA LEU C 117 -49.56 -5.13 -15.92
C LEU C 117 -50.69 -5.31 -14.91
N GLU C 118 -50.57 -4.68 -13.75
CA GLU C 118 -51.66 -4.67 -12.76
C GLU C 118 -52.87 -3.97 -13.34
N LYS C 119 -52.61 -3.10 -14.33
CA LYS C 119 -53.69 -2.65 -15.22
C LYS C 119 -53.70 -3.60 -16.41
N GLU C 120 -54.59 -4.58 -16.42
CA GLU C 120 -54.47 -5.64 -17.43
C GLU C 120 -54.57 -5.09 -18.86
N SER C 121 -55.33 -4.02 -19.06
CA SER C 121 -55.53 -3.50 -20.42
C SER C 121 -54.49 -2.45 -20.84
N ILE C 122 -53.44 -2.27 -20.03
CA ILE C 122 -52.42 -1.26 -20.32
C ILE C 122 -51.81 -1.45 -21.73
N LEU C 123 -51.74 -0.35 -22.48
CA LEU C 123 -51.02 -0.34 -23.75
C LEU C 123 -49.63 0.23 -23.46
N LEU C 124 -48.69 -0.67 -23.24
CA LEU C 124 -47.31 -0.25 -23.03
C LEU C 124 -46.76 0.47 -24.27
N ARG C 125 -45.80 1.37 -24.05
CA ARG C 125 -45.11 2.09 -25.15
C ARG C 125 -46.06 2.97 -25.96
N SER C 126 -46.92 3.70 -25.26
CA SER C 126 -47.93 4.56 -25.91
C SER C 126 -48.32 5.74 -25.00
N SER C 127 -49.33 6.51 -25.41
N SER C 127 -49.32 6.52 -25.39
CA SER C 127 -49.84 7.62 -24.60
CA SER C 127 -49.79 7.61 -24.56
C SER C 127 -50.89 7.18 -23.60
C SER C 127 -50.90 7.17 -23.62
N ASP C 128 -51.02 5.86 -23.41
CA ASP C 128 -51.86 5.31 -22.35
C ASP C 128 -51.52 6.08 -21.05
N PRO C 129 -52.51 6.79 -20.48
CA PRO C 129 -52.31 7.74 -19.39
C PRO C 129 -51.59 7.15 -18.16
N ASP C 130 -51.96 5.91 -17.84
CA ASP C 130 -51.41 5.19 -16.70
C ASP C 130 -49.98 4.75 -16.94
N TYR C 131 -49.70 4.38 -18.19
CA TYR C 131 -48.32 4.11 -18.59
C TYR C 131 -47.51 5.37 -18.49
N LEU C 132 -48.03 6.47 -19.06
CA LEU C 132 -47.35 7.77 -18.98
C LEU C 132 -47.08 8.23 -17.54
N ALA C 133 -48.09 8.10 -16.68
CA ALA C 133 -47.97 8.53 -15.29
C ALA C 133 -46.84 7.74 -14.61
N ALA C 134 -46.79 6.44 -14.89
CA ALA C 134 -45.75 5.57 -14.31
C ALA C 134 -44.35 5.91 -14.87
N VAL C 135 -44.24 6.11 -16.18
CA VAL C 135 -43.00 6.53 -16.80
C VAL C 135 -42.51 7.87 -16.22
N ASP C 136 -43.44 8.81 -16.03
CA ASP C 136 -43.08 10.16 -15.60
C ASP C 136 -42.49 10.12 -14.18
N LYS C 137 -43.11 9.32 -13.32
CA LYS C 137 -42.63 9.06 -11.97
C LYS C 137 -41.20 8.50 -11.97
N TRP C 138 -40.96 7.51 -12.81
CA TRP C 138 -39.62 6.89 -12.95
C TRP C 138 -38.60 7.87 -13.50
N LEU C 139 -38.94 8.58 -14.60
CA LEU C 139 -38.04 9.61 -15.12
C LEU C 139 -37.72 10.66 -14.04
N GLY C 140 -38.69 10.96 -13.18
CA GLY C 140 -38.50 11.88 -12.07
C GLY C 140 -37.58 11.43 -10.93
N VAL C 141 -37.31 10.13 -10.88
CA VAL C 141 -36.31 9.53 -9.98
C VAL C 141 -34.96 9.34 -10.70
N LEU C 142 -35.00 8.74 -11.88
CA LEU C 142 -33.79 8.47 -12.67
C LEU C 142 -33.07 9.68 -13.27
N LEU C 143 -33.79 10.54 -13.98
CA LEU C 143 -33.15 11.65 -14.74
C LEU C 143 -32.42 12.71 -13.90
N PRO C 144 -32.96 13.05 -12.69
CA PRO C 144 -32.17 13.93 -11.81
C PRO C 144 -30.87 13.30 -11.31
N LYS C 145 -30.87 11.98 -11.15
CA LYS C 145 -29.59 11.29 -10.91
C LYS C 145 -28.61 11.42 -12.08
N MET C 146 -29.16 11.52 -13.30
CA MET C 146 -28.32 11.56 -14.49
C MET C 146 -27.84 12.98 -14.85
N LYS C 147 -28.61 14.01 -14.52
CA LYS C 147 -28.28 15.39 -14.89
C LYS C 147 -26.82 15.78 -14.53
N PRO C 148 -26.39 15.52 -13.27
CA PRO C 148 -25.00 15.86 -12.89
C PRO C 148 -23.95 15.03 -13.61
N LEU C 149 -24.38 13.90 -14.19
CA LEU C 149 -23.48 13.05 -14.98
C LEU C 149 -23.40 13.45 -16.47
N LEU C 150 -24.20 14.42 -16.90
CA LEU C 150 -24.06 14.95 -18.26
C LEU C 150 -22.72 15.63 -18.47
N TYR C 151 -22.20 15.51 -19.69
CA TYR C 151 -20.95 16.15 -20.07
C TYR C 151 -20.86 17.64 -19.70
N GLN C 152 -21.90 18.42 -20.00
N GLN C 152 -21.92 18.40 -19.98
CA GLN C 152 -21.84 19.86 -19.72
CA GLN C 152 -21.92 19.84 -19.71
C GLN C 152 -21.85 20.20 -18.23
C GLN C 152 -21.79 20.17 -18.23
N ASN C 153 -22.13 19.21 -17.39
CA ASN C 153 -22.12 19.39 -15.94
C ASN C 153 -20.92 18.74 -15.28
N GLY C 154 -19.99 18.22 -16.09
CA GLY C 154 -18.77 17.65 -15.57
C GLY C 154 -18.69 16.13 -15.55
N GLY C 155 -19.70 15.44 -16.09
CA GLY C 155 -19.77 13.98 -16.15
C GLY C 155 -19.42 13.41 -17.53
N PRO C 156 -19.69 12.11 -17.78
CA PRO C 156 -19.32 11.49 -19.05
C PRO C 156 -20.42 11.42 -20.12
N VAL C 157 -21.67 11.62 -19.71
CA VAL C 157 -22.76 11.32 -20.61
C VAL C 157 -22.85 12.39 -21.73
N ILE C 158 -22.56 11.97 -22.96
CA ILE C 158 -22.53 12.87 -24.12
C ILE C 158 -23.85 12.92 -24.90
N THR C 159 -24.58 11.80 -24.95
CA THR C 159 -25.83 11.73 -25.71
C THR C 159 -26.79 10.75 -24.98
N VAL C 160 -28.09 10.93 -25.20
CA VAL C 160 -29.10 10.12 -24.48
C VAL C 160 -30.16 9.65 -25.45
N GLN C 161 -30.37 8.35 -25.50
CA GLN C 161 -31.43 7.81 -26.38
C GLN C 161 -32.80 7.88 -25.74
N VAL C 162 -33.77 8.34 -26.54
CA VAL C 162 -35.16 8.36 -26.14
C VAL C 162 -35.83 7.11 -26.73
N GLU C 163 -36.43 6.31 -25.86
CA GLU C 163 -37.08 5.04 -26.22
C GLU C 163 -36.06 4.11 -26.86
N ASN C 164 -36.52 3.10 -27.59
CA ASN C 164 -35.62 2.16 -28.22
C ASN C 164 -36.31 1.50 -29.38
N GLU C 165 -35.90 1.87 -30.61
CA GLU C 165 -36.45 1.24 -31.81
C GLU C 165 -37.97 1.35 -31.79
N TYR C 166 -38.46 2.54 -31.46
CA TYR C 166 -39.89 2.72 -31.39
C TYR C 166 -40.58 2.43 -32.72
N GLY C 167 -39.85 2.68 -33.83
CA GLY C 167 -40.35 2.41 -35.19
C GLY C 167 -40.67 0.96 -35.48
N SER C 168 -40.19 0.06 -34.63
CA SER C 168 -40.48 -1.36 -34.82
C SER C 168 -41.78 -1.78 -34.14
N TYR C 169 -42.29 -0.95 -33.22
CA TYR C 169 -43.48 -1.32 -32.42
C TYR C 169 -44.73 -0.92 -33.18
N PHE C 170 -45.83 -1.62 -32.93
CA PHE C 170 -47.04 -1.41 -33.72
C PHE C 170 -47.75 -0.08 -33.47
N ALA C 171 -47.60 0.48 -32.27
CA ALA C 171 -48.52 1.57 -31.88
C ALA C 171 -48.35 2.87 -32.66
N CYS C 172 -47.10 3.21 -32.98
CA CYS C 172 -46.77 4.42 -33.73
C CYS C 172 -47.38 5.71 -33.10
N ASP C 173 -47.33 5.74 -31.77
CA ASP C 173 -47.90 6.84 -31.02
C ASP C 173 -46.88 7.99 -30.95
N PHE C 174 -47.01 8.98 -31.83
CA PHE C 174 -46.06 10.09 -31.76
C PHE C 174 -46.21 10.97 -30.51
N ASP C 175 -47.43 11.10 -29.96
CA ASP C 175 -47.60 11.87 -28.74
C ASP C 175 -46.77 11.27 -27.61
N TYR C 176 -46.65 9.95 -27.59
CA TYR C 176 -45.79 9.27 -26.59
C TYR C 176 -44.33 9.74 -26.72
N LEU C 177 -43.78 9.72 -27.96
CA LEU C 177 -42.41 10.18 -28.21
C LEU C 177 -42.21 11.66 -27.85
N ARG C 178 -43.23 12.48 -28.12
CA ARG C 178 -43.16 13.90 -27.79
C ARG C 178 -43.22 14.07 -26.27
N PHE C 179 -44.02 13.24 -25.62
CA PHE C 179 -44.03 13.27 -24.16
C PHE C 179 -42.61 13.01 -23.61
N LEU C 180 -42.00 11.91 -24.06
CA LEU C 180 -40.66 11.57 -23.59
C LEU C 180 -39.67 12.72 -23.86
N GLN C 181 -39.67 13.21 -25.08
CA GLN C 181 -38.84 14.34 -25.44
C GLN C 181 -39.00 15.49 -24.44
N LYS C 182 -40.25 15.85 -24.13
CA LYS C 182 -40.55 16.93 -23.20
C LYS C 182 -40.00 16.64 -21.79
N ARG C 183 -40.20 15.42 -21.30
CA ARG C 183 -39.78 15.11 -19.91
C ARG C 183 -38.25 14.98 -19.75
N PHE C 184 -37.58 14.46 -20.79
CA PHE C 184 -36.12 14.37 -20.77
C PHE C 184 -35.56 15.79 -20.79
N ARG C 185 -36.12 16.64 -21.65
CA ARG C 185 -35.74 18.05 -21.66
C ARG C 185 -36.01 18.72 -20.31
N HIS C 186 -37.18 18.47 -19.71
CA HIS C 186 -37.47 19.03 -18.37
C HIS C 186 -36.37 18.75 -17.37
N HIS C 187 -35.93 17.49 -17.31
CA HIS C 187 -34.99 17.06 -16.28
C HIS C 187 -33.55 17.26 -16.62
N LEU C 188 -33.24 17.25 -17.90
CA LEU C 188 -31.87 17.18 -18.38
C LEU C 188 -31.37 18.49 -19.02
N GLY C 189 -32.30 19.38 -19.36
CA GLY C 189 -31.97 20.65 -19.99
C GLY C 189 -32.00 20.60 -21.48
N ASP C 190 -31.73 21.76 -22.07
CA ASP C 190 -31.90 21.97 -23.51
C ASP C 190 -30.66 21.71 -24.32
N ASP C 191 -29.53 21.47 -23.66
CA ASP C 191 -28.29 21.30 -24.39
C ASP C 191 -28.04 19.84 -24.75
N VAL C 192 -28.48 18.90 -23.91
CA VAL C 192 -28.14 17.48 -24.10
C VAL C 192 -28.63 16.96 -25.46
N VAL C 193 -27.70 16.29 -26.15
CA VAL C 193 -28.01 15.62 -27.40
C VAL C 193 -28.94 14.42 -27.12
N LEU C 194 -30.18 14.54 -27.59
CA LEU C 194 -31.17 13.46 -27.52
C LEU C 194 -31.30 12.81 -28.89
N PHE C 195 -31.36 11.49 -28.92
CA PHE C 195 -31.42 10.78 -30.17
C PHE C 195 -32.33 9.56 -30.12
N THR C 196 -32.66 9.02 -31.29
CA THR C 196 -33.41 7.76 -31.37
C THR C 196 -32.57 6.78 -32.16
N THR C 197 -32.86 5.48 -32.00
CA THR C 197 -32.24 4.42 -32.78
C THR C 197 -33.31 3.52 -33.38
N ASP C 198 -33.24 3.30 -34.71
CA ASP C 198 -34.14 2.37 -35.37
C ASP C 198 -33.39 1.59 -36.43
N GLY C 199 -33.99 0.50 -36.90
CA GLY C 199 -33.47 -0.25 -38.06
C GLY C 199 -33.28 0.64 -39.28
N ALA C 200 -32.29 0.31 -40.09
CA ALA C 200 -31.82 1.18 -41.15
C ALA C 200 -32.66 1.00 -42.43
N HIS C 201 -33.91 1.43 -42.36
CA HIS C 201 -34.86 1.32 -43.48
C HIS C 201 -35.99 2.28 -43.25
N LYS C 202 -36.51 2.86 -44.31
CA LYS C 202 -37.63 3.80 -44.18
C LYS C 202 -38.81 3.22 -43.41
N THR C 203 -39.01 1.90 -43.48
CA THR C 203 -40.17 1.24 -42.84
C THR C 203 -40.11 1.31 -41.31
N PHE C 204 -38.89 1.26 -40.77
CA PHE C 204 -38.67 1.39 -39.33
C PHE C 204 -38.57 2.85 -38.87
N LEU C 205 -37.96 3.69 -39.70
CA LEU C 205 -37.79 5.10 -39.39
C LEU C 205 -39.10 5.89 -39.36
N LYS C 206 -40.05 5.50 -40.19
CA LYS C 206 -41.38 6.13 -40.23
C LYS C 206 -41.96 6.44 -38.83
N CYS C 207 -42.05 5.44 -37.96
CA CYS C 207 -42.67 5.64 -36.66
C CYS C 207 -41.67 5.94 -35.53
N GLY C 208 -40.38 5.76 -35.82
CA GLY C 208 -39.34 5.88 -34.79
C GLY C 208 -38.72 7.26 -34.69
N ALA C 209 -38.64 7.94 -35.82
CA ALA C 209 -37.99 9.25 -35.84
C ALA C 209 -38.97 10.34 -35.45
N LEU C 210 -38.44 11.34 -34.75
CA LEU C 210 -39.24 12.50 -34.31
C LEU C 210 -38.46 13.79 -34.48
N GLN C 211 -39.18 14.87 -34.81
CA GLN C 211 -38.55 16.17 -34.95
C GLN C 211 -37.95 16.55 -33.59
N GLY C 212 -36.72 17.02 -33.58
CA GLY C 212 -36.08 17.48 -32.34
C GLY C 212 -35.32 16.38 -31.62
N LEU C 213 -35.49 15.14 -32.09
CA LEU C 213 -34.61 14.02 -31.68
C LEU C 213 -33.72 13.57 -32.84
N TYR C 214 -32.40 13.51 -32.62
CA TYR C 214 -31.51 13.13 -33.71
C TYR C 214 -31.69 11.65 -34.10
N THR C 215 -31.97 11.40 -35.39
CA THR C 215 -32.26 10.07 -35.87
C THR C 215 -30.99 9.26 -36.20
N THR C 216 -30.84 8.10 -35.56
CA THR C 216 -29.72 7.20 -35.83
C THR C 216 -30.29 5.83 -36.21
N VAL C 217 -29.42 4.97 -36.75
CA VAL C 217 -29.83 3.65 -37.23
C VAL C 217 -28.95 2.59 -36.56
N ASP C 218 -29.37 1.35 -36.70
CA ASP C 218 -28.54 0.18 -36.34
C ASP C 218 -28.49 -0.79 -37.49
N PHE C 219 -27.42 -1.55 -37.54
CA PHE C 219 -27.24 -2.58 -38.56
C PHE C 219 -25.97 -3.36 -38.25
N GLY C 220 -25.93 -4.61 -38.67
CA GLY C 220 -24.78 -5.46 -38.46
C GLY C 220 -24.02 -5.76 -39.73
N THR C 221 -23.24 -6.83 -39.69
CA THR C 221 -22.34 -7.20 -40.79
C THR C 221 -22.99 -7.65 -42.11
N GLY C 222 -24.28 -7.97 -42.09
CA GLY C 222 -24.94 -8.42 -43.31
C GLY C 222 -25.65 -7.32 -44.09
N SER C 223 -25.56 -6.09 -43.59
CA SER C 223 -26.25 -4.96 -44.22
C SER C 223 -25.32 -4.21 -45.17
N ASN C 224 -25.87 -3.78 -46.29
CA ASN C 224 -25.14 -2.89 -47.16
C ASN C 224 -25.00 -1.56 -46.40
N ILE C 225 -23.75 -1.21 -46.08
CA ILE C 225 -23.46 -0.02 -45.26
C ILE C 225 -23.89 1.32 -45.94
N THR C 226 -23.66 1.46 -47.24
CA THR C 226 -24.08 2.65 -47.95
C THR C 226 -25.60 2.84 -47.87
N ASP C 227 -26.34 1.76 -48.10
CA ASP C 227 -27.80 1.80 -48.09
C ASP C 227 -28.28 2.17 -46.67
N ALA C 228 -27.58 1.64 -45.67
CA ALA C 228 -27.95 1.83 -44.27
C ALA C 228 -27.86 3.31 -43.89
N PHE C 229 -26.70 3.90 -44.15
CA PHE C 229 -26.50 5.33 -43.92
C PHE C 229 -27.31 6.24 -44.87
N LEU C 230 -27.59 5.79 -46.09
CA LEU C 230 -28.59 6.51 -46.91
C LEU C 230 -29.96 6.60 -46.20
N SER C 231 -30.38 5.51 -45.56
CA SER C 231 -31.64 5.56 -44.82
C SER C 231 -31.62 6.60 -43.67
N GLN C 232 -30.47 6.73 -42.99
CA GLN C 232 -30.35 7.73 -41.94
C GLN C 232 -30.37 9.14 -42.51
N ARG C 233 -29.71 9.31 -43.66
CA ARG C 233 -29.57 10.64 -44.28
C ARG C 233 -30.92 11.19 -44.76
N LYS C 234 -31.81 10.29 -45.12
CA LYS C 234 -33.16 10.69 -45.53
C LYS C 234 -33.84 11.41 -44.35
N CYS C 235 -33.52 10.98 -43.12
CA CYS C 235 -34.05 11.60 -41.90
C CYS C 235 -33.19 12.75 -41.35
N GLU C 236 -31.88 12.65 -41.54
CA GLU C 236 -30.97 13.69 -41.07
C GLU C 236 -30.01 13.98 -42.20
N PRO C 237 -30.37 14.93 -43.09
CA PRO C 237 -29.51 15.26 -44.24
C PRO C 237 -28.16 15.81 -43.78
N LYS C 238 -28.13 16.36 -42.57
CA LYS C 238 -26.93 16.97 -42.03
C LYS C 238 -26.64 16.45 -40.61
N GLY C 239 -25.38 16.40 -40.25
CA GLY C 239 -25.01 15.88 -38.94
C GLY C 239 -24.31 14.52 -39.06
N PRO C 240 -23.88 13.97 -37.92
CA PRO C 240 -23.03 12.77 -37.95
C PRO C 240 -23.75 11.55 -38.44
N LEU C 241 -23.04 10.70 -39.19
CA LEU C 241 -23.53 9.37 -39.45
C LEU C 241 -23.33 8.59 -38.17
N ILE C 242 -24.33 7.81 -37.79
CA ILE C 242 -24.22 7.06 -36.55
C ILE C 242 -24.84 5.69 -36.70
N ASN C 243 -24.06 4.67 -36.38
CA ASN C 243 -24.62 3.34 -36.19
C ASN C 243 -24.61 3.05 -34.69
N SER C 244 -25.79 3.11 -34.04
CA SER C 244 -25.88 2.91 -32.58
C SER C 244 -25.80 1.47 -32.12
N GLU C 245 -26.08 0.50 -32.99
CA GLU C 245 -25.84 -0.90 -32.61
C GLU C 245 -25.27 -1.64 -33.79
N PHE C 246 -23.95 -1.63 -33.88
CA PHE C 246 -23.25 -2.34 -34.92
C PHE C 246 -22.98 -3.73 -34.36
N TYR C 247 -23.64 -4.74 -34.92
CA TYR C 247 -23.69 -6.06 -34.22
C TYR C 247 -22.38 -6.82 -34.32
N THR C 248 -21.82 -7.17 -33.17
CA THR C 248 -20.58 -7.93 -33.16
C THR C 248 -20.84 -9.43 -33.08
N GLY C 249 -22.10 -9.80 -32.85
CA GLY C 249 -22.47 -11.20 -32.65
C GLY C 249 -23.98 -11.18 -32.78
N TRP C 250 -24.66 -12.10 -32.13
CA TRP C 250 -26.13 -12.07 -32.08
C TRP C 250 -26.60 -12.80 -30.86
N LEU C 251 -27.88 -12.66 -30.58
CA LEU C 251 -28.50 -13.33 -29.44
C LEU C 251 -28.79 -14.83 -29.71
N ASP C 252 -29.01 -15.56 -28.63
CA ASP C 252 -29.40 -16.96 -28.64
C ASP C 252 -30.84 -17.22 -28.16
N HIS C 253 -31.34 -18.43 -28.50
CA HIS C 253 -32.55 -18.96 -27.89
C HIS C 253 -32.27 -20.37 -27.41
N TRP C 254 -32.86 -20.75 -26.28
CA TRP C 254 -32.79 -22.15 -25.88
C TRP C 254 -33.26 -23.01 -27.03
N GLY C 255 -32.52 -24.06 -27.34
CA GLY C 255 -32.94 -25.05 -28.34
C GLY C 255 -32.52 -24.70 -29.76
N GLN C 256 -31.88 -23.55 -29.94
CA GLN C 256 -31.34 -23.15 -31.23
C GLN C 256 -29.81 -23.12 -31.15
N PRO C 257 -29.11 -23.35 -32.29
CA PRO C 257 -27.64 -23.26 -32.26
C PRO C 257 -27.16 -21.88 -31.80
N HIS C 258 -26.04 -21.86 -31.05
CA HIS C 258 -25.44 -20.63 -30.55
C HIS C 258 -25.06 -19.75 -31.71
N SER C 259 -25.40 -18.47 -31.64
CA SER C 259 -25.11 -17.52 -32.73
C SER C 259 -23.65 -17.08 -32.70
N THR C 260 -23.02 -17.01 -33.88
CA THR C 260 -21.67 -16.49 -33.98
C THR C 260 -21.59 -15.59 -35.21
N ILE C 261 -20.69 -14.62 -35.18
CA ILE C 261 -20.44 -13.79 -36.36
C ILE C 261 -18.93 -13.82 -36.50
N LYS C 262 -18.44 -13.98 -37.73
CA LYS C 262 -17.00 -14.12 -37.94
C LYS C 262 -16.26 -12.83 -37.60
N THR C 263 -15.14 -12.99 -36.92
CA THR C 263 -14.23 -11.88 -36.66
C THR C 263 -13.93 -11.05 -37.91
N GLU C 264 -13.64 -11.72 -39.02
CA GLU C 264 -13.35 -11.03 -40.33
C GLU C 264 -14.48 -10.08 -40.75
N ALA C 265 -15.72 -10.54 -40.58
CA ALA C 265 -16.93 -9.77 -40.97
C ALA C 265 -17.09 -8.52 -40.11
N VAL C 266 -17.00 -8.67 -38.79
CA VAL C 266 -17.02 -7.53 -37.87
C VAL C 266 -15.87 -6.52 -38.16
N ALA C 267 -14.64 -7.01 -38.31
CA ALA C 267 -13.49 -6.14 -38.56
C ALA C 267 -13.70 -5.34 -39.85
N SER C 268 -14.12 -6.02 -40.91
CA SER C 268 -14.29 -5.40 -42.22
C SER C 268 -15.37 -4.29 -42.19
N SER C 269 -16.52 -4.59 -41.59
CA SER C 269 -17.58 -3.61 -41.46
C SER C 269 -17.22 -2.46 -40.53
N LEU C 270 -16.57 -2.75 -39.40
CA LEU C 270 -16.06 -1.69 -38.52
C LEU C 270 -15.12 -0.73 -39.26
N TYR C 271 -14.13 -1.28 -39.96
CA TYR C 271 -13.22 -0.42 -40.72
C TYR C 271 -14.03 0.46 -41.69
N ASP C 272 -14.95 -0.17 -42.42
CA ASP C 272 -15.76 0.54 -43.42
C ASP C 272 -16.57 1.69 -42.80
N ILE C 273 -17.22 1.43 -41.66
CA ILE C 273 -17.98 2.46 -40.95
C ILE C 273 -17.09 3.62 -40.47
N LEU C 274 -15.96 3.29 -39.83
CA LEU C 274 -15.06 4.35 -39.36
C LEU C 274 -14.46 5.21 -40.47
N ALA C 275 -14.10 4.58 -41.59
CA ALA C 275 -13.51 5.28 -42.73
C ALA C 275 -14.46 6.36 -43.24
N ARG C 276 -15.77 6.14 -43.07
CA ARG C 276 -16.81 7.10 -43.49
C ARG C 276 -16.93 8.30 -42.56
N GLY C 277 -16.17 8.27 -41.46
CA GLY C 277 -16.28 9.29 -40.43
C GLY C 277 -17.47 9.12 -39.48
N ALA C 278 -18.11 7.95 -39.49
CA ALA C 278 -19.33 7.74 -38.69
C ALA C 278 -18.92 7.49 -37.25
N SER C 279 -19.76 7.92 -36.30
CA SER C 279 -19.65 7.47 -34.92
C SER C 279 -20.31 6.09 -34.86
N VAL C 280 -19.80 5.19 -34.03
CA VAL C 280 -20.32 3.83 -34.07
C VAL C 280 -20.27 3.26 -32.67
N ASN C 281 -21.29 2.47 -32.34
CA ASN C 281 -21.25 1.67 -31.12
C ASN C 281 -21.36 0.20 -31.42
N LEU C 282 -20.43 -0.59 -30.87
CA LEU C 282 -20.42 -2.04 -31.05
C LEU C 282 -21.36 -2.71 -30.06
N TYR C 283 -22.38 -3.40 -30.57
CA TYR C 283 -23.37 -4.09 -29.74
C TYR C 283 -23.26 -5.61 -29.93
N MET C 284 -22.82 -6.39 -28.94
CA MET C 284 -22.33 -5.98 -27.61
C MET C 284 -20.80 -5.95 -27.67
N PHE C 285 -20.19 -5.26 -26.74
CA PHE C 285 -18.74 -5.39 -26.63
C PHE C 285 -18.41 -6.45 -25.59
N ILE C 286 -19.06 -6.36 -24.44
CA ILE C 286 -19.16 -7.53 -23.57
C ILE C 286 -20.64 -7.72 -23.32
N GLY C 287 -21.11 -8.95 -23.45
CA GLY C 287 -22.55 -9.24 -23.22
C GLY C 287 -22.80 -9.61 -21.75
N GLY C 288 -21.93 -10.44 -21.21
CA GLY C 288 -22.11 -10.88 -19.80
C GLY C 288 -23.22 -11.90 -19.63
N THR C 289 -24.00 -11.75 -18.57
CA THR C 289 -24.90 -12.79 -18.07
C THR C 289 -26.26 -12.26 -17.65
N ASN C 290 -27.32 -13.02 -17.98
CA ASN C 290 -28.65 -12.81 -17.42
C ASN C 290 -28.72 -13.62 -16.15
N PHE C 291 -28.34 -13.04 -15.01
CA PHE C 291 -28.43 -13.78 -13.75
C PHE C 291 -29.90 -13.86 -13.34
N ALA C 292 -30.23 -14.72 -12.36
CA ALA C 292 -31.57 -14.80 -11.82
C ALA C 292 -32.58 -15.02 -12.95
N TYR C 293 -33.63 -14.20 -13.05
CA TYR C 293 -34.68 -14.39 -14.07
C TYR C 293 -34.68 -13.23 -15.08
N TRP C 294 -33.51 -12.62 -15.31
CA TRP C 294 -33.47 -11.38 -16.09
C TRP C 294 -33.54 -11.54 -17.59
N ASN C 295 -33.44 -12.77 -18.10
CA ASN C 295 -33.49 -13.02 -19.54
C ASN C 295 -34.86 -12.61 -20.13
N GLY C 296 -34.91 -12.34 -21.43
CA GLY C 296 -36.18 -12.12 -22.15
C GLY C 296 -36.59 -13.26 -23.07
N ALA C 297 -37.38 -12.92 -24.08
CA ALA C 297 -37.87 -13.90 -25.02
C ALA C 297 -38.38 -13.20 -26.25
N ASN C 298 -38.45 -13.95 -27.35
CA ASN C 298 -39.09 -13.43 -28.56
C ASN C 298 -40.39 -14.13 -28.85
N SER C 299 -41.17 -13.55 -29.76
N SER C 299 -41.19 -13.54 -29.74
CA SER C 299 -42.43 -14.12 -30.21
CA SER C 299 -42.43 -14.12 -30.21
C SER C 299 -42.20 -14.67 -31.62
C SER C 299 -42.19 -14.68 -31.62
N PRO C 300 -42.70 -15.88 -31.92
CA PRO C 300 -43.46 -16.80 -31.07
C PRO C 300 -42.59 -17.35 -29.95
N TYR C 301 -43.21 -17.66 -28.82
CA TYR C 301 -42.50 -17.78 -27.57
C TYR C 301 -41.19 -18.57 -27.62
N ALA C 302 -40.08 -17.85 -27.50
CA ALA C 302 -38.74 -18.45 -27.48
C ALA C 302 -37.82 -17.69 -26.51
N ALA C 303 -37.47 -18.29 -25.37
CA ALA C 303 -36.69 -17.59 -24.36
C ALA C 303 -35.21 -17.59 -24.70
N GLN C 304 -34.55 -16.47 -24.48
CA GLN C 304 -33.08 -16.41 -24.56
C GLN C 304 -32.46 -17.07 -23.32
N PRO C 305 -31.27 -17.67 -23.46
CA PRO C 305 -30.69 -18.39 -22.33
C PRO C 305 -30.05 -17.47 -21.26
N THR C 306 -29.49 -18.11 -20.24
CA THR C 306 -28.79 -17.42 -19.14
C THR C 306 -27.56 -16.63 -19.58
N SER C 307 -26.72 -17.26 -20.39
CA SER C 307 -25.55 -16.59 -20.95
C SER C 307 -25.96 -15.50 -21.91
N TYR C 308 -25.34 -14.34 -21.80
CA TYR C 308 -25.51 -13.32 -22.86
C TYR C 308 -24.15 -13.11 -23.51
N ASP C 309 -23.40 -14.19 -23.67
CA ASP C 309 -22.07 -14.12 -24.27
C ASP C 309 -22.12 -13.30 -25.58
N TYR C 310 -23.13 -13.57 -26.42
CA TYR C 310 -23.42 -12.82 -27.65
C TYR C 310 -22.36 -13.07 -28.76
N ASP C 311 -21.34 -13.89 -28.47
CA ASP C 311 -20.14 -14.00 -29.35
C ASP C 311 -19.44 -12.62 -29.48
N ALA C 312 -19.58 -11.84 -28.40
CA ALA C 312 -18.96 -10.52 -28.26
C ALA C 312 -17.42 -10.60 -28.24
N PRO C 313 -16.73 -9.47 -28.49
CA PRO C 313 -15.24 -9.42 -28.41
C PRO C 313 -14.72 -9.75 -27.02
N LEU C 314 -15.43 -9.34 -25.95
CA LEU C 314 -15.10 -9.83 -24.57
C LEU C 314 -16.13 -10.92 -24.25
N SER C 315 -15.64 -12.10 -23.84
CA SER C 315 -16.49 -13.28 -23.62
C SER C 315 -17.32 -13.05 -22.39
N GLU C 316 -18.24 -13.99 -22.09
CA GLU C 316 -19.13 -13.84 -20.96
C GLU C 316 -18.39 -13.44 -19.69
N ALA C 317 -17.26 -14.13 -19.44
CA ALA C 317 -16.48 -13.96 -18.22
C ALA C 317 -15.40 -12.89 -18.40
N GLY C 318 -15.53 -12.11 -19.46
CA GLY C 318 -14.65 -10.98 -19.72
C GLY C 318 -13.34 -11.32 -20.45
N ASP C 319 -13.24 -12.52 -21.06
CA ASP C 319 -11.97 -12.95 -21.67
C ASP C 319 -11.63 -12.15 -22.92
N LEU C 320 -10.33 -11.91 -23.11
CA LEU C 320 -9.89 -11.30 -24.37
C LEU C 320 -10.05 -12.45 -25.39
N THR C 321 -10.61 -12.14 -26.56
CA THR C 321 -10.75 -13.13 -27.61
C THR C 321 -10.00 -12.68 -28.85
N GLU C 322 -9.92 -13.57 -29.84
CA GLU C 322 -9.37 -13.19 -31.14
C GLU C 322 -10.11 -12.00 -31.72
N LYS C 323 -11.44 -12.00 -31.55
CA LYS C 323 -12.28 -10.89 -32.02
C LYS C 323 -11.87 -9.57 -31.35
N TYR C 324 -11.67 -9.60 -30.02
CA TYR C 324 -11.19 -8.41 -29.31
C TYR C 324 -9.90 -7.84 -29.96
N PHE C 325 -8.91 -8.69 -30.24
CA PHE C 325 -7.64 -8.15 -30.71
C PHE C 325 -7.74 -7.62 -32.14
N ALA C 326 -8.60 -8.27 -32.91
CA ALA C 326 -8.82 -7.89 -34.28
C ALA C 326 -9.50 -6.51 -34.38
N LEU C 327 -10.41 -6.22 -33.45
CA LEU C 327 -11.13 -4.94 -33.47
C LEU C 327 -10.23 -3.81 -32.95
N ARG C 328 -9.43 -4.12 -31.93
CA ARG C 328 -8.45 -3.19 -31.46
C ARG C 328 -7.52 -2.80 -32.61
N ASN C 329 -7.10 -3.80 -33.39
N ASN C 329 -7.11 -3.79 -33.40
CA ASN C 329 -6.19 -3.58 -34.53
CA ASN C 329 -6.21 -3.56 -34.53
C ASN C 329 -6.82 -2.66 -35.60
C ASN C 329 -6.83 -2.64 -35.58
N ILE C 330 -8.13 -2.81 -35.81
CA ILE C 330 -8.90 -1.90 -36.69
C ILE C 330 -8.91 -0.47 -36.12
N ILE C 331 -9.26 -0.33 -34.83
CA ILE C 331 -9.35 1.01 -34.23
C ILE C 331 -7.99 1.74 -34.25
N GLN C 332 -6.90 0.97 -34.07
CA GLN C 332 -5.54 1.51 -34.14
C GLN C 332 -5.25 2.18 -35.47
N LYS C 333 -5.91 1.71 -36.53
CA LYS C 333 -5.69 2.28 -37.85
C LYS C 333 -6.23 3.70 -37.93
N PHE C 334 -7.11 4.05 -37.01
CA PHE C 334 -7.81 5.32 -37.09
C PHE C 334 -7.29 6.25 -36.02
N GLU C 335 -6.89 5.66 -34.90
CA GLU C 335 -6.32 6.44 -33.84
C GLU C 335 -5.52 5.58 -32.88
N LYS C 336 -4.62 6.25 -32.18
CA LYS C 336 -3.73 5.63 -31.22
C LYS C 336 -4.56 5.08 -30.07
N VAL C 337 -4.14 3.91 -29.59
CA VAL C 337 -4.84 3.23 -28.49
C VAL C 337 -3.94 3.28 -27.27
N PRO C 338 -4.52 3.15 -26.06
CA PRO C 338 -3.65 3.31 -24.88
C PRO C 338 -2.48 2.33 -24.84
N GLU C 339 -1.37 2.77 -24.26
CA GLU C 339 -0.16 1.94 -24.17
C GLU C 339 -0.20 1.07 -22.94
N GLY C 340 0.71 0.09 -22.91
CA GLY C 340 0.87 -0.83 -21.79
C GLY C 340 0.10 -2.14 -21.89
N PRO C 341 0.40 -3.10 -21.00
CA PRO C 341 -0.35 -4.35 -21.10
C PRO C 341 -1.84 -4.22 -20.73
N ILE C 342 -2.66 -5.07 -21.34
CA ILE C 342 -4.09 -5.10 -21.12
C ILE C 342 -4.34 -6.04 -19.93
N PRO C 343 -5.32 -5.72 -19.04
CA PRO C 343 -5.63 -6.65 -17.94
C PRO C 343 -6.01 -8.01 -18.49
N PRO C 344 -5.63 -9.11 -17.78
CA PRO C 344 -5.80 -10.44 -18.41
C PRO C 344 -7.21 -10.98 -18.38
N SER C 345 -7.42 -12.03 -19.17
CA SER C 345 -8.58 -12.92 -18.94
C SER C 345 -8.36 -13.46 -17.51
N THR C 346 -9.43 -13.50 -16.73
CA THR C 346 -9.34 -14.01 -15.36
C THR C 346 -8.94 -15.50 -15.38
N PRO C 347 -8.17 -15.95 -14.34
CA PRO C 347 -7.87 -17.36 -14.22
C PRO C 347 -9.17 -18.09 -13.93
N LYS C 348 -9.29 -19.33 -14.42
CA LYS C 348 -10.46 -20.17 -14.19
C LYS C 348 -10.04 -21.45 -13.52
N PHE C 349 -10.86 -21.94 -12.59
CA PHE C 349 -10.45 -23.09 -11.83
C PHE C 349 -11.55 -24.11 -11.80
N ALA C 350 -11.16 -25.37 -11.99
CA ALA C 350 -12.10 -26.48 -12.01
C ALA C 350 -12.22 -27.05 -10.58
N TYR C 351 -13.18 -26.58 -9.78
CA TYR C 351 -13.35 -27.12 -8.40
C TYR C 351 -13.72 -28.61 -8.41
N GLY C 352 -14.11 -29.14 -9.58
CA GLY C 352 -14.43 -30.58 -9.68
C GLY C 352 -15.86 -30.92 -9.33
N LYS C 353 -16.11 -32.20 -9.07
CA LYS C 353 -17.45 -32.71 -8.72
C LYS C 353 -17.86 -32.38 -7.28
N VAL C 354 -19.08 -31.89 -7.12
CA VAL C 354 -19.64 -31.63 -5.81
C VAL C 354 -20.95 -32.35 -5.73
N THR C 355 -21.05 -33.31 -4.82
CA THR C 355 -22.28 -34.05 -4.65
C THR C 355 -23.39 -33.21 -3.97
N LEU C 356 -24.62 -33.47 -4.35
CA LEU C 356 -25.76 -32.83 -3.71
C LEU C 356 -26.61 -33.91 -3.12
N GLU C 357 -27.59 -33.53 -2.30
CA GLU C 357 -28.61 -34.44 -1.82
C GLU C 357 -29.96 -33.76 -1.75
N LYS C 358 -30.99 -34.53 -2.07
CA LYS C 358 -32.34 -33.98 -2.07
C LYS C 358 -32.64 -33.34 -0.70
N LEU C 359 -33.08 -32.08 -0.72
CA LEU C 359 -33.40 -31.39 0.52
C LEU C 359 -34.91 -31.50 0.78
N LYS C 360 -35.71 -30.93 -0.11
CA LYS C 360 -37.16 -31.04 -0.01
C LYS C 360 -37.78 -30.89 -1.39
N THR C 361 -38.88 -31.58 -1.66
CA THR C 361 -39.65 -31.31 -2.88
C THR C 361 -40.27 -29.92 -2.74
N VAL C 362 -40.64 -29.29 -3.85
CA VAL C 362 -41.34 -28.01 -3.78
C VAL C 362 -42.61 -28.21 -2.95
N GLY C 363 -43.34 -29.29 -3.26
CA GLY C 363 -44.55 -29.64 -2.51
C GLY C 363 -44.39 -29.73 -1.00
N ALA C 364 -43.24 -30.18 -0.52
CA ALA C 364 -43.03 -30.31 0.92
C ALA C 364 -42.50 -29.01 1.54
N ALA C 365 -42.18 -28.05 0.67
CA ALA C 365 -41.59 -26.80 1.10
C ALA C 365 -42.57 -25.61 1.10
N LEU C 366 -43.89 -25.86 1.07
CA LEU C 366 -44.85 -24.74 0.90
C LEU C 366 -44.96 -23.81 2.11
N ASP C 367 -44.62 -24.31 3.31
CA ASP C 367 -44.58 -23.45 4.49
C ASP C 367 -43.49 -22.37 4.43
N ILE C 368 -42.30 -22.71 3.94
CA ILE C 368 -41.21 -21.73 3.78
C ILE C 368 -41.36 -20.89 2.52
N LEU C 369 -41.84 -21.51 1.45
CA LEU C 369 -41.99 -20.86 0.15
C LEU C 369 -43.17 -19.90 0.11
N CYS C 370 -44.18 -20.18 0.92
CA CYS C 370 -45.39 -19.37 0.93
C CYS C 370 -45.86 -19.16 2.36
N PRO C 371 -45.12 -18.33 3.13
CA PRO C 371 -45.40 -18.18 4.55
C PRO C 371 -46.71 -17.48 4.85
N SER C 372 -47.25 -16.75 3.86
CA SER C 372 -48.50 -16.02 4.02
C SER C 372 -49.75 -16.84 3.70
N GLY C 373 -49.55 -18.08 3.26
CA GLY C 373 -50.67 -18.92 2.88
C GLY C 373 -51.13 -18.72 1.44
N PRO C 374 -51.79 -19.75 0.87
CA PRO C 374 -52.23 -19.71 -0.53
C PRO C 374 -53.41 -18.78 -0.74
N ILE C 375 -53.54 -18.29 -1.98
CA ILE C 375 -54.73 -17.54 -2.38
C ILE C 375 -55.74 -18.49 -3.05
N LYS C 376 -57.00 -18.42 -2.61
CA LYS C 376 -58.09 -19.21 -3.19
C LYS C 376 -58.82 -18.45 -4.28
N SER C 377 -59.14 -19.13 -5.37
CA SER C 377 -59.81 -18.51 -6.48
C SER C 377 -60.56 -19.56 -7.28
N LEU C 378 -61.74 -19.19 -7.77
CA LEU C 378 -62.61 -20.09 -8.53
C LEU C 378 -61.94 -20.53 -9.84
N TYR C 379 -61.40 -19.57 -10.57
CA TYR C 379 -60.62 -19.85 -11.79
C TYR C 379 -59.18 -19.37 -11.58
N PRO C 380 -58.22 -19.91 -12.35
CA PRO C 380 -56.82 -19.55 -12.12
C PRO C 380 -56.57 -18.04 -12.28
N LEU C 381 -55.55 -17.56 -11.56
CA LEU C 381 -55.13 -16.18 -11.55
C LEU C 381 -53.69 -16.12 -12.08
N THR C 382 -53.33 -14.99 -12.70
CA THR C 382 -52.00 -14.82 -13.27
C THR C 382 -50.93 -14.51 -12.21
N PHE C 383 -49.66 -14.60 -12.61
CA PHE C 383 -48.55 -14.17 -11.76
C PHE C 383 -48.81 -12.77 -11.21
N ILE C 384 -49.16 -11.82 -12.08
N ILE C 384 -49.16 -11.84 -12.11
CA ILE C 384 -49.34 -10.45 -11.64
CA ILE C 384 -49.41 -10.44 -11.74
C ILE C 384 -50.48 -10.27 -10.62
C ILE C 384 -50.46 -10.30 -10.63
N GLN C 385 -51.58 -10.99 -10.79
CA GLN C 385 -52.71 -10.93 -9.84
C GLN C 385 -52.38 -11.46 -8.45
N VAL C 386 -51.42 -12.39 -8.39
CA VAL C 386 -50.95 -12.93 -7.12
C VAL C 386 -49.64 -12.25 -6.65
N LYS C 387 -49.28 -11.13 -7.30
CA LYS C 387 -48.23 -10.22 -6.84
C LYS C 387 -46.84 -10.86 -6.85
N GLN C 388 -46.62 -11.71 -7.86
CA GLN C 388 -45.30 -12.29 -8.09
C GLN C 388 -44.90 -12.00 -9.54
N HIS C 389 -43.67 -11.57 -9.74
CA HIS C 389 -43.22 -11.18 -11.07
C HIS C 389 -42.39 -12.20 -11.75
N TYR C 390 -41.47 -12.79 -10.96
CA TYR C 390 -40.51 -13.76 -11.52
C TYR C 390 -40.58 -15.09 -10.78
N GLY C 391 -40.03 -16.13 -11.41
CA GLY C 391 -39.93 -17.47 -10.83
C GLY C 391 -41.12 -18.38 -11.10
N PHE C 392 -41.63 -18.94 -10.01
CA PHE C 392 -42.52 -20.09 -10.01
C PHE C 392 -43.73 -19.84 -9.12
N VAL C 393 -44.89 -20.35 -9.56
CA VAL C 393 -46.12 -20.28 -8.81
C VAL C 393 -46.75 -21.66 -8.92
N LEU C 394 -47.23 -22.17 -7.79
CA LEU C 394 -47.83 -23.48 -7.76
C LEU C 394 -49.34 -23.31 -7.76
N TYR C 395 -50.00 -23.89 -8.75
CA TYR C 395 -51.46 -23.90 -8.82
C TYR C 395 -51.99 -25.28 -8.39
N ARG C 396 -52.86 -25.30 -7.38
CA ARG C 396 -53.38 -26.54 -6.84
C ARG C 396 -54.92 -26.62 -6.93
N THR C 397 -55.41 -27.81 -7.29
CA THR C 397 -56.85 -28.15 -7.30
C THR C 397 -56.99 -29.67 -7.06
N THR C 398 -58.22 -30.14 -6.83
CA THR C 398 -58.42 -31.60 -6.66
C THR C 398 -59.17 -32.18 -7.86
N LEU C 399 -58.94 -33.45 -8.16
CA LEU C 399 -59.63 -34.11 -9.28
C LEU C 399 -61.11 -34.31 -8.95
N PRO C 400 -62.03 -33.77 -9.78
CA PRO C 400 -63.45 -33.92 -9.45
C PRO C 400 -63.91 -35.34 -9.75
N GLN C 401 -63.23 -35.99 -10.69
CA GLN C 401 -63.60 -37.29 -11.21
C GLN C 401 -62.49 -38.28 -10.91
N ASP C 402 -62.84 -39.57 -10.93
CA ASP C 402 -61.82 -40.61 -10.90
C ASP C 402 -61.21 -40.74 -12.30
N CYS C 403 -59.87 -40.70 -12.36
CA CYS C 403 -59.11 -40.76 -13.62
C CYS C 403 -58.19 -42.00 -13.68
N SER C 404 -58.77 -43.19 -13.52
CA SER C 404 -58.03 -44.43 -13.65
C SER C 404 -57.48 -44.61 -15.07
N ASN C 405 -58.31 -44.29 -16.06
CA ASN C 405 -57.86 -44.23 -17.46
C ASN C 405 -57.25 -42.86 -17.76
N PRO C 406 -56.27 -42.82 -18.68
CA PRO C 406 -55.73 -41.54 -19.15
C PRO C 406 -56.82 -40.48 -19.45
N ALA C 407 -56.83 -39.42 -18.66
CA ALA C 407 -57.72 -38.27 -18.88
C ALA C 407 -56.91 -37.06 -19.37
N PRO C 408 -57.40 -36.36 -20.41
CA PRO C 408 -56.66 -35.23 -20.95
C PRO C 408 -56.79 -33.96 -20.11
N LEU C 409 -55.63 -33.48 -19.63
CA LEU C 409 -55.52 -32.17 -18.98
C LEU C 409 -55.02 -31.20 -20.02
N SER C 410 -55.79 -30.15 -20.26
CA SER C 410 -55.55 -29.31 -21.40
C SER C 410 -55.72 -27.84 -21.09
N SER C 411 -55.03 -27.00 -21.87
CA SER C 411 -55.20 -25.57 -21.80
C SER C 411 -55.70 -25.16 -23.18
N PRO C 412 -57.04 -25.20 -23.39
CA PRO C 412 -57.65 -25.01 -24.70
C PRO C 412 -57.03 -23.85 -25.45
N LEU C 413 -56.96 -22.70 -24.80
CA LEU C 413 -56.49 -21.48 -25.45
C LEU C 413 -54.98 -21.23 -25.30
N ASN C 414 -54.21 -22.30 -25.06
CA ASN C 414 -52.74 -22.20 -25.01
C ASN C 414 -52.27 -21.22 -23.93
N GLY C 415 -52.80 -21.40 -22.72
CA GLY C 415 -52.65 -20.44 -21.63
C GLY C 415 -51.72 -20.86 -20.49
N VAL C 416 -50.85 -21.86 -20.72
CA VAL C 416 -49.78 -22.15 -19.76
C VAL C 416 -48.53 -21.30 -20.12
N HIS C 417 -48.32 -20.22 -19.37
CA HIS C 417 -47.27 -19.26 -19.67
C HIS C 417 -46.25 -19.30 -18.57
N ASP C 418 -45.16 -20.05 -18.74
CA ASP C 418 -44.72 -20.64 -20.02
C ASP C 418 -44.47 -22.14 -20.01
N ARG C 419 -44.46 -22.74 -18.83
CA ARG C 419 -44.18 -24.17 -18.68
C ARG C 419 -44.73 -24.61 -17.33
N ALA C 420 -45.37 -25.77 -17.29
CA ALA C 420 -45.95 -26.36 -16.07
C ALA C 420 -45.47 -27.77 -15.88
N TYR C 421 -45.01 -28.06 -14.67
CA TYR C 421 -44.58 -29.38 -14.23
C TYR C 421 -45.74 -29.90 -13.40
N VAL C 422 -46.38 -30.96 -13.92
CA VAL C 422 -47.67 -31.43 -13.43
C VAL C 422 -47.47 -32.65 -12.54
N ALA C 423 -48.19 -32.71 -11.43
CA ALA C 423 -48.14 -33.87 -10.56
C ALA C 423 -49.53 -34.20 -10.05
N VAL C 424 -49.78 -35.49 -9.79
CA VAL C 424 -51.07 -35.92 -9.23
C VAL C 424 -50.74 -36.74 -7.99
N ASP C 425 -51.25 -36.30 -6.84
CA ASP C 425 -50.95 -36.93 -5.55
C ASP C 425 -49.47 -37.25 -5.40
N GLY C 426 -48.61 -36.36 -5.88
CA GLY C 426 -47.17 -36.54 -5.73
C GLY C 426 -46.50 -37.40 -6.79
N ILE C 427 -47.25 -37.79 -7.82
CA ILE C 427 -46.69 -38.54 -8.95
C ILE C 427 -46.58 -37.61 -10.16
N PRO C 428 -45.35 -37.40 -10.64
CA PRO C 428 -45.18 -36.53 -11.82
C PRO C 428 -45.88 -37.10 -13.04
N GLN C 429 -46.51 -36.22 -13.81
CA GLN C 429 -47.29 -36.59 -15.00
C GLN C 429 -46.63 -36.12 -16.30
N GLY C 430 -45.67 -35.21 -16.17
CA GLY C 430 -45.03 -34.62 -17.35
C GLY C 430 -45.19 -33.11 -17.39
N VAL C 431 -45.13 -32.54 -18.61
CA VAL C 431 -45.02 -31.09 -18.80
C VAL C 431 -45.99 -30.50 -19.86
N LEU C 432 -46.61 -29.36 -19.51
CA LEU C 432 -47.38 -28.58 -20.47
C LEU C 432 -46.49 -27.39 -20.85
N GLU C 433 -46.46 -27.04 -22.14
CA GLU C 433 -45.51 -26.06 -22.65
C GLU C 433 -46.22 -25.05 -23.55
N ARG C 434 -45.97 -23.76 -23.30
CA ARG C 434 -46.47 -22.69 -24.15
C ARG C 434 -46.18 -22.98 -25.62
N ASN C 435 -47.18 -22.86 -26.48
CA ASN C 435 -47.08 -23.12 -27.93
C ASN C 435 -46.81 -24.56 -28.43
N ASN C 436 -46.30 -25.44 -27.59
CA ASN C 436 -45.83 -26.76 -28.07
C ASN C 436 -46.65 -27.94 -27.60
N VAL C 437 -47.02 -27.93 -26.33
CA VAL C 437 -47.75 -29.03 -25.73
C VAL C 437 -48.85 -28.43 -24.85
N ILE C 438 -50.10 -28.49 -25.33
CA ILE C 438 -51.25 -27.90 -24.62
C ILE C 438 -52.19 -28.94 -24.00
N THR C 439 -51.89 -30.23 -24.20
CA THR C 439 -52.64 -31.33 -23.56
C THR C 439 -51.69 -32.38 -23.02
N LEU C 440 -52.05 -32.94 -21.89
CA LEU C 440 -51.24 -33.95 -21.24
C LEU C 440 -52.16 -34.92 -20.54
N ASN C 441 -52.02 -36.20 -20.87
CA ASN C 441 -52.76 -37.26 -20.16
C ASN C 441 -52.29 -37.39 -18.72
N ILE C 442 -53.23 -37.51 -17.80
CA ILE C 442 -52.92 -37.72 -16.38
C ILE C 442 -53.78 -38.85 -15.85
N THR C 443 -53.33 -39.50 -14.79
CA THR C 443 -54.17 -40.48 -14.09
C THR C 443 -54.11 -40.20 -12.59
N GLY C 444 -55.20 -40.46 -11.88
CA GLY C 444 -55.27 -40.26 -10.44
C GLY C 444 -56.64 -40.57 -9.87
N LYS C 445 -56.71 -40.81 -8.56
CA LYS C 445 -57.98 -41.10 -7.90
C LYS C 445 -58.83 -39.83 -7.76
N ALA C 446 -60.15 -40.01 -7.62
CA ALA C 446 -61.06 -38.88 -7.35
C ALA C 446 -60.59 -38.16 -6.09
N GLY C 447 -60.58 -36.83 -6.15
CA GLY C 447 -60.14 -36.03 -5.00
C GLY C 447 -58.64 -35.95 -4.79
N ALA C 448 -57.85 -36.56 -5.68
CA ALA C 448 -56.38 -36.44 -5.63
C ALA C 448 -55.96 -35.01 -5.88
N THR C 449 -54.88 -34.59 -5.24
CA THR C 449 -54.34 -33.27 -5.46
C THR C 449 -53.67 -33.19 -6.83
N LEU C 450 -54.18 -32.30 -7.70
CA LEU C 450 -53.52 -31.96 -8.95
C LEU C 450 -52.70 -30.67 -8.75
N ASP C 451 -51.38 -30.78 -8.94
CA ASP C 451 -50.46 -29.61 -8.84
C ASP C 451 -49.87 -29.23 -10.20
N LEU C 452 -49.88 -27.94 -10.52
CA LEU C 452 -49.11 -27.44 -11.66
C LEU C 452 -48.12 -26.41 -11.12
N LEU C 453 -46.84 -26.73 -11.17
CA LEU C 453 -45.79 -25.73 -10.92
C LEU C 453 -45.50 -24.97 -12.21
N VAL C 454 -45.80 -23.68 -12.22
CA VAL C 454 -45.69 -22.89 -13.44
C VAL C 454 -44.48 -21.96 -13.40
N GLU C 455 -43.64 -22.05 -14.45
CA GLU C 455 -42.48 -21.18 -14.59
C GLU C 455 -42.69 -20.01 -15.57
N ASN C 456 -42.33 -18.81 -15.12
CA ASN C 456 -42.15 -17.63 -15.96
C ASN C 456 -40.76 -17.75 -16.57
N MET C 457 -40.72 -18.11 -17.86
CA MET C 457 -39.46 -18.38 -18.55
C MET C 457 -38.82 -17.07 -19.06
N GLY C 458 -39.48 -15.96 -18.80
CA GLY C 458 -38.97 -14.65 -19.21
C GLY C 458 -40.06 -13.97 -20.06
N ARG C 459 -40.43 -12.76 -19.69
CA ARG C 459 -41.42 -11.99 -20.47
C ARG C 459 -40.79 -11.51 -21.77
N VAL C 460 -41.56 -11.66 -22.86
CA VAL C 460 -41.19 -11.26 -24.21
C VAL C 460 -40.69 -9.81 -24.20
N ASN C 461 -39.59 -9.54 -24.91
CA ASN C 461 -38.99 -8.19 -24.85
C ASN C 461 -39.07 -7.40 -26.17
N TYR C 462 -39.72 -7.98 -27.18
CA TYR C 462 -39.83 -7.35 -28.49
C TYR C 462 -41.10 -7.78 -29.19
N GLY C 463 -41.70 -6.85 -29.94
CA GLY C 463 -42.91 -7.17 -30.68
C GLY C 463 -44.15 -6.68 -29.95
N ALA C 464 -45.31 -7.00 -30.51
CA ALA C 464 -46.60 -6.58 -29.99
C ALA C 464 -46.91 -7.16 -28.60
N TYR C 465 -46.31 -8.31 -28.31
CA TYR C 465 -46.75 -9.13 -27.18
C TYR C 465 -45.86 -9.01 -25.93
N ILE C 466 -45.33 -7.82 -25.72
CA ILE C 466 -44.57 -7.52 -24.49
C ILE C 466 -45.45 -7.43 -23.20
N ASN C 467 -46.78 -7.34 -23.37
CA ASN C 467 -47.73 -7.46 -22.21
C ASN C 467 -48.02 -8.94 -21.82
N ASP C 468 -46.98 -9.57 -21.32
CA ASP C 468 -46.87 -11.02 -21.15
C ASP C 468 -47.09 -11.29 -19.65
N PHE C 469 -48.31 -11.64 -19.27
CA PHE C 469 -48.70 -11.75 -17.85
C PHE C 469 -48.00 -12.85 -17.07
N LYS C 470 -47.96 -14.04 -17.68
CA LYS C 470 -47.44 -15.29 -17.07
C LYS C 470 -48.40 -15.97 -16.07
N GLY C 471 -48.17 -17.28 -15.90
CA GLY C 471 -48.99 -18.13 -15.06
C GLY C 471 -49.99 -18.87 -15.93
N LEU C 472 -51.06 -19.36 -15.30
CA LEU C 472 -52.19 -19.90 -16.03
C LEU C 472 -53.03 -18.68 -16.37
N VAL C 473 -52.91 -18.23 -17.62
CA VAL C 473 -53.57 -17.00 -18.06
C VAL C 473 -54.99 -17.25 -18.63
N SER C 474 -55.32 -18.53 -18.81
CA SER C 474 -56.67 -18.98 -19.18
C SER C 474 -56.97 -20.30 -18.45
N ASN C 475 -58.20 -20.79 -18.56
CA ASN C 475 -58.60 -21.99 -17.85
C ASN C 475 -57.90 -23.27 -18.30
N LEU C 476 -57.85 -24.26 -17.41
CA LEU C 476 -57.51 -25.61 -17.80
C LEU C 476 -58.80 -26.40 -17.85
N THR C 477 -58.82 -27.47 -18.64
CA THR C 477 -59.94 -28.42 -18.65
C THR C 477 -59.41 -29.82 -18.37
N LEU C 478 -60.17 -30.58 -17.60
CA LEU C 478 -59.95 -32.02 -17.42
C LEU C 478 -61.13 -32.80 -18.02
N SER C 479 -60.81 -33.68 -18.97
CA SER C 479 -61.82 -34.36 -19.81
C SER C 479 -62.84 -33.35 -20.37
N SER C 480 -62.32 -32.25 -20.88
CA SER C 480 -63.09 -31.18 -21.53
C SER C 480 -63.93 -30.31 -20.57
N ASN C 481 -63.95 -30.66 -19.29
CA ASN C 481 -64.63 -29.83 -18.29
C ASN C 481 -63.70 -28.85 -17.59
N ILE C 482 -64.11 -27.58 -17.52
CA ILE C 482 -63.32 -26.54 -16.87
C ILE C 482 -63.04 -26.94 -15.42
N LEU C 483 -61.78 -26.81 -15.03
CA LEU C 483 -61.34 -27.12 -13.69
C LEU C 483 -61.49 -25.91 -12.79
N THR C 484 -62.14 -26.10 -11.64
CA THR C 484 -62.45 -24.97 -10.77
C THR C 484 -61.93 -25.18 -9.37
N ASP C 485 -61.93 -24.11 -8.59
CA ASP C 485 -61.50 -24.13 -7.17
C ASP C 485 -60.00 -24.34 -7.01
N TRP C 486 -59.29 -23.23 -7.24
CA TRP C 486 -57.84 -23.24 -7.24
C TRP C 486 -57.29 -22.74 -5.95
N THR C 487 -56.19 -23.36 -5.55
CA THR C 487 -55.42 -22.91 -4.41
C THR C 487 -54.04 -22.56 -4.98
N ILE C 488 -53.67 -21.30 -4.86
CA ILE C 488 -52.52 -20.74 -5.60
C ILE C 488 -51.45 -20.29 -4.62
N PHE C 489 -50.24 -20.84 -4.76
CA PHE C 489 -49.14 -20.51 -3.87
C PHE C 489 -48.09 -19.71 -4.63
N PRO C 490 -48.02 -18.36 -4.44
CA PRO C 490 -46.83 -17.61 -4.88
C PRO C 490 -45.60 -18.15 -4.10
N LEU C 491 -44.47 -18.33 -4.77
CA LEU C 491 -43.32 -19.03 -4.14
C LEU C 491 -42.14 -18.11 -3.93
N ASP C 492 -41.79 -17.89 -2.66
CA ASP C 492 -40.63 -17.07 -2.26
C ASP C 492 -39.34 -17.87 -2.36
N THR C 493 -38.98 -18.26 -3.59
CA THR C 493 -37.83 -19.15 -3.79
C THR C 493 -36.54 -18.46 -3.38
N GLU C 494 -36.44 -17.15 -3.61
CA GLU C 494 -35.16 -16.44 -3.33
C GLU C 494 -34.91 -16.35 -1.83
N ASP C 495 -35.93 -15.94 -1.06
CA ASP C 495 -35.86 -15.98 0.42
C ASP C 495 -35.57 -17.37 0.95
N ALA C 496 -36.32 -18.35 0.46
CA ALA C 496 -36.27 -19.72 0.98
C ALA C 496 -34.93 -20.37 0.71
N VAL C 497 -34.38 -20.12 -0.48
CA VAL C 497 -33.03 -20.61 -0.74
C VAL C 497 -31.99 -19.91 0.16
N ARG C 498 -32.14 -18.61 0.42
CA ARG C 498 -31.17 -17.88 1.26
C ARG C 498 -31.17 -18.39 2.70
N SER C 499 -32.34 -18.85 3.13
CA SER C 499 -32.49 -19.45 4.44
C SER C 499 -32.31 -20.98 4.42
N HIS C 500 -31.83 -21.53 3.30
CA HIS C 500 -31.62 -22.99 3.16
C HIS C 500 -32.85 -23.78 3.43
N LEU C 501 -33.98 -23.28 2.94
CA LEU C 501 -35.29 -23.97 2.97
C LEU C 501 -35.81 -24.29 4.38
N GLY C 502 -35.78 -23.28 5.25
CA GLY C 502 -36.25 -23.42 6.63
C GLY C 502 -35.12 -23.51 7.62
N GLY C 503 -34.02 -24.14 7.19
CA GLY C 503 -32.79 -24.29 7.99
C GLY C 503 -32.35 -23.04 8.75
N TRP C 504 -32.29 -21.91 8.04
CA TRP C 504 -31.91 -20.62 8.63
C TRP C 504 -33.14 -19.92 9.15
N ASN C 522 -39.97 -39.74 -18.69
CA ASN C 522 -39.76 -40.11 -17.30
C ASN C 522 -39.36 -38.86 -16.48
N TYR C 523 -40.02 -38.66 -15.34
CA TYR C 523 -39.85 -37.42 -14.52
C TYR C 523 -39.76 -37.68 -13.02
N THR C 524 -39.18 -36.71 -12.31
CA THR C 524 -39.18 -36.67 -10.84
C THR C 524 -39.86 -35.38 -10.37
N LEU C 525 -40.36 -35.37 -9.14
CA LEU C 525 -41.03 -34.20 -8.58
C LEU C 525 -40.08 -33.00 -8.45
N PRO C 526 -40.53 -31.81 -8.87
CA PRO C 526 -39.64 -30.64 -8.70
C PRO C 526 -39.14 -30.57 -7.26
N ALA C 527 -37.83 -30.39 -7.08
CA ALA C 527 -37.25 -30.50 -5.74
C ALA C 527 -35.96 -29.71 -5.64
N PHE C 528 -35.61 -29.28 -4.42
CA PHE C 528 -34.35 -28.60 -4.17
C PHE C 528 -33.33 -29.63 -3.74
N TYR C 529 -32.13 -29.50 -4.29
CA TYR C 529 -31.01 -30.40 -3.94
C TYR C 529 -29.86 -29.51 -3.46
N MET C 530 -29.14 -29.94 -2.43
CA MET C 530 -28.13 -29.08 -1.81
C MET C 530 -26.81 -29.77 -1.49
N GLY C 531 -25.72 -29.04 -1.64
CA GLY C 531 -24.38 -29.57 -1.40
C GLY C 531 -23.43 -28.44 -1.09
N ASN C 532 -22.29 -28.75 -0.47
CA ASN C 532 -21.33 -27.70 -0.19
C ASN C 532 -19.93 -28.09 -0.64
N PHE C 533 -19.08 -27.09 -0.81
CA PHE C 533 -17.67 -27.35 -1.08
C PHE C 533 -16.87 -26.24 -0.43
N SER C 534 -15.68 -26.57 0.08
CA SER C 534 -14.85 -25.57 0.76
C SER C 534 -13.71 -25.18 -0.16
N ILE C 535 -13.21 -23.96 0.04
CA ILE C 535 -12.07 -23.42 -0.72
C ILE C 535 -11.08 -22.95 0.32
N PRO C 536 -9.78 -23.33 0.20
CA PRO C 536 -8.80 -22.98 1.22
C PRO C 536 -8.60 -21.49 1.36
N SER C 537 -8.49 -21.03 2.60
CA SER C 537 -8.12 -19.63 2.88
C SER C 537 -6.60 -19.44 2.75
N GLY C 538 -6.17 -18.19 2.64
CA GLY C 538 -4.74 -17.92 2.65
C GLY C 538 -4.01 -18.34 1.39
N ILE C 539 -4.76 -18.61 0.31
CA ILE C 539 -4.19 -18.96 -1.04
C ILE C 539 -4.40 -17.75 -1.95
N PRO C 540 -3.32 -17.09 -2.40
CA PRO C 540 -3.47 -15.79 -3.08
C PRO C 540 -4.33 -15.81 -4.33
N ASP C 541 -4.32 -16.90 -5.08
N ASP C 541 -4.30 -16.93 -5.05
CA ASP C 541 -5.14 -16.92 -6.29
CA ASP C 541 -5.05 -17.04 -6.30
C ASP C 541 -6.37 -17.80 -6.21
C ASP C 541 -6.30 -17.91 -6.19
N LEU C 542 -6.85 -18.04 -4.98
CA LEU C 542 -8.20 -18.63 -4.73
C LEU C 542 -9.04 -17.72 -3.78
N PRO C 543 -10.37 -17.58 -4.03
CA PRO C 543 -11.13 -18.27 -5.09
C PRO C 543 -10.90 -17.73 -6.51
N GLN C 544 -11.19 -18.60 -7.50
CA GLN C 544 -11.24 -18.21 -8.90
C GLN C 544 -12.63 -18.41 -9.51
N ASP C 545 -12.89 -17.68 -10.60
CA ASP C 545 -14.07 -17.83 -11.43
C ASP C 545 -14.11 -19.26 -11.89
N THR C 546 -15.29 -19.73 -12.26
CA THR C 546 -15.45 -21.12 -12.68
C THR C 546 -16.74 -21.22 -13.48
N PHE C 547 -17.01 -22.41 -13.98
CA PHE C 547 -18.21 -22.66 -14.76
C PHE C 547 -18.83 -23.92 -14.18
N ILE C 548 -20.11 -23.84 -13.83
CA ILE C 548 -20.87 -24.99 -13.28
C ILE C 548 -21.65 -25.70 -14.41
N GLN C 549 -21.60 -27.02 -14.40
N GLN C 549 -21.59 -27.02 -14.43
CA GLN C 549 -22.20 -27.90 -15.39
CA GLN C 549 -22.30 -27.81 -15.41
C GLN C 549 -23.07 -28.92 -14.66
C GLN C 549 -23.09 -28.90 -14.67
N PHE C 550 -24.12 -29.41 -15.34
CA PHE C 550 -25.13 -30.28 -14.76
C PHE C 550 -25.39 -31.59 -15.56
N PRO C 551 -24.33 -32.38 -15.86
CA PRO C 551 -24.63 -33.56 -16.64
C PRO C 551 -25.54 -34.51 -15.84
N GLY C 552 -26.53 -35.09 -16.51
CA GLY C 552 -27.53 -35.96 -15.84
C GLY C 552 -28.80 -35.24 -15.40
N TRP C 553 -28.69 -33.91 -15.23
CA TRP C 553 -29.84 -33.06 -14.88
C TRP C 553 -30.58 -32.66 -16.11
N THR C 554 -31.68 -31.95 -15.94
CA THR C 554 -32.58 -31.70 -17.08
C THR C 554 -32.86 -30.21 -17.22
N LYS C 555 -33.55 -29.62 -16.24
CA LYS C 555 -33.95 -28.21 -16.29
C LYS C 555 -34.14 -27.71 -14.88
N GLY C 556 -33.55 -26.56 -14.63
CA GLY C 556 -33.82 -25.86 -13.38
C GLY C 556 -33.11 -24.54 -13.19
N GLN C 557 -33.05 -24.15 -11.91
CA GLN C 557 -32.44 -22.94 -11.42
C GLN C 557 -31.32 -23.31 -10.41
N VAL C 558 -30.29 -22.46 -10.34
CA VAL C 558 -29.16 -22.76 -9.47
C VAL C 558 -28.71 -21.55 -8.68
N TRP C 559 -28.51 -21.75 -7.38
CA TRP C 559 -27.93 -20.74 -6.50
C TRP C 559 -26.60 -21.19 -5.94
N ILE C 560 -25.66 -20.26 -5.78
CA ILE C 560 -24.50 -20.57 -4.94
C ILE C 560 -24.44 -19.49 -3.87
N ASN C 561 -24.40 -19.92 -2.62
CA ASN C 561 -24.47 -19.00 -1.47
C ASN C 561 -25.64 -18.02 -1.53
N GLY C 562 -26.78 -18.46 -2.05
CA GLY C 562 -27.96 -17.59 -2.14
C GLY C 562 -28.04 -16.71 -3.37
N PHE C 563 -26.95 -16.65 -4.13
N PHE C 563 -26.95 -16.64 -4.13
CA PHE C 563 -26.98 -15.87 -5.35
CA PHE C 563 -26.91 -15.85 -5.38
C PHE C 563 -27.50 -16.73 -6.48
C PHE C 563 -27.49 -16.72 -6.49
N ASN C 564 -28.59 -16.24 -7.10
CA ASN C 564 -29.21 -16.92 -8.21
C ASN C 564 -28.41 -16.68 -9.49
N LEU C 565 -27.73 -17.74 -9.94
CA LEU C 565 -26.86 -17.68 -11.12
C LEU C 565 -27.63 -17.79 -12.45
N GLY C 566 -28.89 -18.18 -12.38
CA GLY C 566 -29.72 -18.28 -13.59
C GLY C 566 -30.23 -19.69 -13.80
N ARG C 567 -30.67 -19.94 -15.03
CA ARG C 567 -31.37 -21.19 -15.39
C ARG C 567 -30.42 -22.12 -16.11
N TYR C 568 -30.44 -23.42 -15.81
CA TYR C 568 -29.73 -24.40 -16.63
C TYR C 568 -30.73 -25.25 -17.42
N TRP C 569 -30.31 -25.75 -18.58
CA TRP C 569 -31.16 -26.57 -19.43
C TRP C 569 -30.30 -27.37 -20.38
N PRO C 570 -29.47 -28.28 -19.84
CA PRO C 570 -28.64 -29.13 -20.72
C PRO C 570 -29.49 -30.04 -21.62
N ALA C 571 -30.73 -30.29 -21.23
CA ALA C 571 -31.63 -31.04 -22.11
C ALA C 571 -31.87 -30.37 -23.47
N ARG C 572 -31.83 -29.04 -23.54
CA ARG C 572 -32.11 -28.33 -24.79
C ARG C 572 -30.86 -27.67 -25.40
N GLY C 573 -29.99 -27.11 -24.54
CA GLY C 573 -28.83 -26.35 -25.00
C GLY C 573 -29.29 -25.05 -25.67
N PRO C 574 -28.34 -24.29 -26.29
CA PRO C 574 -26.92 -24.66 -26.52
C PRO C 574 -26.00 -24.42 -25.32
N GLN C 575 -26.46 -23.61 -24.38
CA GLN C 575 -25.73 -23.40 -23.15
C GLN C 575 -25.77 -24.62 -22.23
N LEU C 576 -24.59 -25.14 -21.89
CA LEU C 576 -24.48 -26.22 -20.91
C LEU C 576 -23.96 -25.71 -19.57
N THR C 577 -22.93 -24.87 -19.62
CA THR C 577 -22.33 -24.31 -18.39
C THR C 577 -22.92 -22.95 -18.06
N LEU C 578 -22.90 -22.62 -16.76
CA LEU C 578 -23.23 -21.27 -16.29
C LEU C 578 -21.99 -20.66 -15.63
N PHE C 579 -21.78 -19.38 -15.91
CA PHE C 579 -20.67 -18.60 -15.37
C PHE C 579 -20.84 -18.34 -13.89
N VAL C 580 -19.79 -18.65 -13.11
CA VAL C 580 -19.75 -18.40 -11.67
C VAL C 580 -18.61 -17.41 -11.33
N PRO C 581 -18.96 -16.15 -11.00
CA PRO C 581 -17.98 -15.14 -10.62
C PRO C 581 -17.41 -15.44 -9.24
N GLN C 582 -16.08 -15.30 -9.12
CA GLN C 582 -15.38 -15.72 -7.89
C GLN C 582 -15.81 -15.00 -6.62
N HIS C 583 -16.31 -13.77 -6.74
CA HIS C 583 -16.54 -12.95 -5.54
C HIS C 583 -17.67 -13.43 -4.68
N ILE C 584 -18.56 -14.24 -5.26
CA ILE C 584 -19.64 -14.86 -4.46
C ILE C 584 -19.17 -16.11 -3.69
N LEU C 585 -17.97 -16.58 -4.01
CA LEU C 585 -17.34 -17.74 -3.36
C LEU C 585 -16.51 -17.36 -2.13
N MET C 586 -16.64 -18.15 -1.09
CA MET C 586 -15.95 -17.80 0.15
C MET C 586 -14.93 -18.86 0.58
N THR C 587 -14.07 -18.47 1.53
CA THR C 587 -13.10 -19.38 2.11
C THR C 587 -13.26 -19.48 3.64
N SER C 588 -14.10 -18.61 4.20
CA SER C 588 -14.37 -18.58 5.65
C SER C 588 -15.19 -19.74 6.12
N ALA C 589 -16.13 -20.15 5.26
CA ALA C 589 -17.11 -21.17 5.56
C ALA C 589 -17.42 -21.90 4.24
N PRO C 590 -18.10 -23.07 4.32
CA PRO C 590 -18.40 -23.84 3.11
C PRO C 590 -19.29 -23.06 2.17
N ASN C 591 -19.08 -23.29 0.89
CA ASN C 591 -19.94 -22.73 -0.14
C ASN C 591 -21.13 -23.65 -0.42
N THR C 592 -22.34 -23.10 -0.41
CA THR C 592 -23.51 -23.93 -0.56
C THR C 592 -24.09 -23.81 -1.96
N ILE C 593 -24.28 -24.96 -2.61
CA ILE C 593 -24.95 -25.02 -3.92
C ILE C 593 -26.38 -25.49 -3.71
N THR C 594 -27.33 -24.74 -4.23
CA THR C 594 -28.73 -25.20 -4.27
C THR C 594 -29.18 -25.31 -5.72
N VAL C 595 -29.81 -26.44 -6.05
CA VAL C 595 -30.34 -26.66 -7.37
C VAL C 595 -31.83 -26.96 -7.20
N LEU C 596 -32.66 -26.21 -7.93
CA LEU C 596 -34.08 -26.54 -8.10
C LEU C 596 -34.23 -27.27 -9.45
N GLU C 597 -34.37 -28.59 -9.40
CA GLU C 597 -34.59 -29.40 -10.61
C GLU C 597 -36.07 -29.58 -10.83
N LEU C 598 -36.52 -29.28 -12.07
CA LEU C 598 -37.94 -29.23 -12.36
C LEU C 598 -38.49 -30.45 -13.07
N GLU C 599 -37.62 -31.22 -13.72
CA GLU C 599 -38.11 -32.29 -14.59
C GLU C 599 -37.60 -33.67 -14.23
N TRP C 600 -36.27 -33.83 -14.15
CA TRP C 600 -35.68 -35.12 -13.83
C TRP C 600 -34.32 -34.96 -13.24
N ALA C 601 -34.14 -35.45 -12.00
CA ALA C 601 -32.85 -35.36 -11.33
C ALA C 601 -32.15 -36.73 -11.35
N PRO C 602 -30.81 -36.77 -11.45
CA PRO C 602 -30.03 -38.03 -11.48
C PRO C 602 -29.65 -38.47 -10.07
N CYS C 603 -30.66 -38.70 -9.26
CA CYS C 603 -30.45 -38.81 -7.84
C CYS C 603 -31.21 -40.01 -7.26
N SER C 604 -31.80 -40.85 -8.12
CA SER C 604 -32.57 -41.99 -7.63
C SER C 604 -31.76 -43.26 -7.42
N SER C 605 -30.51 -43.29 -7.90
CA SER C 605 -29.68 -44.50 -7.73
C SER C 605 -28.91 -44.42 -6.40
N ASP C 606 -28.15 -45.47 -6.08
CA ASP C 606 -27.32 -45.51 -4.86
C ASP C 606 -25.89 -45.06 -5.10
N ASP C 607 -25.64 -44.54 -6.30
CA ASP C 607 -24.33 -44.00 -6.61
C ASP C 607 -24.40 -42.50 -6.33
N PRO C 608 -23.75 -42.02 -5.23
CA PRO C 608 -23.90 -40.60 -4.88
C PRO C 608 -23.20 -39.65 -5.87
N GLU C 609 -22.25 -40.19 -6.65
CA GLU C 609 -21.51 -39.40 -7.63
C GLU C 609 -22.36 -38.97 -8.80
N LEU C 610 -23.53 -39.61 -8.97
CA LEU C 610 -24.46 -39.21 -10.01
C LEU C 610 -25.28 -38.00 -9.59
N CYS C 611 -25.71 -37.96 -8.33
CA CYS C 611 -26.45 -36.80 -7.83
C CYS C 611 -25.39 -35.74 -7.47
N ALA C 612 -25.01 -34.94 -8.48
CA ALA C 612 -23.81 -34.09 -8.35
C ALA C 612 -23.71 -33.07 -9.49
N VAL C 613 -23.01 -31.98 -9.24
CA VAL C 613 -22.68 -31.00 -10.28
C VAL C 613 -21.16 -30.92 -10.38
N THR C 614 -20.67 -30.38 -11.50
CA THR C 614 -19.25 -30.32 -11.76
C THR C 614 -18.85 -28.92 -12.15
N PHE C 615 -17.76 -28.42 -11.53
CA PHE C 615 -17.15 -27.12 -11.89
C PHE C 615 -15.98 -27.41 -12.81
N VAL C 616 -16.01 -26.75 -13.97
CA VAL C 616 -14.99 -26.87 -15.02
C VAL C 616 -14.35 -25.48 -15.31
N ASP C 617 -13.21 -25.48 -16.01
CA ASP C 617 -12.50 -24.22 -16.21
C ASP C 617 -12.66 -23.63 -17.62
N ARG C 618 -13.53 -24.22 -18.43
CA ARG C 618 -13.85 -23.64 -19.75
C ARG C 618 -15.35 -23.68 -19.93
N PRO C 619 -15.92 -22.64 -20.57
CA PRO C 619 -17.35 -22.63 -20.76
C PRO C 619 -17.77 -23.53 -21.95
N VAL C 620 -19.03 -23.98 -21.90
CA VAL C 620 -19.66 -24.68 -23.00
C VAL C 620 -21.00 -24.00 -23.26
N ILE C 621 -21.00 -23.03 -24.19
CA ILE C 621 -22.24 -22.29 -24.54
C ILE C 621 -22.74 -22.58 -25.98
N GLY C 622 -21.95 -23.40 -26.70
CA GLY C 622 -22.19 -23.69 -28.08
C GLY C 622 -22.45 -25.17 -28.34
N SER C 623 -23.18 -25.82 -27.44
CA SER C 623 -23.46 -27.24 -27.62
C SER C 623 -24.36 -27.47 -28.83
N SER C 624 -24.14 -28.59 -29.52
CA SER C 624 -24.93 -28.99 -30.67
C SER C 624 -26.40 -29.16 -30.32
N GLN D 6 -3.70 16.60 -33.17
CA GLN D 6 -4.77 16.57 -32.12
C GLN D 6 -4.69 17.78 -31.15
N ARG D 7 -3.49 18.11 -30.65
CA ARG D 7 -3.32 19.13 -29.61
C ARG D 7 -2.67 20.42 -30.08
N MET D 8 -3.31 21.54 -29.75
CA MET D 8 -2.92 22.85 -30.29
C MET D 8 -2.87 23.90 -29.19
N PHE D 9 -1.90 24.80 -29.25
CA PHE D 9 -1.89 25.97 -28.39
C PHE D 9 -1.41 27.17 -29.20
N GLU D 10 -2.23 28.21 -29.25
CA GLU D 10 -1.96 29.34 -30.13
C GLU D 10 -2.38 30.65 -29.51
N ILE D 11 -1.83 31.73 -30.07
CA ILE D 11 -2.36 33.08 -29.85
C ILE D 11 -3.48 33.30 -30.87
N ASP D 12 -4.68 33.62 -30.40
CA ASP D 12 -5.69 34.16 -31.32
C ASP D 12 -5.77 35.66 -31.18
N TYR D 13 -5.44 36.31 -32.28
CA TYR D 13 -5.36 37.76 -32.36
C TYR D 13 -6.74 38.42 -32.49
N SER D 14 -7.78 37.60 -32.53
CA SER D 14 -9.15 38.07 -32.70
C SER D 14 -9.86 38.27 -31.36
N ARG D 15 -9.70 37.33 -30.44
CA ARG D 15 -10.29 37.51 -29.11
C ARG D 15 -9.26 37.99 -28.10
N ASP D 16 -8.12 38.49 -28.58
CA ASP D 16 -7.03 39.00 -27.73
C ASP D 16 -6.74 37.97 -26.65
N SER D 17 -6.46 36.76 -27.12
CA SER D 17 -6.54 35.61 -26.28
C SER D 17 -5.58 34.50 -26.69
N PHE D 18 -5.43 33.52 -25.81
CA PHE D 18 -4.87 32.27 -26.17
C PHE D 18 -6.03 31.32 -26.57
N LEU D 19 -5.72 30.40 -27.47
CA LEU D 19 -6.61 29.29 -27.75
C LEU D 19 -5.90 27.99 -27.43
N LYS D 20 -6.50 27.19 -26.56
CA LYS D 20 -5.95 25.90 -26.22
C LYS D 20 -6.92 24.85 -26.76
N ASP D 21 -6.45 24.04 -27.72
CA ASP D 21 -7.32 23.12 -28.42
C ASP D 21 -8.57 23.84 -28.95
N GLY D 22 -8.35 25.03 -29.51
CA GLY D 22 -9.40 25.83 -30.17
C GLY D 22 -10.39 26.48 -29.23
N GLN D 23 -10.09 26.46 -27.93
CA GLN D 23 -10.92 27.05 -26.87
C GLN D 23 -10.24 28.27 -26.22
N PRO D 24 -11.01 29.33 -25.96
CA PRO D 24 -10.48 30.44 -25.16
C PRO D 24 -9.69 29.93 -23.97
N PHE D 25 -8.48 30.43 -23.77
CA PHE D 25 -7.73 30.01 -22.57
C PHE D 25 -6.93 31.19 -22.00
N ARG D 26 -6.93 31.31 -20.67
CA ARG D 26 -6.15 32.34 -20.00
C ARG D 26 -5.33 31.64 -18.90
N TYR D 27 -4.05 31.96 -18.76
CA TYR D 27 -3.29 31.33 -17.71
C TYR D 27 -3.12 32.16 -16.46
N ILE D 28 -3.15 31.47 -15.33
CA ILE D 28 -2.89 32.03 -14.02
C ILE D 28 -1.76 31.14 -13.49
N SER D 29 -0.54 31.68 -13.50
CA SER D 29 0.67 30.92 -13.28
C SER D 29 1.45 31.48 -12.09
N GLY D 30 2.35 30.66 -11.57
CA GLY D 30 3.22 31.01 -10.47
C GLY D 30 4.59 30.54 -10.84
N SER D 31 5.61 31.35 -10.51
CA SER D 31 6.99 30.94 -10.63
C SER D 31 7.46 30.00 -9.52
N ILE D 32 8.15 28.95 -9.95
CA ILE D 32 8.83 28.00 -9.07
C ILE D 32 10.10 27.60 -9.82
N HIS D 33 11.23 27.79 -9.15
CA HIS D 33 12.50 27.36 -9.74
C HIS D 33 12.92 26.01 -9.19
N TYR D 34 12.94 25.00 -10.08
CA TYR D 34 13.33 23.66 -9.66
C TYR D 34 14.76 23.62 -9.10
N SER D 35 15.63 24.55 -9.52
CA SER D 35 17.00 24.59 -9.02
C SER D 35 17.07 25.15 -7.60
N ARG D 36 15.95 25.70 -7.07
CA ARG D 36 15.88 26.36 -5.75
C ARG D 36 15.03 25.58 -4.75
N VAL D 37 14.54 24.39 -5.15
CA VAL D 37 13.71 23.53 -4.31
C VAL D 37 14.24 22.10 -4.44
N PRO D 38 14.62 21.42 -3.32
CA PRO D 38 15.04 20.02 -3.52
C PRO D 38 13.96 19.22 -4.25
N ARG D 39 14.34 18.32 -5.14
CA ARG D 39 13.40 17.42 -5.81
C ARG D 39 12.52 16.69 -4.83
N PHE D 40 13.08 16.35 -3.66
CA PHE D 40 12.31 15.75 -2.56
C PHE D 40 11.04 16.53 -2.34
N TYR D 41 11.09 17.85 -2.49
CA TYR D 41 9.89 18.70 -2.26
C TYR D 41 9.13 19.20 -3.51
N TRP D 42 9.60 18.86 -4.70
CA TRP D 42 8.87 19.30 -5.94
C TRP D 42 7.38 19.03 -5.93
N LYS D 43 6.96 17.81 -5.55
CA LYS D 43 5.55 17.50 -5.67
C LYS D 43 4.77 18.28 -4.62
N ASP D 44 5.31 18.38 -3.41
CA ASP D 44 4.71 19.25 -2.37
C ASP D 44 4.46 20.66 -2.89
N ARG D 45 5.49 21.30 -3.43
CA ARG D 45 5.33 22.69 -3.82
C ARG D 45 4.36 22.80 -4.99
N LEU D 46 4.49 21.93 -5.98
CA LEU D 46 3.62 22.00 -7.15
C LEU D 46 2.15 21.75 -6.79
N LEU D 47 1.90 20.80 -5.86
CA LEU D 47 0.54 20.51 -5.45
C LEU D 47 -0.04 21.66 -4.65
N LYS D 48 0.75 22.28 -3.79
CA LYS D 48 0.33 23.50 -3.10
C LYS D 48 -0.05 24.60 -4.09
N MET D 49 0.78 24.75 -5.13
CA MET D 49 0.46 25.67 -6.24
C MET D 49 -0.84 25.36 -6.96
N LYS D 50 -1.01 24.11 -7.37
CA LYS D 50 -2.29 23.64 -7.96
C LYS D 50 -3.49 23.93 -7.04
N MET D 51 -3.34 23.70 -5.74
CA MET D 51 -4.47 23.89 -4.81
C MET D 51 -4.82 25.34 -4.63
N ALA D 52 -3.92 26.23 -5.07
CA ALA D 52 -4.13 27.68 -4.97
C ALA D 52 -5.04 28.17 -6.10
N GLY D 53 -5.19 27.35 -7.13
CA GLY D 53 -6.02 27.70 -8.29
C GLY D 53 -5.21 28.08 -9.52
N LEU D 54 -3.89 27.91 -9.44
CA LEU D 54 -3.04 28.16 -10.61
C LEU D 54 -3.32 27.04 -11.61
N ASN D 55 -3.32 27.39 -12.89
CA ASN D 55 -3.50 26.37 -13.94
C ASN D 55 -2.18 26.16 -14.69
N ALA D 56 -1.16 26.89 -14.26
CA ALA D 56 0.19 26.78 -14.86
C ALA D 56 1.30 27.13 -13.89
N ILE D 57 2.53 26.67 -14.17
N ILE D 57 2.53 26.69 -14.21
CA ILE D 57 3.72 27.21 -13.47
CA ILE D 57 3.72 27.17 -13.51
C ILE D 57 4.72 27.66 -14.51
C ILE D 57 4.65 27.76 -14.56
N GLN D 58 5.59 28.59 -14.11
CA GLN D 58 6.65 29.14 -14.93
C GLN D 58 7.99 28.91 -14.26
N THR D 59 9.02 28.61 -15.04
CA THR D 59 10.30 28.24 -14.50
C THR D 59 11.45 28.64 -15.42
N TYR D 60 12.60 28.87 -14.80
CA TYR D 60 13.82 29.18 -15.53
C TYR D 60 14.70 27.93 -15.66
N VAL D 61 15.44 27.82 -16.76
CA VAL D 61 16.43 26.75 -16.88
C VAL D 61 17.78 27.43 -16.72
N PRO D 62 18.44 27.27 -15.56
CA PRO D 62 19.77 27.86 -15.43
C PRO D 62 20.82 27.02 -16.16
N TRP D 63 21.41 27.58 -17.21
CA TRP D 63 22.43 26.88 -18.03
C TRP D 63 23.58 26.37 -17.18
N ASN D 64 24.07 27.23 -16.27
CA ASN D 64 25.22 26.87 -15.44
C ASN D 64 24.91 25.76 -14.40
N PHE D 65 23.63 25.55 -14.13
CA PHE D 65 23.16 24.45 -13.23
C PHE D 65 23.20 23.11 -13.97
N HIS D 66 23.13 23.16 -15.30
CA HIS D 66 23.14 21.95 -16.14
C HIS D 66 24.39 21.69 -16.95
N GLU D 67 25.18 22.73 -17.24
CA GLU D 67 26.45 22.54 -17.95
C GLU D 67 27.63 23.20 -17.20
N PRO D 68 28.05 22.59 -16.09
CA PRO D 68 29.12 23.12 -15.26
C PRO D 68 30.48 23.24 -15.98
N TRP D 69 30.73 22.40 -17.00
CA TRP D 69 31.89 22.48 -17.89
C TRP D 69 31.49 22.12 -19.29
N PRO D 70 32.20 22.63 -20.31
CA PRO D 70 31.72 22.33 -21.66
C PRO D 70 31.61 20.82 -21.92
N GLY D 71 30.43 20.40 -22.40
CA GLY D 71 30.15 18.99 -22.67
C GLY D 71 30.03 18.09 -21.45
N GLN D 72 29.90 18.68 -20.28
CA GLN D 72 29.66 17.90 -19.05
C GLN D 72 28.30 18.33 -18.47
N TYR D 73 27.35 17.41 -18.50
CA TYR D 73 25.94 17.76 -18.26
C TYR D 73 25.42 17.14 -16.98
N GLN D 74 24.48 17.86 -16.35
CA GLN D 74 23.79 17.36 -15.13
C GLN D 74 22.29 17.44 -15.38
N PHE D 75 21.66 16.28 -15.56
CA PHE D 75 20.21 16.25 -15.78
C PHE D 75 19.52 15.20 -14.90
N SER D 76 20.21 14.77 -13.84
CA SER D 76 19.70 13.72 -12.94
C SER D 76 19.37 14.24 -11.55
N GLU D 77 18.43 13.57 -10.87
CA GLU D 77 18.11 13.90 -9.48
C GLU D 77 17.62 15.34 -9.39
N ASP D 78 18.31 16.19 -8.62
CA ASP D 78 17.87 17.58 -8.40
C ASP D 78 17.99 18.42 -9.62
N HIS D 79 18.75 17.92 -10.59
CA HIS D 79 18.94 18.63 -11.87
C HIS D 79 18.04 18.11 -12.97
N ASP D 80 17.07 17.26 -12.63
CA ASP D 80 16.24 16.61 -13.65
C ASP D 80 15.05 17.47 -14.10
N VAL D 81 15.34 18.50 -14.87
CA VAL D 81 14.31 19.39 -15.38
C VAL D 81 13.19 18.65 -16.16
N GLU D 82 13.55 17.61 -16.93
CA GLU D 82 12.55 16.92 -17.72
C GLU D 82 11.56 16.24 -16.76
N TYR D 83 12.08 15.58 -15.73
CA TYR D 83 11.20 15.02 -14.70
C TYR D 83 10.30 16.07 -14.02
N PHE D 84 10.89 17.21 -13.66
CA PHE D 84 10.16 18.30 -13.02
C PHE D 84 8.95 18.71 -13.92
N LEU D 85 9.18 18.80 -15.23
CA LEU D 85 8.10 19.18 -16.18
C LEU D 85 7.05 18.09 -16.31
N ARG D 86 7.46 16.82 -16.38
CA ARG D 86 6.51 15.69 -16.43
C ARG D 86 5.69 15.64 -15.14
N LEU D 87 6.30 16.04 -14.02
CA LEU D 87 5.57 16.03 -12.72
C LEU D 87 4.46 17.11 -12.69
N ALA D 88 4.82 18.31 -13.15
CA ALA D 88 3.85 19.38 -13.31
C ALA D 88 2.67 18.88 -14.17
N HIS D 89 2.99 18.25 -15.30
CA HIS D 89 1.99 17.74 -16.22
C HIS D 89 1.06 16.72 -15.61
N GLU D 90 1.66 15.77 -14.88
CA GLU D 90 0.94 14.80 -14.03
C GLU D 90 -0.07 15.46 -13.10
N LEU D 91 0.33 16.57 -12.48
CA LEU D 91 -0.50 17.32 -11.54
C LEU D 91 -1.59 18.21 -12.19
N GLY D 92 -1.65 18.16 -13.52
CA GLY D 92 -2.60 18.97 -14.30
C GLY D 92 -2.20 20.43 -14.49
N LEU D 93 -0.90 20.71 -14.39
CA LEU D 93 -0.39 22.08 -14.56
C LEU D 93 0.22 22.22 -15.96
N LEU D 94 -0.07 23.35 -16.63
CA LEU D 94 0.68 23.69 -17.84
C LEU D 94 1.98 24.37 -17.43
N VAL D 95 2.90 24.53 -18.39
CA VAL D 95 4.20 25.11 -18.11
C VAL D 95 4.54 26.21 -19.09
N ILE D 96 4.99 27.34 -18.55
CA ILE D 96 5.64 28.41 -19.28
C ILE D 96 7.16 28.24 -19.04
N LEU D 97 7.88 27.88 -20.11
CA LEU D 97 9.32 27.58 -20.00
C LEU D 97 10.17 28.77 -20.31
N ARG D 98 11.14 29.04 -19.46
CA ARG D 98 12.03 30.17 -19.73
C ARG D 98 13.48 29.67 -19.72
N PRO D 99 13.96 29.21 -20.89
CA PRO D 99 15.26 28.52 -20.97
C PRO D 99 16.43 29.48 -21.22
N GLY D 100 16.17 30.76 -21.30
CA GLY D 100 17.26 31.72 -21.38
C GLY D 100 17.77 31.98 -22.77
N PRO D 101 19.12 31.84 -22.98
CA PRO D 101 20.18 31.27 -22.16
C PRO D 101 20.59 32.07 -20.94
N TYR D 102 20.23 33.36 -20.89
CA TYR D 102 20.43 34.19 -19.72
C TYR D 102 19.06 34.29 -19.08
N ILE D 103 19.03 34.14 -17.76
CA ILE D 103 17.78 34.19 -16.99
C ILE D 103 17.67 35.29 -15.90
N CYS D 104 18.77 35.98 -15.57
CA CYS D 104 18.80 37.01 -14.50
C CYS D 104 18.58 36.34 -13.12
N ALA D 105 17.40 36.52 -12.54
CA ALA D 105 16.87 35.58 -11.54
C ALA D 105 17.62 35.58 -10.21
N GLU D 106 18.36 36.64 -9.92
CA GLU D 106 19.16 36.67 -8.67
C GLU D 106 19.98 35.36 -8.54
N TRP D 107 20.55 34.95 -9.67
CA TRP D 107 21.23 33.66 -9.76
C TRP D 107 22.59 33.90 -10.35
N GLU D 108 23.56 33.13 -9.85
CA GLU D 108 24.97 33.26 -10.27
C GLU D 108 25.08 33.56 -11.78
N MET D 109 25.66 34.72 -12.07
CA MET D 109 25.91 35.23 -13.42
C MET D 109 24.68 35.16 -14.34
N GLY D 110 23.49 35.25 -13.75
CA GLY D 110 22.22 35.19 -14.53
C GLY D 110 22.03 33.88 -15.30
N GLY D 111 22.62 32.80 -14.76
CA GLY D 111 22.51 31.47 -15.32
C GLY D 111 23.61 31.16 -16.31
N LEU D 112 24.41 32.17 -16.69
CA LEU D 112 25.46 31.96 -17.72
C LEU D 112 26.66 31.27 -17.08
N PRO D 113 27.20 30.25 -17.76
CA PRO D 113 28.35 29.53 -17.21
C PRO D 113 29.59 30.41 -17.15
N ALA D 114 30.29 30.34 -16.04
CA ALA D 114 31.50 31.10 -15.83
C ALA D 114 32.62 30.75 -16.83
N TRP D 115 32.57 29.54 -17.38
CA TRP D 115 33.60 29.12 -18.34
C TRP D 115 33.51 29.92 -19.61
N LEU D 116 32.38 30.59 -19.85
CA LEU D 116 32.34 31.54 -20.98
C LEU D 116 33.46 32.59 -20.89
N LEU D 117 33.82 32.95 -19.64
CA LEU D 117 34.79 34.00 -19.38
C LEU D 117 36.24 33.60 -19.67
N GLU D 118 36.45 32.34 -20.06
CA GLU D 118 37.77 31.92 -20.55
C GLU D 118 38.19 32.70 -21.80
N LYS D 119 37.21 33.21 -22.53
CA LYS D 119 37.51 34.25 -23.51
C LYS D 119 37.31 35.56 -22.74
N GLU D 120 38.39 36.22 -22.33
CA GLU D 120 38.26 37.38 -21.46
C GLU D 120 37.47 38.52 -22.09
N SER D 121 37.53 38.65 -23.41
CA SER D 121 36.88 39.79 -24.09
C SER D 121 35.46 39.47 -24.54
N ILE D 122 34.91 38.34 -24.09
CA ILE D 122 33.58 37.92 -24.52
C ILE D 122 32.48 38.99 -24.26
N LEU D 123 31.60 39.19 -25.25
CA LEU D 123 30.47 40.05 -25.06
C LEU D 123 29.29 39.15 -24.87
N LEU D 124 28.93 39.00 -23.60
CA LEU D 124 27.81 38.15 -23.24
C LEU D 124 26.53 38.78 -23.75
N ARG D 125 25.55 37.93 -24.05
CA ARG D 125 24.22 38.36 -24.54
C ARG D 125 24.29 39.23 -25.80
N SER D 126 25.00 38.75 -26.81
CA SER D 126 25.23 39.51 -28.04
C SER D 126 25.52 38.50 -29.15
N SER D 127 25.85 39.01 -30.34
CA SER D 127 26.17 38.09 -31.45
C SER D 127 27.66 37.74 -31.50
N ASP D 128 28.37 38.02 -30.40
CA ASP D 128 29.74 37.57 -30.23
C ASP D 128 29.76 36.11 -30.71
N PRO D 129 30.56 35.79 -31.77
CA PRO D 129 30.53 34.43 -32.33
C PRO D 129 30.80 33.31 -31.35
N ASP D 130 31.70 33.55 -30.40
CA ASP D 130 32.06 32.50 -29.45
C ASP D 130 30.93 32.33 -28.43
N TYR D 131 30.29 33.44 -28.05
CA TYR D 131 29.11 33.36 -27.20
C TYR D 131 28.00 32.60 -27.96
N LEU D 132 27.74 32.97 -29.21
CA LEU D 132 26.73 32.26 -30.02
C LEU D 132 27.03 30.75 -30.18
N ALA D 133 28.29 30.41 -30.46
CA ALA D 133 28.65 29.00 -30.66
C ALA D 133 28.36 28.21 -29.37
N ALA D 134 28.64 28.82 -28.22
CA ALA D 134 28.37 28.11 -26.96
C ALA D 134 26.87 27.95 -26.71
N VAL D 135 26.13 29.04 -26.90
CA VAL D 135 24.68 29.00 -26.82
C VAL D 135 24.05 27.96 -27.74
N ASP D 136 24.53 27.91 -28.98
CA ASP D 136 24.02 26.96 -29.97
C ASP D 136 24.23 25.52 -29.52
N LYS D 137 25.42 25.21 -28.98
CA LYS D 137 25.71 23.87 -28.46
C LYS D 137 24.77 23.52 -27.30
N TRP D 138 24.54 24.50 -26.43
CA TRP D 138 23.67 24.31 -25.27
C TRP D 138 22.24 24.10 -25.71
N LEU D 139 21.77 24.95 -26.64
CA LEU D 139 20.42 24.77 -27.16
C LEU D 139 20.28 23.40 -27.83
N GLY D 140 21.35 22.93 -28.48
CA GLY D 140 21.35 21.62 -29.16
C GLY D 140 21.17 20.42 -28.21
N VAL D 141 21.45 20.66 -26.94
CA VAL D 141 21.31 19.66 -25.89
C VAL D 141 19.97 19.84 -25.16
N LEU D 142 19.68 21.07 -24.76
CA LEU D 142 18.47 21.39 -24.00
C LEU D 142 17.18 21.31 -24.82
N LEU D 143 17.12 21.96 -25.96
CA LEU D 143 15.86 22.00 -26.70
C LEU D 143 15.30 20.67 -27.24
N PRO D 144 16.16 19.71 -27.68
CA PRO D 144 15.53 18.46 -28.10
C PRO D 144 14.91 17.73 -26.88
N LYS D 145 15.42 18.02 -25.69
N LYS D 145 15.41 18.03 -25.69
CA LYS D 145 14.81 17.50 -24.47
CA LYS D 145 14.83 17.51 -24.46
C LYS D 145 13.41 18.10 -24.25
C LYS D 145 13.46 18.13 -24.16
N MET D 146 13.29 19.39 -24.54
CA MET D 146 12.07 20.14 -24.27
C MET D 146 11.01 19.89 -25.34
N LYS D 147 11.45 19.51 -26.54
CA LYS D 147 10.52 19.30 -27.65
C LYS D 147 9.35 18.32 -27.36
N PRO D 148 9.66 17.10 -26.84
CA PRO D 148 8.56 16.18 -26.52
C PRO D 148 7.65 16.67 -25.39
N LEU D 149 8.12 17.64 -24.60
CA LEU D 149 7.36 18.22 -23.48
C LEU D 149 6.48 19.41 -23.93
N LEU D 150 6.59 19.80 -25.20
CA LEU D 150 5.68 20.83 -25.75
C LEU D 150 4.23 20.33 -25.75
N TYR D 151 3.27 21.25 -25.51
CA TYR D 151 1.85 20.90 -25.50
C TYR D 151 1.45 20.10 -26.77
N GLN D 152 1.92 20.56 -27.94
CA GLN D 152 1.54 19.99 -29.23
C GLN D 152 1.94 18.52 -29.34
N ASN D 153 2.96 18.14 -28.57
CA ASN D 153 3.51 16.78 -28.54
C ASN D 153 3.09 15.97 -27.31
N GLY D 154 2.12 16.50 -26.56
CA GLY D 154 1.54 15.77 -25.43
C GLY D 154 2.08 16.13 -24.07
N GLY D 155 2.88 17.20 -24.01
CA GLY D 155 3.52 17.69 -22.79
C GLY D 155 2.83 18.94 -22.23
N PRO D 156 3.37 19.53 -21.16
CA PRO D 156 2.73 20.68 -20.51
C PRO D 156 3.16 22.02 -21.05
N VAL D 157 4.24 22.09 -21.83
CA VAL D 157 4.82 23.39 -22.17
C VAL D 157 4.02 24.16 -23.24
N ILE D 158 3.46 25.29 -22.83
CA ILE D 158 2.53 26.03 -23.70
C ILE D 158 3.21 27.24 -24.37
N THR D 159 4.17 27.86 -23.69
CA THR D 159 4.88 29.00 -24.29
C THR D 159 6.31 28.91 -23.81
N VAL D 160 7.22 29.58 -24.51
CA VAL D 160 8.65 29.57 -24.23
C VAL D 160 9.23 30.98 -24.39
N GLN D 161 9.85 31.50 -23.32
CA GLN D 161 10.46 32.83 -23.39
C GLN D 161 11.85 32.73 -24.05
N VAL D 162 12.13 33.70 -24.92
CA VAL D 162 13.43 33.84 -25.56
C VAL D 162 14.19 34.93 -24.82
N GLU D 163 15.40 34.60 -24.36
CA GLU D 163 16.19 35.55 -23.58
C GLU D 163 15.41 35.98 -22.33
N ASN D 164 15.78 37.10 -21.73
CA ASN D 164 15.09 37.58 -20.52
C ASN D 164 15.39 39.07 -20.34
N GLU D 165 14.37 39.93 -20.52
CA GLU D 165 14.49 41.37 -20.40
C GLU D 165 15.72 41.86 -21.17
N TYR D 166 15.86 41.41 -22.42
CA TYR D 166 17.01 41.88 -23.21
C TYR D 166 17.01 43.43 -23.39
N GLY D 167 15.82 44.01 -23.35
CA GLY D 167 15.64 45.47 -23.40
C GLY D 167 16.31 46.22 -22.28
N SER D 168 16.60 45.52 -21.19
CA SER D 168 17.32 46.16 -20.09
C SER D 168 18.84 46.15 -20.33
N TYR D 169 19.33 45.34 -21.27
CA TYR D 169 20.77 45.20 -21.52
C TYR D 169 21.27 46.27 -22.48
N PHE D 170 22.50 46.72 -22.29
CA PHE D 170 23.08 47.80 -23.09
C PHE D 170 23.30 47.41 -24.55
N ALA D 171 23.50 46.11 -24.83
CA ALA D 171 24.00 45.70 -26.16
C ALA D 171 23.05 45.99 -27.33
N CYS D 172 21.76 45.77 -27.13
CA CYS D 172 20.73 46.01 -28.14
C CYS D 172 21.02 45.32 -29.49
N ASP D 173 21.60 44.12 -29.40
CA ASP D 173 22.00 43.34 -30.58
C ASP D 173 20.79 42.56 -31.10
N PHE D 174 20.08 43.13 -32.08
CA PHE D 174 18.90 42.42 -32.61
C PHE D 174 19.24 41.14 -33.31
N ASP D 175 20.44 41.05 -33.90
CA ASP D 175 20.83 39.84 -34.59
C ASP D 175 20.96 38.67 -33.60
N TYR D 176 21.33 38.99 -32.37
CA TYR D 176 21.38 37.98 -31.31
C TYR D 176 19.98 37.42 -31.07
N LEU D 177 18.99 38.29 -30.94
CA LEU D 177 17.62 37.84 -30.70
C LEU D 177 17.15 37.01 -31.89
N ARG D 178 17.49 37.44 -33.10
CA ARG D 178 17.03 36.72 -34.29
C ARG D 178 17.67 35.32 -34.38
N PHE D 179 18.93 35.22 -33.97
CA PHE D 179 19.62 33.92 -33.87
C PHE D 179 18.88 32.95 -32.93
N LEU D 180 18.51 33.44 -31.74
CA LEU D 180 17.79 32.62 -30.77
C LEU D 180 16.44 32.22 -31.32
N GLN D 181 15.74 33.18 -31.91
CA GLN D 181 14.46 32.86 -32.56
C GLN D 181 14.65 31.72 -33.57
N LYS D 182 15.68 31.81 -34.41
CA LYS D 182 15.94 30.80 -35.45
C LYS D 182 16.26 29.45 -34.84
N ARG D 183 17.15 29.45 -33.85
CA ARG D 183 17.57 28.22 -33.21
C ARG D 183 16.43 27.58 -32.40
N PHE D 184 15.57 28.41 -31.78
CA PHE D 184 14.45 27.86 -30.99
C PHE D 184 13.48 27.19 -31.96
N ARG D 185 13.27 27.84 -33.11
CA ARG D 185 12.38 27.32 -34.15
C ARG D 185 12.91 26.02 -34.76
N HIS D 186 14.22 25.96 -35.02
CA HIS D 186 14.84 24.73 -35.53
C HIS D 186 14.55 23.57 -34.63
N HIS D 187 14.70 23.75 -33.33
CA HIS D 187 14.61 22.62 -32.41
C HIS D 187 13.21 22.30 -31.96
N LEU D 188 12.36 23.32 -31.92
CA LEU D 188 11.06 23.19 -31.24
C LEU D 188 9.90 23.14 -32.23
N GLY D 189 10.15 23.59 -33.47
CA GLY D 189 9.11 23.65 -34.50
C GLY D 189 8.45 25.01 -34.63
N ASP D 190 7.54 25.12 -35.61
CA ASP D 190 6.96 26.41 -35.98
C ASP D 190 5.69 26.80 -35.24
N ASP D 191 5.14 25.90 -34.44
CA ASP D 191 3.87 26.16 -33.74
C ASP D 191 4.08 26.73 -32.35
N VAL D 192 5.14 26.31 -31.68
CA VAL D 192 5.32 26.71 -30.28
C VAL D 192 5.28 28.24 -30.18
N VAL D 193 4.56 28.73 -29.19
CA VAL D 193 4.45 30.15 -28.99
C VAL D 193 5.76 30.63 -28.31
N LEU D 194 6.53 31.43 -29.05
CA LEU D 194 7.71 32.09 -28.45
C LEU D 194 7.37 33.51 -28.06
N PHE D 195 7.92 33.96 -26.93
CA PHE D 195 7.66 35.31 -26.43
C PHE D 195 8.90 35.94 -25.76
N THR D 196 8.80 37.23 -25.46
N THR D 196 8.82 37.26 -25.53
CA THR D 196 9.85 37.93 -24.75
CA THR D 196 9.83 37.98 -24.78
C THR D 196 9.24 38.73 -23.62
C THR D 196 9.19 38.55 -23.52
N THR D 197 10.02 38.96 -22.56
CA THR D 197 9.52 39.72 -21.40
C THR D 197 10.42 40.90 -21.13
N ASP D 198 9.81 42.06 -20.95
CA ASP D 198 10.54 43.26 -20.61
C ASP D 198 9.75 44.14 -19.63
N GLY D 199 10.44 45.09 -19.01
CA GLY D 199 9.77 46.12 -18.23
C GLY D 199 8.68 46.82 -19.04
N ALA D 200 7.66 47.29 -18.36
CA ALA D 200 6.46 47.81 -18.99
C ALA D 200 6.61 49.27 -19.36
N HIS D 201 7.55 49.57 -20.27
CA HIS D 201 7.83 50.95 -20.69
C HIS D 201 8.52 50.93 -22.01
N LYS D 202 8.23 51.90 -22.88
CA LYS D 202 8.84 51.94 -24.22
C LYS D 202 10.38 51.89 -24.21
N THR D 203 10.99 52.45 -23.18
CA THR D 203 12.44 52.48 -23.05
C THR D 203 13.01 51.07 -22.90
N PHE D 204 12.25 50.17 -22.26
CA PHE D 204 12.67 48.77 -22.10
C PHE D 204 12.34 47.95 -23.34
N LEU D 205 11.15 48.16 -23.89
CA LEU D 205 10.66 47.47 -25.04
C LEU D 205 11.42 47.73 -26.34
N LYS D 206 12.09 48.90 -26.43
CA LYS D 206 12.84 49.31 -27.62
C LYS D 206 13.80 48.24 -28.12
N CYS D 207 14.62 47.68 -27.20
CA CYS D 207 15.68 46.73 -27.56
C CYS D 207 15.30 45.30 -27.20
N GLY D 208 14.20 45.11 -26.50
CA GLY D 208 13.81 43.77 -26.03
C GLY D 208 12.82 43.06 -26.93
N ALA D 209 12.00 43.83 -27.65
CA ALA D 209 10.97 43.20 -28.48
C ALA D 209 11.47 42.92 -29.89
N LEU D 210 10.97 41.84 -30.48
CA LEU D 210 11.41 41.41 -31.83
C LEU D 210 10.19 40.96 -32.64
N GLN D 211 10.19 41.24 -33.93
CA GLN D 211 9.18 40.67 -34.83
C GLN D 211 9.19 39.13 -34.79
N GLY D 212 8.00 38.53 -34.69
CA GLY D 212 7.87 37.06 -34.62
C GLY D 212 7.98 36.50 -33.19
N LEU D 213 8.37 37.33 -32.23
CA LEU D 213 8.30 36.94 -30.81
C LEU D 213 7.24 37.79 -30.12
N TYR D 214 6.30 37.14 -29.45
CA TYR D 214 5.24 37.82 -28.77
C TYR D 214 5.76 38.62 -27.58
N THR D 215 5.44 39.91 -27.58
CA THR D 215 6.00 40.83 -26.61
C THR D 215 5.12 40.86 -25.36
N THR D 216 5.71 40.52 -24.22
CA THR D 216 5.00 40.61 -22.96
C THR D 216 5.78 41.55 -22.03
N VAL D 217 5.10 41.98 -20.96
CA VAL D 217 5.69 42.90 -19.98
C VAL D 217 5.73 42.25 -18.58
N ASP D 218 6.48 42.86 -17.65
CA ASP D 218 6.39 42.54 -16.24
C ASP D 218 6.21 43.82 -15.46
N PHE D 219 5.60 43.69 -14.27
CA PHE D 219 5.41 44.80 -13.35
C PHE D 219 4.82 44.31 -12.03
N GLY D 220 5.08 45.06 -10.97
CA GLY D 220 4.60 44.76 -9.64
C GLY D 220 3.48 45.66 -9.16
N THR D 221 3.27 45.65 -7.84
CA THR D 221 2.12 46.30 -7.22
C THR D 221 2.24 47.83 -7.24
N GLY D 222 3.42 48.35 -7.56
CA GLY D 222 3.58 49.83 -7.58
C GLY D 222 3.24 50.47 -8.92
N SER D 223 3.02 49.64 -9.94
CA SER D 223 2.82 50.15 -11.31
C SER D 223 1.37 50.39 -11.63
N ASN D 224 1.11 51.47 -12.38
CA ASN D 224 -0.21 51.68 -12.94
C ASN D 224 -0.50 50.60 -13.96
N ILE D 225 -1.50 49.79 -13.67
CA ILE D 225 -1.78 48.59 -14.48
C ILE D 225 -2.25 48.93 -15.90
N THR D 226 -3.12 49.92 -16.02
CA THR D 226 -3.53 50.43 -17.35
C THR D 226 -2.32 50.83 -18.22
N ASP D 227 -1.45 51.68 -17.69
CA ASP D 227 -0.27 52.16 -18.40
C ASP D 227 0.67 51.03 -18.76
N ALA D 228 0.75 50.04 -17.88
CA ALA D 228 1.68 48.96 -18.12
C ALA D 228 1.22 48.17 -19.34
N PHE D 229 -0.04 47.75 -19.36
CA PHE D 229 -0.63 47.07 -20.52
C PHE D 229 -0.77 47.90 -21.80
N LEU D 230 -0.95 49.21 -21.63
CA LEU D 230 -0.83 50.12 -22.76
C LEU D 230 0.54 50.01 -23.40
N SER D 231 1.60 49.90 -22.59
CA SER D 231 2.94 49.78 -23.15
C SER D 231 3.11 48.47 -23.92
N GLN D 232 2.54 47.37 -23.39
CA GLN D 232 2.53 46.12 -24.14
C GLN D 232 1.76 46.27 -25.45
N ARG D 233 0.64 47.00 -25.40
CA ARG D 233 -0.24 47.15 -26.58
C ARG D 233 0.36 47.96 -27.72
N LYS D 234 1.31 48.83 -27.41
CA LYS D 234 2.06 49.54 -28.42
C LYS D 234 2.83 48.53 -29.29
N CYS D 235 3.29 47.43 -28.66
CA CYS D 235 4.08 46.39 -29.35
C CYS D 235 3.22 45.30 -29.98
N GLU D 236 2.11 45.00 -29.33
CA GLU D 236 1.19 43.95 -29.75
C GLU D 236 -0.19 44.55 -29.68
N PRO D 237 -0.63 45.21 -30.78
CA PRO D 237 -2.00 45.72 -30.84
C PRO D 237 -3.05 44.65 -30.58
N LYS D 238 -2.74 43.40 -30.95
CA LYS D 238 -3.67 42.27 -30.85
C LYS D 238 -3.02 41.07 -30.19
N GLY D 239 -3.85 40.27 -29.52
CA GLY D 239 -3.37 39.10 -28.76
C GLY D 239 -3.58 39.30 -27.26
N PRO D 240 -3.22 38.28 -26.46
CA PRO D 240 -3.47 38.33 -25.02
C PRO D 240 -2.62 39.39 -24.27
N LEU D 241 -3.23 40.05 -23.28
CA LEU D 241 -2.44 40.89 -22.38
C LEU D 241 -1.73 39.93 -21.44
N ILE D 242 -0.43 40.17 -21.22
CA ILE D 242 0.37 39.25 -20.39
C ILE D 242 1.33 40.00 -19.48
N ASN D 243 1.19 39.72 -18.17
CA ASN D 243 2.20 40.15 -17.22
C ASN D 243 3.00 38.93 -16.78
N SER D 244 4.22 38.77 -17.33
CA SER D 244 5.03 37.55 -17.14
C SER D 244 5.70 37.46 -15.80
N GLU D 245 5.86 38.60 -15.12
CA GLU D 245 6.36 38.53 -13.73
C GLU D 245 5.65 39.58 -12.87
N PHE D 246 4.54 39.17 -12.30
CA PHE D 246 3.77 40.05 -11.44
C PHE D 246 4.28 39.86 -10.02
N TYR D 247 4.90 40.91 -9.48
CA TYR D 247 5.74 40.69 -8.29
C TYR D 247 4.96 40.55 -6.99
N THR D 248 5.13 39.38 -6.36
CA THR D 248 4.45 39.04 -5.10
C THR D 248 5.30 39.51 -3.94
N GLY D 249 6.55 39.88 -4.25
CA GLY D 249 7.48 40.33 -3.23
C GLY D 249 8.69 40.94 -3.91
N TRP D 250 9.87 40.77 -3.31
CA TRP D 250 11.08 41.32 -3.91
C TRP D 250 12.31 40.63 -3.37
N LEU D 251 13.43 40.84 -4.06
CA LEU D 251 14.73 40.30 -3.64
C LEU D 251 15.40 41.10 -2.51
N ASP D 252 16.36 40.43 -1.87
CA ASP D 252 17.14 40.95 -0.75
C ASP D 252 18.60 41.09 -1.16
N HIS D 253 19.33 41.91 -0.41
CA HIS D 253 20.79 41.92 -0.46
C HIS D 253 21.30 41.79 0.95
N TRP D 254 22.44 41.12 1.11
CA TRP D 254 23.08 41.13 2.44
C TRP D 254 23.30 42.57 2.88
N GLY D 255 23.01 42.88 4.15
CA GLY D 255 23.22 44.22 4.70
C GLY D 255 22.06 45.18 4.56
N GLN D 256 21.03 44.77 3.81
CA GLN D 256 19.89 45.63 3.52
C GLN D 256 18.65 45.03 4.17
N PRO D 257 17.66 45.87 4.57
CA PRO D 257 16.46 45.31 5.18
C PRO D 257 15.75 44.28 4.28
N HIS D 258 15.24 43.22 4.89
CA HIS D 258 14.42 42.22 4.19
C HIS D 258 13.25 42.87 3.46
N SER D 259 13.14 42.56 2.16
CA SER D 259 12.04 43.08 1.34
C SER D 259 10.72 42.37 1.60
N THR D 260 9.65 43.13 1.79
CA THR D 260 8.32 42.54 1.89
C THR D 260 7.38 43.38 1.07
N ILE D 261 6.30 42.75 0.62
CA ILE D 261 5.22 43.41 -0.10
C ILE D 261 3.92 42.95 0.58
N LYS D 262 3.04 43.91 0.84
CA LYS D 262 1.82 43.67 1.59
C LYS D 262 0.84 42.79 0.78
N THR D 263 0.23 41.83 1.47
CA THR D 263 -0.75 40.90 0.88
C THR D 263 -1.90 41.62 0.17
N GLU D 264 -2.48 42.60 0.86
CA GLU D 264 -3.55 43.46 0.28
C GLU D 264 -3.16 44.09 -1.06
N ALA D 265 -1.92 44.53 -1.22
CA ALA D 265 -1.44 45.08 -2.48
C ALA D 265 -1.36 44.02 -3.58
N VAL D 266 -0.80 42.84 -3.26
CA VAL D 266 -0.68 41.77 -4.25
C VAL D 266 -2.07 41.29 -4.67
N ALA D 267 -2.98 41.11 -3.71
CA ALA D 267 -4.35 40.66 -3.97
C ALA D 267 -5.11 41.66 -4.83
N SER D 268 -5.04 42.94 -4.45
CA SER D 268 -5.68 44.03 -5.21
C SER D 268 -5.21 44.06 -6.67
N SER D 269 -3.90 44.06 -6.87
CA SER D 269 -3.37 44.09 -8.25
C SER D 269 -3.69 42.79 -9.03
N LEU D 270 -3.61 41.63 -8.35
CA LEU D 270 -3.90 40.35 -9.02
C LEU D 270 -5.34 40.38 -9.54
N TYR D 271 -6.28 40.76 -8.69
CA TYR D 271 -7.68 40.84 -9.08
C TYR D 271 -7.84 41.80 -10.31
N ASP D 272 -7.22 42.97 -10.20
CA ASP D 272 -7.29 43.95 -11.33
C ASP D 272 -6.81 43.32 -12.66
N ILE D 273 -5.66 42.65 -12.60
CA ILE D 273 -5.06 42.05 -13.79
C ILE D 273 -5.99 40.96 -14.34
N LEU D 274 -6.43 40.06 -13.46
CA LEU D 274 -7.32 38.97 -13.92
C LEU D 274 -8.61 39.48 -14.53
N ALA D 275 -9.17 40.51 -13.92
CA ALA D 275 -10.45 41.07 -14.39
C ALA D 275 -10.34 41.62 -15.83
N ARG D 276 -9.13 42.03 -16.22
CA ARG D 276 -8.89 42.52 -17.57
C ARG D 276 -8.84 41.37 -18.59
N GLY D 277 -8.85 40.12 -18.12
CA GLY D 277 -8.74 38.97 -19.02
C GLY D 277 -7.30 38.62 -19.41
N ALA D 278 -6.34 39.27 -18.76
CA ALA D 278 -4.90 39.06 -18.96
C ALA D 278 -4.45 37.69 -18.43
N SER D 279 -3.45 37.10 -19.09
CA SER D 279 -2.74 35.98 -18.54
C SER D 279 -1.69 36.54 -17.60
N VAL D 280 -1.41 35.88 -16.49
CA VAL D 280 -0.46 36.47 -15.52
C VAL D 280 0.34 35.38 -14.84
N ASN D 281 1.59 35.70 -14.50
CA ASN D 281 2.43 34.86 -13.71
C ASN D 281 2.94 35.61 -12.49
N LEU D 282 2.75 34.99 -11.34
CA LEU D 282 3.20 35.50 -10.06
C LEU D 282 4.65 35.15 -9.81
N TYR D 283 5.50 36.20 -9.71
CA TYR D 283 6.95 36.04 -9.49
C TYR D 283 7.31 36.59 -8.10
N MET D 284 7.71 35.76 -7.11
CA MET D 284 7.78 34.29 -7.15
C MET D 284 6.52 33.72 -6.48
N PHE D 285 6.16 32.49 -6.80
CA PHE D 285 5.09 31.85 -6.03
C PHE D 285 5.69 31.12 -4.83
N ILE D 286 6.70 30.28 -5.09
CA ILE D 286 7.66 29.90 -4.04
C ILE D 286 9.05 30.33 -4.54
N GLY D 287 9.83 30.95 -3.64
CA GLY D 287 11.17 31.39 -3.99
C GLY D 287 12.20 30.30 -3.66
N GLY D 288 12.10 29.73 -2.46
CA GLY D 288 13.00 28.64 -2.11
C GLY D 288 14.35 29.18 -1.68
N THR D 289 15.43 28.49 -2.11
CA THR D 289 16.78 28.71 -1.56
C THR D 289 17.86 28.72 -2.66
N ASN D 290 18.85 29.61 -2.51
CA ASN D 290 20.09 29.52 -3.26
C ASN D 290 21.06 28.68 -2.43
N PHE D 291 21.07 27.36 -2.67
CA PHE D 291 21.99 26.48 -1.93
C PHE D 291 23.40 26.71 -2.46
N ALA D 292 24.39 26.16 -1.76
CA ALA D 292 25.78 26.22 -2.26
C ALA D 292 26.21 27.67 -2.63
N TYR D 293 26.67 27.91 -3.86
CA TYR D 293 27.15 29.25 -4.30
C TYR D 293 26.26 29.85 -5.40
N TRP D 294 25.00 29.44 -5.44
CA TRP D 294 24.12 29.78 -6.59
C TRP D 294 23.54 31.16 -6.57
N ASN D 295 23.65 31.89 -5.45
CA ASN D 295 23.11 33.28 -5.41
C ASN D 295 23.81 34.19 -6.47
N GLY D 296 23.13 35.28 -6.82
CA GLY D 296 23.68 36.29 -7.73
C GLY D 296 24.03 37.58 -6.99
N ALA D 297 24.11 38.67 -7.74
CA ALA D 297 24.49 39.97 -7.19
C ALA D 297 24.02 41.07 -8.11
N ASN D 298 23.92 42.28 -7.56
CA ASN D 298 23.65 43.49 -8.37
C ASN D 298 24.85 44.41 -8.34
N SER D 299 24.84 45.38 -9.27
N SER D 299 24.87 45.36 -9.29
CA SER D 299 25.86 46.41 -9.41
CA SER D 299 25.88 46.41 -9.38
C SER D 299 25.25 47.76 -8.98
C SER D 299 25.25 47.74 -8.96
N PRO D 300 25.95 48.57 -8.16
CA PRO D 300 27.29 48.34 -7.59
C PRO D 300 27.31 47.17 -6.57
N TYR D 301 28.43 46.49 -6.52
CA TYR D 301 28.45 45.14 -5.96
C TYR D 301 27.70 44.96 -4.62
N ALA D 302 26.61 44.19 -4.70
CA ALA D 302 25.86 43.78 -3.51
C ALA D 302 25.21 42.43 -3.78
N ALA D 303 25.65 41.44 -3.02
CA ALA D 303 25.20 40.07 -3.21
C ALA D 303 23.83 39.84 -2.56
N GLN D 304 23.02 39.02 -3.22
CA GLN D 304 21.76 38.53 -2.61
C GLN D 304 22.09 37.37 -1.65
N PRO D 305 21.25 37.18 -0.61
CA PRO D 305 21.53 36.17 0.41
C PRO D 305 21.18 34.73 -0.01
N THR D 306 21.48 33.80 0.89
CA THR D 306 21.19 32.38 0.66
C THR D 306 19.67 32.14 0.51
N SER D 307 18.87 32.72 1.40
CA SER D 307 17.41 32.63 1.29
C SER D 307 16.89 33.34 0.02
N TYR D 308 15.98 32.68 -0.70
CA TYR D 308 15.24 33.34 -1.81
C TYR D 308 13.76 33.30 -1.44
N ASP D 309 13.47 33.47 -0.15
CA ASP D 309 12.08 33.43 0.37
C ASP D 309 11.20 34.38 -0.43
N TYR D 310 11.68 35.61 -0.68
CA TYR D 310 11.06 36.58 -1.62
C TYR D 310 9.81 37.28 -1.07
N ASP D 311 9.49 37.00 0.19
CA ASP D 311 8.18 37.28 0.74
C ASP D 311 7.07 36.65 -0.15
N ALA D 312 7.39 35.53 -0.80
CA ALA D 312 6.44 34.86 -1.70
C ALA D 312 5.26 34.26 -0.93
N PRO D 313 4.18 33.92 -1.64
CA PRO D 313 3.03 33.29 -0.97
C PRO D 313 3.34 31.91 -0.33
N LEU D 314 4.26 31.15 -0.91
CA LEU D 314 4.79 29.97 -0.21
C LEU D 314 6.14 30.38 0.33
N SER D 315 6.37 30.18 1.64
CA SER D 315 7.61 30.63 2.29
C SER D 315 8.79 29.82 1.76
N GLU D 316 10.01 30.21 2.09
CA GLU D 316 11.18 29.43 1.71
C GLU D 316 11.02 27.90 1.86
N ALA D 317 10.52 27.45 3.02
CA ALA D 317 10.38 26.03 3.31
C ALA D 317 9.03 25.47 2.82
N GLY D 318 8.30 26.24 2.01
CA GLY D 318 7.04 25.81 1.40
C GLY D 318 5.77 26.05 2.25
N ASP D 319 5.86 26.86 3.32
CA ASP D 319 4.75 27.03 4.27
C ASP D 319 3.59 27.82 3.63
N LEU D 320 2.35 27.48 4.01
CA LEU D 320 1.16 28.20 3.56
C LEU D 320 1.03 29.50 4.36
N THR D 321 1.12 30.63 3.68
CA THR D 321 1.14 31.93 4.35
C THR D 321 -0.22 32.61 4.21
N GLU D 322 -0.44 33.67 4.97
CA GLU D 322 -1.67 34.40 4.79
C GLU D 322 -1.74 35.01 3.38
N LYS D 323 -0.60 35.34 2.79
CA LYS D 323 -0.57 35.74 1.36
C LYS D 323 -1.09 34.61 0.40
N TYR D 324 -0.67 33.37 0.67
CA TYR D 324 -1.15 32.21 -0.10
C TYR D 324 -2.70 32.14 -0.10
N PHE D 325 -3.28 32.21 1.10
CA PHE D 325 -4.74 32.09 1.22
C PHE D 325 -5.46 33.27 0.60
N ALA D 326 -4.86 34.46 0.70
CA ALA D 326 -5.44 35.66 0.12
C ALA D 326 -5.46 35.56 -1.40
N LEU D 327 -4.38 35.06 -1.99
CA LEU D 327 -4.32 35.00 -3.46
C LEU D 327 -5.18 33.86 -3.97
N ARG D 328 -5.22 32.78 -3.22
CA ARG D 328 -6.16 31.71 -3.54
C ARG D 328 -7.63 32.22 -3.58
N ASN D 329 -8.00 33.03 -2.59
N ASN D 329 -7.98 33.03 -2.59
CA ASN D 329 -9.34 33.62 -2.57
CA ASN D 329 -9.29 33.64 -2.52
C ASN D 329 -9.61 34.52 -3.78
C ASN D 329 -9.60 34.54 -3.75
N ILE D 330 -8.59 35.28 -4.21
CA ILE D 330 -8.73 36.10 -5.44
C ILE D 330 -8.97 35.19 -6.65
N ILE D 331 -8.13 34.16 -6.81
CA ILE D 331 -8.29 33.24 -7.94
C ILE D 331 -9.69 32.59 -7.97
N GLN D 332 -10.20 32.24 -6.79
N GLN D 332 -10.20 32.21 -6.80
CA GLN D 332 -11.52 31.64 -6.65
CA GLN D 332 -11.54 31.65 -6.66
C GLN D 332 -12.68 32.54 -7.12
C GLN D 332 -12.66 32.52 -7.21
N LYS D 333 -12.44 33.83 -7.25
CA LYS D 333 -13.47 34.75 -7.75
C LYS D 333 -13.62 34.61 -9.28
N PHE D 334 -12.60 34.05 -9.94
CA PHE D 334 -12.57 33.91 -11.40
C PHE D 334 -12.73 32.48 -11.88
N GLU D 335 -12.15 31.56 -11.13
CA GLU D 335 -12.10 30.15 -11.50
C GLU D 335 -12.44 29.28 -10.29
N LYS D 336 -13.06 28.13 -10.56
CA LYS D 336 -13.21 27.06 -9.57
C LYS D 336 -11.83 26.49 -9.27
N VAL D 337 -11.49 26.38 -7.99
CA VAL D 337 -10.21 25.83 -7.56
C VAL D 337 -10.41 24.37 -7.09
N PRO D 338 -9.34 23.55 -7.10
CA PRO D 338 -9.53 22.14 -6.74
C PRO D 338 -10.09 21.95 -5.32
N GLU D 339 -10.86 20.88 -5.12
CA GLU D 339 -11.44 20.57 -3.82
C GLU D 339 -10.50 19.68 -2.98
N GLY D 340 -10.82 19.60 -1.69
CA GLY D 340 -10.04 18.81 -0.73
C GLY D 340 -9.15 19.69 0.14
N PRO D 341 -8.55 19.08 1.18
CA PRO D 341 -7.57 19.82 1.96
C PRO D 341 -6.22 20.02 1.21
N ILE D 342 -5.55 21.14 1.48
CA ILE D 342 -4.25 21.50 0.90
C ILE D 342 -3.14 20.80 1.68
N PRO D 343 -2.11 20.23 0.99
CA PRO D 343 -0.94 19.72 1.76
C PRO D 343 -0.42 20.75 2.77
N PRO D 344 -0.05 20.30 3.99
CA PRO D 344 0.26 21.29 5.01
C PRO D 344 1.66 21.86 4.90
N SER D 345 1.88 23.00 5.58
CA SER D 345 3.24 23.41 5.88
C SER D 345 3.90 22.23 6.56
N THR D 346 5.16 21.98 6.21
CA THR D 346 5.96 20.96 6.93
C THR D 346 6.14 21.18 8.44
N PRO D 347 6.14 20.07 9.23
CA PRO D 347 6.50 20.29 10.62
C PRO D 347 7.98 20.65 10.69
N LYS D 348 8.32 21.49 11.67
CA LYS D 348 9.71 21.93 11.91
C LYS D 348 10.15 21.50 13.32
N PHE D 349 11.42 21.15 13.43
CA PHE D 349 11.89 20.65 14.72
C PHE D 349 13.15 21.39 15.15
N ALA D 350 13.21 21.77 16.43
CA ALA D 350 14.41 22.43 16.96
C ALA D 350 15.35 21.37 17.54
N TYR D 351 16.32 20.90 16.75
CA TYR D 351 17.31 19.91 17.23
C TYR D 351 18.18 20.49 18.35
N GLY D 352 18.16 21.83 18.49
CA GLY D 352 18.85 22.50 19.59
C GLY D 352 20.35 22.71 19.35
N LYS D 353 21.10 22.85 20.43
CA LYS D 353 22.50 23.24 20.31
C LYS D 353 23.37 22.05 19.91
N VAL D 354 24.29 22.28 18.98
CA VAL D 354 25.26 21.24 18.60
C VAL D 354 26.68 21.82 18.66
N THR D 355 27.51 21.31 19.56
CA THR D 355 28.88 21.82 19.68
C THR D 355 29.72 21.30 18.51
N LEU D 356 30.69 22.13 18.09
CA LEU D 356 31.59 21.81 16.99
C LEU D 356 32.96 21.92 17.59
N GLU D 357 33.95 21.32 16.93
CA GLU D 357 35.34 21.51 17.27
C GLU D 357 36.12 21.83 16.02
N LYS D 358 37.17 22.62 16.19
CA LYS D 358 38.04 22.97 15.07
C LYS D 358 38.63 21.70 14.46
N LEU D 359 38.57 21.63 13.13
CA LEU D 359 39.15 20.52 12.40
C LEU D 359 40.55 20.94 11.94
N LYS D 360 40.60 21.85 10.98
CA LYS D 360 41.86 22.43 10.49
C LYS D 360 41.59 23.84 10.00
N THR D 361 42.59 24.71 10.11
CA THR D 361 42.54 25.98 9.35
C THR D 361 42.63 25.68 7.84
N VAL D 362 42.10 26.58 7.00
CA VAL D 362 42.38 26.50 5.55
C VAL D 362 43.90 26.35 5.26
N GLY D 363 44.72 27.17 5.92
CA GLY D 363 46.17 27.14 5.73
C GLY D 363 46.79 25.76 5.97
N ALA D 364 46.28 25.02 6.96
CA ALA D 364 46.83 23.71 7.31
C ALA D 364 46.22 22.58 6.49
N ALA D 365 45.28 22.92 5.61
CA ALA D 365 44.50 21.93 4.86
C ALA D 365 44.75 21.97 3.35
N LEU D 366 45.86 22.56 2.94
CA LEU D 366 46.09 22.81 1.50
C LEU D 366 46.37 21.55 0.68
N ASP D 367 46.94 20.52 1.31
CA ASP D 367 47.14 19.22 0.65
C ASP D 367 45.83 18.58 0.21
N ILE D 368 44.81 18.70 1.07
CA ILE D 368 43.49 18.13 0.83
C ILE D 368 42.65 19.01 -0.10
N LEU D 369 42.77 20.33 0.07
CA LEU D 369 42.00 21.30 -0.70
C LEU D 369 42.55 21.47 -2.11
N CYS D 370 43.84 21.21 -2.29
CA CYS D 370 44.47 21.44 -3.57
C CYS D 370 45.48 20.31 -3.84
N PRO D 371 44.97 19.07 -4.10
CA PRO D 371 45.85 17.89 -4.18
C PRO D 371 46.70 17.86 -5.45
N SER D 372 46.43 18.79 -6.37
CA SER D 372 47.10 18.87 -7.64
C SER D 372 48.30 19.83 -7.57
N GLY D 373 48.37 20.61 -6.48
CA GLY D 373 49.43 21.59 -6.32
C GLY D 373 49.04 22.96 -6.83
N PRO D 374 49.71 24.00 -6.33
CA PRO D 374 49.36 25.37 -6.70
C PRO D 374 49.84 25.71 -8.09
N ILE D 375 49.28 26.78 -8.66
CA ILE D 375 49.86 27.35 -9.87
C ILE D 375 50.70 28.59 -9.53
N LYS D 376 51.93 28.65 -10.05
CA LYS D 376 52.80 29.82 -9.91
C LYS D 376 52.46 30.85 -10.98
N SER D 377 52.48 32.12 -10.60
CA SER D 377 52.27 33.18 -11.58
C SER D 377 53.00 34.42 -11.10
N LEU D 378 53.58 35.17 -12.04
CA LEU D 378 54.29 36.40 -11.68
C LEU D 378 53.31 37.43 -11.11
N TYR D 379 52.16 37.57 -11.76
CA TYR D 379 51.07 38.41 -11.27
C TYR D 379 49.83 37.57 -10.93
N PRO D 380 48.91 38.13 -10.11
CA PRO D 380 47.70 37.37 -9.76
C PRO D 380 46.86 36.94 -10.98
N LEU D 381 46.23 35.77 -10.87
CA LEU D 381 45.28 35.26 -11.88
C LEU D 381 43.86 35.18 -11.30
N THR D 382 42.86 35.32 -12.18
CA THR D 382 41.45 35.24 -11.78
C THR D 382 40.99 33.78 -11.54
N PHE D 383 39.83 33.63 -10.89
CA PHE D 383 39.15 32.33 -10.69
C PHE D 383 39.09 31.57 -12.02
N ILE D 384 38.63 32.25 -13.07
CA ILE D 384 38.47 31.64 -14.39
C ILE D 384 39.80 31.04 -14.94
N GLN D 385 40.88 31.78 -14.78
CA GLN D 385 42.17 31.39 -15.30
C GLN D 385 42.74 30.18 -14.57
N VAL D 386 42.44 30.06 -13.28
CA VAL D 386 42.84 28.86 -12.53
C VAL D 386 41.76 27.76 -12.55
N LYS D 387 40.74 27.92 -13.39
CA LYS D 387 39.71 26.92 -13.63
C LYS D 387 38.82 26.60 -12.40
N GLN D 388 38.58 27.61 -11.57
CA GLN D 388 37.64 27.43 -10.48
C GLN D 388 36.52 28.46 -10.60
N HIS D 389 35.26 28.02 -10.55
CA HIS D 389 34.16 28.96 -10.78
C HIS D 389 33.54 29.53 -9.54
N TYR D 390 33.44 28.72 -8.48
CA TYR D 390 32.74 29.11 -7.27
C TYR D 390 33.60 28.88 -6.04
N GLY D 391 33.17 29.44 -4.90
CA GLY D 391 33.89 29.24 -3.64
C GLY D 391 35.10 30.15 -3.43
N PHE D 392 36.20 29.50 -3.07
CA PHE D 392 37.37 30.19 -2.49
C PHE D 392 38.68 29.80 -3.19
N VAL D 393 39.55 30.80 -3.39
CA VAL D 393 40.91 30.59 -3.90
C VAL D 393 41.92 31.30 -2.97
N LEU D 394 42.96 30.57 -2.60
CA LEU D 394 44.03 31.13 -1.79
C LEU D 394 45.13 31.73 -2.65
N TYR D 395 45.41 33.01 -2.42
CA TYR D 395 46.56 33.69 -3.01
C TYR D 395 47.70 33.88 -1.99
N ARG D 396 48.86 33.32 -2.31
CA ARG D 396 50.04 33.39 -1.46
C ARG D 396 51.20 34.14 -2.13
N THR D 397 51.82 35.03 -1.36
CA THR D 397 53.13 35.60 -1.72
C THR D 397 54.01 35.76 -0.47
N THR D 398 55.23 36.24 -0.68
CA THR D 398 56.14 36.48 0.44
C THR D 398 56.35 37.99 0.59
N LEU D 399 56.52 38.47 1.82
CA LEU D 399 56.70 39.91 2.03
C LEU D 399 58.08 40.36 1.54
N PRO D 400 58.12 41.34 0.61
CA PRO D 400 59.38 41.83 0.00
C PRO D 400 60.23 42.74 0.90
N GLN D 401 59.68 43.14 2.03
CA GLN D 401 60.28 44.13 2.91
C GLN D 401 59.85 43.88 4.35
N ASP D 402 60.43 44.62 5.28
CA ASP D 402 60.06 44.53 6.69
C ASP D 402 58.84 45.40 6.96
N CYS D 403 57.85 44.80 7.61
CA CYS D 403 56.63 45.53 7.98
C CYS D 403 56.43 45.59 9.48
N SER D 404 57.47 46.02 10.20
CA SER D 404 57.38 46.18 11.65
C SER D 404 56.38 47.27 12.01
N ASN D 405 56.32 48.31 11.19
CA ASN D 405 55.28 49.32 11.27
C ASN D 405 54.21 48.98 10.24
N PRO D 406 52.93 49.28 10.56
CA PRO D 406 51.87 48.95 9.59
C PRO D 406 52.21 49.48 8.19
N ALA D 407 52.09 48.62 7.18
CA ALA D 407 52.32 48.99 5.80
C ALA D 407 51.04 48.76 5.01
N PRO D 408 50.70 49.69 4.09
CA PRO D 408 49.44 49.58 3.36
C PRO D 408 49.46 48.48 2.31
N LEU D 409 48.60 47.46 2.52
CA LEU D 409 48.30 46.48 1.49
C LEU D 409 47.06 46.97 0.77
N SER D 410 47.18 47.15 -0.54
CA SER D 410 46.13 47.81 -1.30
C SER D 410 45.86 47.19 -2.69
N SER D 411 44.63 47.38 -3.16
CA SER D 411 44.22 46.95 -4.48
C SER D 411 43.75 48.22 -5.15
N PRO D 412 44.71 49.02 -5.68
CA PRO D 412 44.42 50.38 -6.15
C PRO D 412 43.28 50.44 -7.15
N LEU D 413 43.18 49.42 -7.99
CA LEU D 413 42.12 49.40 -8.99
C LEU D 413 40.84 48.66 -8.48
N ASN D 414 40.74 48.46 -7.17
CA ASN D 414 39.53 47.86 -6.59
C ASN D 414 39.29 46.47 -7.19
N GLY D 415 40.34 45.65 -7.17
CA GLY D 415 40.38 44.37 -7.84
C GLY D 415 40.31 43.14 -6.93
N VAL D 416 39.77 43.30 -5.73
CA VAL D 416 39.52 42.16 -4.86
C VAL D 416 38.07 41.79 -5.07
N HIS D 417 37.83 40.76 -5.89
CA HIS D 417 36.46 40.33 -6.24
C HIS D 417 36.10 38.98 -5.59
N ASP D 418 35.44 38.98 -4.42
CA ASP D 418 34.73 40.11 -3.83
C ASP D 418 35.18 40.45 -2.39
N ARG D 419 35.96 39.58 -1.79
CA ARG D 419 36.31 39.72 -0.38
C ARG D 419 37.52 38.88 -0.15
N ALA D 420 38.48 39.42 0.62
CA ALA D 420 39.69 38.69 0.96
C ALA D 420 39.94 38.70 2.46
N TYR D 421 40.25 37.52 2.98
CA TYR D 421 40.58 37.32 4.38
C TYR D 421 42.10 37.22 4.39
N VAL D 422 42.73 38.21 5.01
CA VAL D 422 44.17 38.37 4.94
C VAL D 422 44.89 37.87 6.20
N ALA D 423 45.97 37.12 5.99
CA ALA D 423 46.83 36.62 7.05
C ALA D 423 48.31 36.84 6.70
N VAL D 424 49.14 37.01 7.73
CA VAL D 424 50.60 37.11 7.55
C VAL D 424 51.28 36.19 8.56
N ASP D 425 52.01 35.20 8.05
CA ASP D 425 52.61 34.15 8.90
C ASP D 425 51.55 33.52 9.82
N GLY D 426 50.35 33.28 9.28
CA GLY D 426 49.25 32.72 10.04
C GLY D 426 48.62 33.63 11.08
N ILE D 427 48.91 34.93 10.99
CA ILE D 427 48.29 35.94 11.85
C ILE D 427 47.28 36.74 11.03
N PRO D 428 46.00 36.65 11.38
CA PRO D 428 44.97 37.38 10.63
C PRO D 428 45.12 38.89 10.75
N GLN D 429 45.01 39.57 9.60
CA GLN D 429 45.23 41.02 9.50
C GLN D 429 43.92 41.74 9.27
N GLY D 430 42.89 41.02 8.85
CA GLY D 430 41.61 41.64 8.53
C GLY D 430 41.11 41.32 7.13
N VAL D 431 40.33 42.24 6.57
CA VAL D 431 39.54 41.97 5.37
C VAL D 431 39.60 43.10 4.34
N LEU D 432 39.78 42.73 3.08
CA LEU D 432 39.63 43.63 1.94
C LEU D 432 38.25 43.37 1.30
N GLU D 433 37.55 44.42 0.87
CA GLU D 433 36.19 44.28 0.33
C GLU D 433 35.99 45.06 -0.96
N ARG D 434 35.42 44.41 -1.96
CA ARG D 434 35.06 45.07 -3.20
C ARG D 434 34.23 46.31 -2.88
N ASN D 435 34.60 47.44 -3.48
CA ASN D 435 33.93 48.76 -3.36
C ASN D 435 33.94 49.44 -1.99
N ASN D 436 34.47 48.79 -0.97
CA ASN D 436 34.38 49.29 0.39
C ASN D 436 35.70 49.50 1.13
N VAL D 437 36.56 48.50 1.06
CA VAL D 437 37.84 48.54 1.75
C VAL D 437 38.87 48.04 0.75
N ILE D 438 39.63 48.97 0.18
CA ILE D 438 40.63 48.62 -0.82
C ILE D 438 42.05 48.71 -0.24
N THR D 439 42.13 49.09 1.03
CA THR D 439 43.41 49.14 1.75
C THR D 439 43.33 48.60 3.17
N LEU D 440 44.34 47.82 3.52
CA LEU D 440 44.49 47.27 4.85
C LEU D 440 45.94 47.39 5.30
N ASN D 441 46.17 47.99 6.47
CA ASN D 441 47.48 47.99 7.09
C ASN D 441 47.85 46.61 7.62
N ILE D 442 49.02 46.13 7.21
CA ILE D 442 49.49 44.81 7.64
C ILE D 442 50.87 44.90 8.33
N THR D 443 51.20 43.89 9.11
CA THR D 443 52.54 43.78 9.70
C THR D 443 53.06 42.35 9.59
N GLY D 444 54.37 42.23 9.63
CA GLY D 444 55.06 40.94 9.57
C GLY D 444 56.52 41.17 9.24
N LYS D 445 57.33 40.13 9.34
CA LYS D 445 58.76 40.22 9.04
C LYS D 445 59.00 40.22 7.52
N ALA D 446 60.19 40.62 7.08
CA ALA D 446 60.58 40.45 5.68
C ALA D 446 60.57 38.95 5.35
N GLY D 447 60.05 38.59 4.19
CA GLY D 447 59.92 37.16 3.84
C GLY D 447 58.76 36.40 4.48
N ALA D 448 57.96 37.06 5.33
CA ALA D 448 56.76 36.45 5.91
C ALA D 448 55.77 36.03 4.83
N THR D 449 55.03 34.96 5.08
CA THR D 449 54.02 34.48 4.15
C THR D 449 52.76 35.35 4.22
N LEU D 450 52.44 36.00 3.10
CA LEU D 450 51.22 36.79 2.96
C LEU D 450 50.16 35.97 2.24
N ASP D 451 49.05 35.71 2.93
CA ASP D 451 47.93 34.92 2.37
C ASP D 451 46.67 35.74 2.24
N LEU D 452 46.03 35.64 1.08
CA LEU D 452 44.69 36.22 0.87
C LEU D 452 43.74 35.11 0.46
N LEU D 453 42.76 34.79 1.32
CA LEU D 453 41.72 33.85 0.94
C LEU D 453 40.60 34.66 0.31
N VAL D 454 40.42 34.48 -0.99
CA VAL D 454 39.45 35.22 -1.73
C VAL D 454 38.19 34.42 -2.00
N GLU D 455 37.06 35.07 -1.66
CA GLU D 455 35.72 34.53 -1.85
C GLU D 455 35.04 35.16 -3.08
N ASN D 456 34.53 34.32 -3.97
CA ASN D 456 33.56 34.74 -4.97
C ASN D 456 32.20 34.73 -4.26
N MET D 457 31.67 35.93 -4.01
CA MET D 457 30.40 36.10 -3.29
C MET D 457 29.15 36.01 -4.18
N GLY D 458 29.35 35.75 -5.45
CA GLY D 458 28.24 35.56 -6.39
C GLY D 458 28.46 36.44 -7.59
N ARG D 459 28.43 35.87 -8.80
CA ARG D 459 28.59 36.71 -9.99
C ARG D 459 27.35 37.55 -10.27
N VAL D 460 27.58 38.84 -10.56
CA VAL D 460 26.51 39.79 -10.89
C VAL D 460 25.55 39.25 -11.98
N ASN D 461 24.25 39.39 -11.77
CA ASN D 461 23.32 38.70 -12.64
C ASN D 461 22.53 39.66 -13.51
N TYR D 462 22.86 40.95 -13.45
CA TYR D 462 22.05 41.98 -14.14
C TYR D 462 22.86 43.23 -14.35
N GLY D 463 22.56 43.91 -15.46
CA GLY D 463 23.31 45.09 -15.87
C GLY D 463 24.49 44.73 -16.76
N ALA D 464 25.27 45.75 -17.13
CA ALA D 464 26.44 45.59 -17.99
C ALA D 464 27.51 44.67 -17.44
N TYR D 465 27.65 44.61 -16.12
CA TYR D 465 28.83 43.99 -15.51
C TYR D 465 28.67 42.51 -15.11
N ILE D 466 27.93 41.77 -15.94
CA ILE D 466 27.76 40.32 -15.78
C ILE D 466 28.99 39.48 -16.17
N ASN D 467 29.98 40.12 -16.81
CA ASN D 467 31.29 39.48 -17.09
C ASN D 467 32.23 39.66 -15.88
N ASP D 468 31.89 38.93 -14.81
CA ASP D 468 32.39 39.15 -13.47
C ASP D 468 33.32 37.96 -13.19
N PHE D 469 34.62 38.17 -13.41
CA PHE D 469 35.63 37.11 -13.37
C PHE D 469 35.84 36.45 -12.01
N LYS D 470 36.06 37.32 -11.01
CA LYS D 470 36.32 36.93 -9.61
C LYS D 470 37.79 36.60 -9.33
N GLY D 471 38.20 36.85 -8.10
CA GLY D 471 39.56 36.65 -7.67
C GLY D 471 40.25 37.98 -7.47
N LEU D 472 41.57 37.94 -7.51
CA LEU D 472 42.38 39.14 -7.63
C LEU D 472 42.44 39.48 -9.11
N VAL D 473 41.58 40.37 -9.55
CA VAL D 473 41.42 40.70 -10.98
C VAL D 473 42.36 41.81 -11.44
N SER D 474 43.06 42.40 -10.48
CA SER D 474 44.11 43.38 -10.75
C SER D 474 45.15 43.28 -9.64
N ASN D 475 46.24 44.03 -9.78
CA ASN D 475 47.38 43.92 -8.87
C ASN D 475 47.14 44.38 -7.45
N LEU D 476 47.88 43.79 -6.52
CA LEU D 476 47.98 44.29 -5.15
C LEU D 476 49.33 45.01 -4.97
N THR D 477 49.31 46.08 -4.19
CA THR D 477 50.55 46.78 -3.89
C THR D 477 50.81 46.73 -2.37
N LEU D 478 52.08 46.60 -2.01
CA LEU D 478 52.50 46.81 -0.63
C LEU D 478 53.42 48.02 -0.55
N SER D 479 53.04 48.99 0.28
CA SER D 479 53.71 50.30 0.37
C SER D 479 53.93 50.91 -1.01
N SER D 480 52.83 50.95 -1.79
CA SER D 480 52.81 51.49 -3.16
C SER D 480 53.48 50.64 -4.23
N ASN D 481 54.14 49.55 -3.82
CA ASN D 481 54.82 48.67 -4.76
C ASN D 481 54.06 47.41 -5.10
N ILE D 482 53.99 47.13 -6.40
CA ILE D 482 53.25 46.00 -6.94
C ILE D 482 53.87 44.72 -6.41
N LEU D 483 53.02 43.87 -5.80
CA LEU D 483 53.45 42.59 -5.26
C LEU D 483 53.54 41.55 -6.38
N THR D 484 54.68 40.86 -6.48
CA THR D 484 54.85 39.82 -7.50
C THR D 484 55.24 38.46 -6.92
N ASP D 485 55.10 37.43 -7.77
CA ASP D 485 55.48 36.06 -7.46
C ASP D 485 54.41 35.36 -6.57
N TRP D 486 53.39 34.86 -7.25
CA TRP D 486 52.20 34.33 -6.63
C TRP D 486 52.16 32.83 -6.69
N THR D 487 51.61 32.25 -5.64
CA THR D 487 51.39 30.83 -5.54
C THR D 487 49.90 30.74 -5.23
N ILE D 488 49.13 30.26 -6.20
CA ILE D 488 47.68 30.35 -6.15
C ILE D 488 47.09 28.96 -5.97
N PHE D 489 46.28 28.78 -4.93
CA PHE D 489 45.72 27.47 -4.64
C PHE D 489 44.22 27.49 -4.92
N PRO D 490 43.78 26.94 -6.07
CA PRO D 490 42.33 26.68 -6.18
C PRO D 490 41.96 25.73 -5.03
N LEU D 491 40.79 25.91 -4.41
CA LEU D 491 40.43 25.10 -3.22
C LEU D 491 39.21 24.21 -3.47
N ASP D 492 39.44 22.92 -3.39
CA ASP D 492 38.43 21.89 -3.60
C ASP D 492 37.59 21.72 -2.33
N THR D 493 36.85 22.77 -1.96
CA THR D 493 36.14 22.78 -0.68
C THR D 493 35.07 21.71 -0.55
N GLU D 494 34.38 21.41 -1.65
CA GLU D 494 33.25 20.48 -1.59
C GLU D 494 33.72 19.02 -1.39
N ASP D 495 34.81 18.64 -2.07
CA ASP D 495 35.45 17.35 -1.86
C ASP D 495 36.03 17.25 -0.46
N ALA D 496 36.73 18.31 -0.06
CA ALA D 496 37.42 18.31 1.24
C ALA D 496 36.45 18.18 2.40
N VAL D 497 35.30 18.85 2.29
CA VAL D 497 34.30 18.72 3.36
C VAL D 497 33.68 17.32 3.35
N ARG D 498 33.46 16.75 2.16
CA ARG D 498 32.95 15.37 2.05
C ARG D 498 33.87 14.31 2.72
N SER D 499 35.17 14.60 2.83
CA SER D 499 36.11 13.63 3.40
C SER D 499 36.59 14.04 4.78
N HIS D 500 35.87 14.96 5.41
CA HIS D 500 36.22 15.47 6.74
C HIS D 500 37.63 15.98 6.75
N LEU D 501 37.99 16.63 5.63
CA LEU D 501 39.33 17.17 5.36
C LEU D 501 40.42 16.09 5.37
N GLY D 502 40.13 14.95 4.75
CA GLY D 502 41.07 13.85 4.61
C GLY D 502 41.25 13.00 5.85
N GLY D 503 40.87 13.55 7.00
CA GLY D 503 40.97 12.84 8.28
C GLY D 503 39.93 11.73 8.44
N TRP D 504 39.22 11.43 7.35
CA TRP D 504 38.30 10.29 7.24
C TRP D 504 38.57 9.16 8.20
N ASN D 522 38.92 42.35 15.62
CA ASN D 522 39.45 41.04 16.00
C ASN D 522 39.02 39.91 15.05
N TYR D 523 39.97 39.06 14.64
CA TYR D 523 39.74 38.00 13.65
C TYR D 523 40.39 36.70 14.04
N THR D 524 39.86 35.60 13.51
CA THR D 524 40.54 34.31 13.59
C THR D 524 40.89 33.87 12.18
N LEU D 525 41.87 32.97 12.05
CA LEU D 525 42.16 32.34 10.76
C LEU D 525 40.94 31.57 10.22
N PRO D 526 40.67 31.70 8.90
CA PRO D 526 39.66 30.87 8.25
C PRO D 526 39.92 29.37 8.50
N ALA D 527 38.87 28.69 8.95
CA ALA D 527 39.00 27.34 9.46
C ALA D 527 37.68 26.60 9.37
N PHE D 528 37.78 25.27 9.34
CA PHE D 528 36.66 24.37 9.33
C PHE D 528 36.41 23.87 10.75
N TYR D 529 35.15 23.86 11.14
CA TYR D 529 34.72 23.34 12.44
C TYR D 529 33.68 22.26 12.18
N MET D 530 33.71 21.18 12.95
CA MET D 530 32.80 20.10 12.67
C MET D 530 32.21 19.50 13.95
N GLY D 531 30.95 19.11 13.88
CA GLY D 531 30.34 18.37 14.99
C GLY D 531 29.28 17.43 14.47
N ASN D 532 28.77 16.58 15.37
CA ASN D 532 27.80 15.54 15.04
C ASN D 532 26.58 15.68 15.91
N PHE D 533 25.44 15.29 15.35
CA PHE D 533 24.22 15.07 16.13
C PHE D 533 23.43 13.90 15.58
N SER D 534 22.82 13.11 16.46
CA SER D 534 22.03 11.96 16.03
C SER D 534 20.56 12.25 16.09
N ILE D 535 19.80 11.57 15.24
CA ILE D 535 18.31 11.63 15.24
C ILE D 535 17.84 10.17 15.37
N PRO D 536 16.89 9.88 16.27
CA PRO D 536 16.43 8.52 16.48
C PRO D 536 15.77 7.91 15.26
N SER D 537 16.05 6.63 15.00
CA SER D 537 15.31 5.93 13.96
C SER D 537 13.96 5.42 14.52
N GLY D 538 13.10 4.96 13.64
CA GLY D 538 11.83 4.38 14.06
C GLY D 538 10.84 5.36 14.69
N ILE D 539 11.05 6.67 14.49
CA ILE D 539 10.10 7.71 14.92
C ILE D 539 9.42 8.21 13.64
N PRO D 540 8.11 7.95 13.46
CA PRO D 540 7.49 8.24 12.18
C PRO D 540 7.62 9.68 11.68
N ASP D 541 7.73 10.65 12.60
CA ASP D 541 7.83 12.06 12.16
C ASP D 541 9.18 12.73 12.37
N LEU D 542 10.24 11.91 12.45
CA LEU D 542 11.63 12.42 12.42
C LEU D 542 12.39 11.67 11.32
N PRO D 543 13.29 12.34 10.60
CA PRO D 543 13.74 13.73 10.80
C PRO D 543 12.70 14.69 10.29
N GLN D 544 12.77 15.93 10.77
CA GLN D 544 11.97 17.04 10.25
C GLN D 544 12.91 18.16 9.75
N ASP D 545 12.33 19.05 8.93
CA ASP D 545 12.95 20.28 8.48
C ASP D 545 13.37 21.09 9.71
N THR D 546 14.39 21.94 9.55
CA THR D 546 14.82 22.75 10.65
C THR D 546 15.50 24.00 10.09
N PHE D 547 15.92 24.89 10.99
CA PHE D 547 16.66 26.08 10.65
C PHE D 547 17.92 26.18 11.51
N ILE D 548 19.07 26.32 10.83
CA ILE D 548 20.35 26.41 11.51
C ILE D 548 20.71 27.87 11.73
N GLN D 549 21.16 28.18 12.94
CA GLN D 549 21.51 29.53 13.34
C GLN D 549 22.95 29.50 13.87
N PHE D 550 23.64 30.64 13.80
CA PHE D 550 25.06 30.69 14.07
C PHE D 550 25.43 31.78 15.08
N PRO D 551 24.77 31.78 16.27
CA PRO D 551 25.08 32.87 17.24
C PRO D 551 26.57 32.87 17.67
N GLY D 552 27.20 34.04 17.63
CA GLY D 552 28.64 34.16 17.95
C GLY D 552 29.59 34.01 16.77
N TRP D 553 29.10 33.45 15.64
CA TRP D 553 29.90 33.29 14.42
C TRP D 553 29.82 34.57 13.64
N THR D 554 30.46 34.65 12.46
CA THR D 554 30.52 35.95 11.75
C THR D 554 30.11 35.83 10.29
N LYS D 555 30.88 35.06 9.54
CA LYS D 555 30.60 34.85 8.12
C LYS D 555 31.27 33.58 7.63
N GLY D 556 30.52 32.76 6.90
CA GLY D 556 31.10 31.55 6.33
C GLY D 556 30.14 30.71 5.49
N GLN D 557 30.55 29.46 5.29
CA GLN D 557 29.81 28.47 4.53
C GLN D 557 29.43 27.31 5.46
N VAL D 558 28.28 26.68 5.21
CA VAL D 558 27.88 25.55 6.06
C VAL D 558 27.43 24.35 5.24
N TRP D 559 27.88 23.16 5.66
CA TRP D 559 27.45 21.89 5.06
C TRP D 559 26.85 21.02 6.11
N ILE D 560 25.82 20.25 5.77
CA ILE D 560 25.33 19.17 6.64
C ILE D 560 25.41 17.91 5.81
N ASN D 561 26.07 16.90 6.35
CA ASN D 561 26.31 15.65 5.61
C ASN D 561 26.88 15.83 4.21
N GLY D 562 27.78 16.81 4.08
CA GLY D 562 28.42 17.12 2.82
C GLY D 562 27.59 17.97 1.85
N PHE D 563 26.31 18.22 2.16
CA PHE D 563 25.42 19.07 1.29
C PHE D 563 25.62 20.51 1.70
N ASN D 564 25.99 21.36 0.72
CA ASN D 564 26.33 22.75 0.95
C ASN D 564 25.03 23.56 0.96
N LEU D 565 24.64 23.99 2.16
CA LEU D 565 23.38 24.70 2.41
C LEU D 565 23.45 26.16 2.09
N GLY D 566 24.67 26.69 1.92
CA GLY D 566 24.84 28.09 1.55
C GLY D 566 25.72 28.87 2.48
N ARG D 567 25.49 30.17 2.47
CA ARG D 567 26.34 31.10 3.15
C ARG D 567 25.60 31.67 4.34
N TYR D 568 26.29 31.76 5.48
CA TYR D 568 25.75 32.51 6.64
C TYR D 568 26.51 33.81 6.87
N TRP D 569 25.79 34.79 7.40
CA TRP D 569 26.35 36.12 7.68
C TRP D 569 25.53 36.85 8.72
N PRO D 570 25.44 36.28 9.94
CA PRO D 570 24.68 36.95 11.01
C PRO D 570 25.28 38.32 11.40
N ALA D 571 26.54 38.58 11.03
CA ALA D 571 27.15 39.89 11.25
C ALA D 571 26.52 41.02 10.42
N ARG D 572 25.94 40.68 9.26
CA ARG D 572 25.41 41.66 8.32
C ARG D 572 23.87 41.60 8.21
N GLY D 573 23.30 40.40 8.38
CA GLY D 573 21.87 40.21 8.15
C GLY D 573 21.43 40.54 6.71
N PRO D 574 20.10 40.54 6.45
CA PRO D 574 18.99 40.31 7.38
C PRO D 574 18.73 38.82 7.73
N GLN D 575 19.26 37.91 6.91
CA GLN D 575 19.11 36.49 7.12
C GLN D 575 20.02 36.01 8.24
N LEU D 576 19.41 35.42 9.25
CA LEU D 576 20.16 34.84 10.36
C LEU D 576 20.15 33.31 10.25
N THR D 577 18.99 32.73 9.94
CA THR D 577 18.90 31.28 9.82
C THR D 577 18.97 30.78 8.38
N LEU D 578 19.45 29.57 8.25
CA LEU D 578 19.43 28.88 6.97
C LEU D 578 18.47 27.69 7.07
N PHE D 579 17.68 27.51 6.02
CA PHE D 579 16.79 26.36 5.85
C PHE D 579 17.55 25.04 5.61
N VAL D 580 17.15 24.04 6.38
CA VAL D 580 17.70 22.70 6.28
C VAL D 580 16.54 21.73 5.92
N PRO D 581 16.50 21.21 4.66
CA PRO D 581 15.45 20.24 4.35
C PRO D 581 15.70 18.90 5.01
N GLN D 582 14.63 18.24 5.48
CA GLN D 582 14.82 17.00 6.28
C GLN D 582 15.47 15.82 5.53
N HIS D 583 15.34 15.76 4.20
CA HIS D 583 15.77 14.54 3.47
C HIS D 583 17.29 14.34 3.45
N ILE D 584 18.06 15.39 3.81
CA ILE D 584 19.53 15.25 3.92
C ILE D 584 20.00 14.80 5.31
N LEU D 585 19.04 14.74 6.24
CA LEU D 585 19.31 14.30 7.60
C LEU D 585 19.02 12.80 7.70
N MET D 586 19.86 12.09 8.45
N MET D 586 19.86 12.10 8.46
CA MET D 586 19.70 10.65 8.57
CA MET D 586 19.72 10.65 8.57
C MET D 586 19.53 10.22 10.02
C MET D 586 19.56 10.23 10.03
N THR D 587 19.21 8.95 10.22
CA THR D 587 18.97 8.37 11.54
C THR D 587 19.78 7.07 11.70
N SER D 588 20.44 6.66 10.63
N SER D 588 20.45 6.64 10.64
CA SER D 588 21.21 5.41 10.58
CA SER D 588 21.20 5.37 10.68
C SER D 588 22.66 5.56 11.05
C SER D 588 22.65 5.56 11.13
N ALA D 589 23.14 6.79 11.04
CA ALA D 589 24.49 7.14 11.45
C ALA D 589 24.45 8.61 11.86
N PRO D 590 25.48 9.09 12.60
CA PRO D 590 25.36 10.48 13.02
C PRO D 590 25.39 11.47 11.85
N ASN D 591 24.64 12.55 12.00
CA ASN D 591 24.71 13.68 11.08
C ASN D 591 25.91 14.53 11.40
N THR D 592 26.61 14.99 10.36
N THR D 592 26.58 15.03 10.36
CA THR D 592 27.77 15.84 10.55
CA THR D 592 27.82 15.80 10.53
C THR D 592 27.34 17.24 10.15
C THR D 592 27.59 17.23 10.02
N ILE D 593 27.89 18.24 10.85
CA ILE D 593 27.77 19.67 10.45
C ILE D 593 29.17 20.19 10.29
N THR D 594 29.48 20.81 9.15
CA THR D 594 30.81 21.42 8.96
C THR D 594 30.60 22.90 8.66
N VAL D 595 31.35 23.76 9.34
CA VAL D 595 31.30 25.17 9.11
C VAL D 595 32.69 25.63 8.67
N LEU D 596 32.73 26.38 7.56
CA LEU D 596 33.91 27.18 7.24
C LEU D 596 33.71 28.63 7.73
N GLU D 597 34.38 28.99 8.83
CA GLU D 597 34.23 30.34 9.34
C GLU D 597 35.37 31.19 8.81
N LEU D 598 35.03 32.36 8.29
CA LEU D 598 35.98 33.19 7.54
C LEU D 598 36.62 34.34 8.30
N GLU D 599 35.91 34.87 9.29
CA GLU D 599 36.33 36.08 9.97
C GLU D 599 36.63 35.88 11.45
N TRP D 600 35.65 35.37 12.19
CA TRP D 600 35.79 35.20 13.64
C TRP D 600 34.90 34.09 14.17
N ALA D 601 35.53 33.12 14.81
CA ALA D 601 34.85 31.94 15.37
C ALA D 601 34.81 32.04 16.90
N PRO D 602 33.67 31.68 17.53
CA PRO D 602 33.50 31.73 18.99
C PRO D 602 34.09 30.48 19.65
N CYS D 603 35.37 30.21 19.37
CA CYS D 603 35.93 28.89 19.63
C CYS D 603 37.33 28.95 20.25
N SER D 604 37.82 30.15 20.52
CA SER D 604 39.13 30.30 21.14
C SER D 604 38.97 30.41 22.65
N SER D 605 37.74 30.67 23.08
CA SER D 605 37.39 30.71 24.50
C SER D 605 37.63 29.35 25.18
N ASP D 606 37.67 29.38 26.51
CA ASP D 606 37.85 28.16 27.29
C ASP D 606 36.51 27.45 27.49
N ASP D 607 35.43 28.04 26.98
CA ASP D 607 34.12 27.40 27.02
C ASP D 607 33.79 26.75 25.68
N PRO D 608 33.80 25.41 25.63
CA PRO D 608 33.55 24.64 24.41
C PRO D 608 32.11 24.77 23.94
N GLU D 609 31.21 25.05 24.89
CA GLU D 609 29.78 25.23 24.60
C GLU D 609 29.48 26.48 23.78
N LEU D 610 30.45 27.39 23.71
CA LEU D 610 30.34 28.57 22.86
C LEU D 610 30.61 28.25 21.37
N CYS D 611 31.50 27.30 21.13
CA CYS D 611 31.81 26.84 19.77
C CYS D 611 30.72 25.87 19.32
N ALA D 612 29.61 26.46 18.85
CA ALA D 612 28.37 25.71 18.69
C ALA D 612 27.40 26.38 17.72
N VAL D 613 26.58 25.56 17.05
CA VAL D 613 25.47 26.04 16.22
C VAL D 613 24.15 25.62 16.89
N THR D 614 23.04 26.27 16.50
CA THR D 614 21.74 25.91 17.07
C THR D 614 20.72 25.68 15.95
N PHE D 615 19.92 24.64 16.12
CA PHE D 615 18.80 24.37 15.23
C PHE D 615 17.52 24.79 15.92
N VAL D 616 16.77 25.64 15.24
CA VAL D 616 15.52 26.23 15.73
C VAL D 616 14.37 25.86 14.78
N ASP D 617 13.13 26.02 15.24
CA ASP D 617 11.99 25.59 14.44
C ASP D 617 11.27 26.74 13.72
N ARG D 618 11.84 27.93 13.78
CA ARG D 618 11.29 29.09 13.03
C ARG D 618 12.43 29.84 12.34
N PRO D 619 12.18 30.29 11.11
CA PRO D 619 13.25 30.99 10.40
C PRO D 619 13.34 32.43 10.90
N VAL D 620 14.54 33.01 10.84
CA VAL D 620 14.74 34.45 11.05
C VAL D 620 15.43 34.98 9.78
N ILE D 621 14.65 35.54 8.86
CA ILE D 621 15.19 36.07 7.59
C ILE D 621 15.05 37.58 7.48
N GLY D 622 14.43 38.20 8.48
CA GLY D 622 14.14 39.63 8.44
C GLY D 622 14.65 40.37 9.64
N SER D 623 15.84 39.99 10.08
CA SER D 623 16.48 40.66 11.21
C SER D 623 16.86 42.10 10.84
N SER D 624 16.80 42.99 11.82
CA SER D 624 17.09 44.41 11.61
C SER D 624 18.59 44.69 11.60
#